data_2O26
#
_entry.id   2O26
#
_cell.length_a   76.849
_cell.length_b   200.154
_cell.length_c   82.023
_cell.angle_alpha   90.00
_cell.angle_beta   91.42
_cell.angle_gamma   90.00
#
_symmetry.space_group_name_H-M   'P 1 21 1'
#
loop_
_entity.id
_entity.type
_entity.pdbx_description
1 polymer 'Kit ligand'
2 polymer 'Mast/stem cell growth factor receptor'
3 branched 2-acetamido-2-deoxy-beta-D-glucopyranose-(1-4)-[beta-L-fucopyranose-(1-6)]2-acetamido-2-deoxy-beta-D-glucopyranose
4 branched alpha-D-mannopyranose-(1-4)-2-acetamido-2-deoxy-beta-D-glucopyranose-(1-4)-2-acetamido-2-deoxy-beta-D-glucopyranose
5 water water
#
loop_
_entity_poly.entity_id
_entity_poly.type
_entity_poly.pdbx_seq_one_letter_code
_entity_poly.pdbx_strand_id
1 'polypeptide(L)'
;ICGNPVTDNVKDITKLVANLPNDYMITLNYVAGMDVLPSHCWLRDMVIQLSLSLTTLLDKFSNISEGLSNYSIIDKLGKI
VDDLVLCMEENAPKNIKESPKRPETRSFTPEEFFSIFNRSIDAFKDFMVASDTSDCVLSHHHHHH
;
A,B,E,F
2 'polypeptide(L)'
;SQPSASPGEPSPPSIHPAQSELIVEAGDTLSLTCIDPDFVRWTFKTYFNEMVENKKNEWIQEKAEATRTGTYTCSNSNGL
TSSIYVFVRDPAKLFLVGLPLFGKEDSDALVRCPLTDPQVSQYSLIECDGKSLPTDLTFVPNPKAGITIKNVKRAYHRLC
VRCAAQRDGTWLHSDKFTLKVREAIKAIPVVSVPETSHLLKKGDTFTVVCTIKDVSTSVNSMWLKMNPQPQHIAQVKHNS
WHRGDFNYERQETLTISSARVDDSGVFMCYANNTFGSANVTTTLKVVEKG
;
X,Y,U,W
#
loop_
_chem_comp.id
_chem_comp.type
_chem_comp.name
_chem_comp.formula
FUL L-saccharide, beta linking beta-L-fucopyranose 'C6 H12 O5'
MAN D-saccharide, alpha linking alpha-D-mannopyranose 'C6 H12 O6'
NAG D-saccharide, beta linking 2-acetamido-2-deoxy-beta-D-glucopyranose 'C8 H15 N O6'
#
# COMPACT_ATOMS: atom_id res chain seq x y z
N ILE A 1 4.72 21.99 -31.15
CA ILE A 1 5.90 21.39 -30.46
C ILE A 1 5.68 21.35 -28.96
N CYS A 2 4.47 21.71 -28.53
CA CYS A 2 4.11 21.73 -27.11
C CYS A 2 2.90 20.81 -26.85
N GLY A 3 3.11 19.81 -25.99
CA GLY A 3 2.06 18.87 -25.67
C GLY A 3 1.11 19.33 -24.59
N ASN A 4 0.95 18.53 -23.56
CA ASN A 4 0.08 18.87 -22.44
C ASN A 4 0.93 18.99 -21.18
N PRO A 5 1.47 20.20 -20.92
CA PRO A 5 2.33 20.56 -19.79
C PRO A 5 1.71 20.36 -18.43
N VAL A 6 0.51 20.91 -18.25
CA VAL A 6 -0.21 20.84 -16.99
C VAL A 6 -0.78 19.45 -16.68
N THR A 7 -0.49 18.96 -15.48
CA THR A 7 -0.93 17.63 -15.07
C THR A 7 -1.75 17.72 -13.80
N ASP A 8 -2.21 16.56 -13.30
CA ASP A 8 -3.01 16.52 -12.08
C ASP A 8 -2.16 16.72 -10.83
N ASN A 9 -0.86 16.90 -11.04
CA ASN A 9 0.04 17.11 -9.91
C ASN A 9 -0.25 18.45 -9.23
N VAL A 10 -0.92 19.34 -9.95
CA VAL A 10 -1.29 20.64 -9.38
C VAL A 10 -2.35 20.49 -8.30
N LYS A 11 -2.97 19.32 -8.22
CA LYS A 11 -4.01 19.09 -7.21
C LYS A 11 -3.41 18.85 -5.85
N ASP A 12 -2.09 18.64 -5.81
CA ASP A 12 -1.41 18.40 -4.53
C ASP A 12 -0.91 19.69 -3.87
N ILE A 13 -1.20 20.83 -4.47
CA ILE A 13 -0.76 22.09 -3.89
C ILE A 13 -1.37 22.34 -2.49
N THR A 14 -2.68 22.14 -2.36
CA THR A 14 -3.31 22.37 -1.07
C THR A 14 -2.58 21.57 0.01
N LYS A 15 -2.32 20.30 -0.28
CA LYS A 15 -1.64 19.43 0.67
C LYS A 15 -0.26 20.02 0.96
N LEU A 16 0.48 20.32 -0.11
CA LEU A 16 1.84 20.87 -0.01
C LEU A 16 1.89 22.11 0.89
N VAL A 17 0.99 23.07 0.63
CA VAL A 17 0.96 24.30 1.41
C VAL A 17 0.71 24.02 2.89
N ALA A 18 -0.23 23.12 3.17
CA ALA A 18 -0.56 22.79 4.55
C ALA A 18 0.62 22.09 5.23
N ASN A 19 1.54 21.61 4.40
CA ASN A 19 2.70 20.90 4.92
C ASN A 19 3.95 21.77 4.91
N LEU A 20 3.78 23.07 4.66
CA LEU A 20 4.90 24.01 4.67
C LEU A 20 4.61 25.13 5.67
N PRO A 21 5.63 25.59 6.41
CA PRO A 21 5.44 26.65 7.40
C PRO A 21 4.82 27.88 6.77
N ASN A 22 3.75 28.38 7.37
CA ASN A 22 3.08 29.56 6.81
C ASN A 22 3.88 30.85 6.95
N ASP A 23 5.02 30.78 7.61
CA ASP A 23 5.86 31.95 7.78
C ASP A 23 7.19 31.76 7.06
N TYR A 24 7.25 30.75 6.18
CA TYR A 24 8.46 30.47 5.42
C TYR A 24 8.40 31.30 4.14
N MET A 25 9.42 32.11 3.90
CA MET A 25 9.43 32.98 2.72
C MET A 25 10.11 32.38 1.52
N ILE A 26 9.38 32.33 0.42
CA ILE A 26 9.93 31.81 -0.83
C ILE A 26 10.26 33.00 -1.71
N THR A 27 11.52 33.07 -2.15
CA THR A 27 11.97 34.17 -3.00
C THR A 27 11.49 34.00 -4.44
N LEU A 28 10.90 35.04 -5.01
CA LEU A 28 10.43 34.98 -6.37
C LEU A 28 10.53 36.38 -6.96
N ASN A 29 11.24 36.53 -8.08
CA ASN A 29 11.35 37.84 -8.70
C ASN A 29 10.00 38.08 -9.34
N TYR A 30 9.27 39.01 -8.73
CA TYR A 30 7.93 39.38 -9.13
C TYR A 30 7.92 40.44 -10.21
N VAL A 31 7.07 40.22 -11.21
CA VAL A 31 6.91 41.18 -12.29
C VAL A 31 5.90 42.22 -11.82
N ALA A 32 6.37 43.45 -11.63
CA ALA A 32 5.50 44.53 -11.18
C ALA A 32 4.26 44.64 -12.06
N GLY A 33 3.08 44.67 -11.44
CA GLY A 33 1.86 44.79 -12.20
C GLY A 33 1.48 43.47 -12.84
N MET A 34 1.17 42.49 -12.01
CA MET A 34 0.78 41.18 -12.49
C MET A 34 -0.71 40.97 -12.30
N ASP A 35 -1.26 41.55 -11.24
CA ASP A 35 -2.67 41.42 -10.92
C ASP A 35 -3.57 42.22 -11.85
N VAL A 36 -3.07 43.36 -12.30
CA VAL A 36 -3.84 44.23 -13.18
C VAL A 36 -3.68 43.95 -14.67
N LEU A 37 -2.44 43.88 -15.14
CA LEU A 37 -2.20 43.64 -16.56
C LEU A 37 -2.69 42.26 -17.03
N PRO A 38 -3.02 42.15 -18.32
CA PRO A 38 -3.49 40.88 -18.90
C PRO A 38 -2.36 39.84 -18.95
N SER A 39 -2.75 38.57 -19.01
CA SER A 39 -1.82 37.45 -19.04
C SER A 39 -0.56 37.62 -19.89
N HIS A 40 -0.75 37.80 -21.20
CA HIS A 40 0.39 37.90 -22.11
C HIS A 40 1.48 38.90 -21.74
N CYS A 41 1.16 39.90 -20.92
CA CYS A 41 2.17 40.89 -20.54
C CYS A 41 3.23 40.37 -19.59
N TRP A 42 2.85 39.44 -18.72
CA TRP A 42 3.79 38.91 -17.75
C TRP A 42 3.95 37.40 -17.74
N LEU A 43 3.01 36.68 -18.33
CA LEU A 43 3.07 35.24 -18.34
C LEU A 43 4.46 34.67 -18.63
N ARG A 44 5.00 34.93 -19.81
CA ARG A 44 6.32 34.39 -20.14
C ARG A 44 7.36 34.67 -19.06
N ASP A 45 7.41 35.90 -18.58
CA ASP A 45 8.37 36.29 -17.56
C ASP A 45 8.14 35.56 -16.25
N MET A 46 6.90 35.47 -15.81
CA MET A 46 6.61 34.80 -14.55
C MET A 46 6.92 33.33 -14.56
N VAL A 47 6.62 32.67 -15.68
CA VAL A 47 6.87 31.26 -15.80
C VAL A 47 8.37 31.02 -15.65
N ILE A 48 9.18 31.88 -16.22
CA ILE A 48 10.62 31.72 -16.11
C ILE A 48 11.01 31.83 -14.64
N GLN A 49 10.46 32.84 -13.97
CA GLN A 49 10.74 33.08 -12.57
C GLN A 49 10.27 31.96 -11.64
N LEU A 50 9.12 31.38 -11.94
CA LEU A 50 8.61 30.29 -11.13
C LEU A 50 9.54 29.08 -11.30
N SER A 51 10.00 28.88 -12.53
CA SER A 51 10.92 27.79 -12.86
C SER A 51 12.18 27.93 -11.99
N LEU A 52 12.72 29.14 -11.93
CA LEU A 52 13.91 29.37 -11.13
C LEU A 52 13.61 29.14 -9.66
N SER A 53 12.52 29.74 -9.17
CA SER A 53 12.15 29.59 -7.75
C SER A 53 11.86 28.16 -7.32
N LEU A 54 11.16 27.39 -8.15
CA LEU A 54 10.84 26.01 -7.78
C LEU A 54 12.11 25.16 -7.82
N THR A 55 13.06 25.55 -8.65
CA THR A 55 14.31 24.82 -8.72
C THR A 55 15.05 25.02 -7.40
N THR A 56 15.11 26.27 -6.96
CA THR A 56 15.78 26.60 -5.71
C THR A 56 15.02 25.98 -4.55
N LEU A 57 13.69 26.02 -4.64
CA LEU A 57 12.87 25.48 -3.57
C LEU A 57 13.18 24.00 -3.33
N LEU A 58 13.25 23.23 -4.42
CA LEU A 58 13.50 21.81 -4.32
C LEU A 58 14.81 21.52 -3.62
N ASP A 59 15.77 22.41 -3.78
CA ASP A 59 17.10 22.23 -3.20
C ASP A 59 17.05 22.17 -1.67
N LYS A 60 15.97 22.70 -1.12
CA LYS A 60 15.77 22.76 0.32
C LYS A 60 15.22 21.50 0.97
N PHE A 61 14.89 20.51 0.14
CA PHE A 61 14.34 19.24 0.64
C PHE A 61 15.14 18.03 0.21
N SER A 62 14.82 16.89 0.83
CA SER A 62 15.49 15.62 0.55
C SER A 62 14.44 14.59 0.18
N ASN A 63 14.79 13.64 -0.69
CA ASN A 63 13.85 12.60 -1.09
C ASN A 63 13.89 11.49 -0.05
N ILE A 64 12.80 11.35 0.71
CA ILE A 64 12.65 10.36 1.79
C ILE A 64 12.17 8.98 1.30
N SER A 65 10.87 8.85 1.03
CA SER A 65 10.33 7.57 0.58
C SER A 65 9.21 7.72 -0.45
N GLU A 66 8.34 6.72 -0.50
CA GLU A 66 7.22 6.70 -1.44
C GLU A 66 6.19 7.76 -1.07
N GLY A 67 5.82 7.82 0.20
CA GLY A 67 4.83 8.79 0.66
C GLY A 67 4.99 10.17 0.08
N LEU A 68 3.87 10.79 -0.30
CA LEU A 68 3.88 12.13 -0.87
C LEU A 68 4.60 13.13 0.03
N SER A 69 5.86 13.34 -0.28
CA SER A 69 6.72 14.25 0.45
C SER A 69 6.69 15.61 -0.22
N ASN A 70 7.16 16.64 0.47
CA ASN A 70 7.20 17.95 -0.13
C ASN A 70 8.16 17.88 -1.33
N TYR A 71 9.24 17.13 -1.20
CA TYR A 71 10.19 17.03 -2.30
C TYR A 71 9.47 16.54 -3.54
N SER A 72 8.74 15.43 -3.39
CA SER A 72 7.99 14.86 -4.51
C SER A 72 7.14 15.90 -5.23
N ILE A 73 6.21 16.51 -4.51
CA ILE A 73 5.31 17.50 -5.11
C ILE A 73 6.07 18.62 -5.81
N ILE A 74 6.94 19.31 -5.07
CA ILE A 74 7.74 20.40 -5.63
C ILE A 74 8.48 19.99 -6.88
N ASP A 75 9.02 18.78 -6.88
CA ASP A 75 9.72 18.28 -8.05
C ASP A 75 8.77 18.36 -9.24
N LYS A 76 7.63 17.68 -9.12
CA LYS A 76 6.67 17.63 -10.21
C LYS A 76 6.13 18.99 -10.64
N LEU A 77 5.91 19.89 -9.69
CA LEU A 77 5.40 21.22 -10.02
C LEU A 77 6.45 21.97 -10.80
N GLY A 78 7.72 21.61 -10.57
CA GLY A 78 8.80 22.24 -11.30
C GLY A 78 8.78 21.76 -12.74
N LYS A 79 8.52 20.47 -12.92
CA LYS A 79 8.48 19.89 -14.25
C LYS A 79 7.47 20.66 -15.08
N ILE A 80 6.27 20.85 -14.51
CA ILE A 80 5.20 21.56 -15.20
C ILE A 80 5.63 22.93 -15.70
N VAL A 81 6.15 23.74 -14.78
CA VAL A 81 6.55 25.09 -15.13
C VAL A 81 7.75 25.10 -16.08
N ASP A 82 8.58 24.06 -16.02
CA ASP A 82 9.73 23.99 -16.91
C ASP A 82 9.24 23.82 -18.33
N ASP A 83 8.25 22.94 -18.52
CA ASP A 83 7.69 22.71 -19.84
C ASP A 83 7.04 23.99 -20.33
N LEU A 84 6.44 24.75 -19.43
CA LEU A 84 5.80 26.00 -19.84
C LEU A 84 6.80 27.02 -20.35
N VAL A 85 8.02 26.97 -19.84
CA VAL A 85 9.03 27.91 -20.31
C VAL A 85 9.38 27.63 -21.76
N LEU A 86 9.37 26.37 -22.14
CA LEU A 86 9.68 25.99 -23.51
C LEU A 86 8.46 26.22 -24.40
N CYS A 87 7.28 26.07 -23.81
CA CYS A 87 6.03 26.26 -24.53
C CYS A 87 5.76 27.76 -24.73
N MET A 88 6.52 28.60 -24.04
CA MET A 88 6.38 30.04 -24.15
C MET A 88 7.54 30.55 -24.99
N GLU A 89 8.46 29.64 -25.29
CA GLU A 89 9.64 29.96 -26.08
C GLU A 89 9.25 29.97 -27.54
N GLU A 90 8.41 29.01 -27.94
CA GLU A 90 7.96 28.91 -29.32
C GLU A 90 7.02 30.06 -29.72
N ASN A 91 6.36 30.65 -28.72
CA ASN A 91 5.45 31.75 -28.99
C ASN A 91 6.09 33.09 -28.65
N ALA A 92 7.39 33.06 -28.37
CA ALA A 92 8.13 34.28 -28.03
C ALA A 92 8.19 35.19 -29.25
N PRO A 93 7.73 36.44 -29.12
CA PRO A 93 7.72 37.43 -30.20
C PRO A 93 9.12 37.91 -30.61
N LYS A 94 9.21 38.50 -31.79
CA LYS A 94 10.47 39.04 -32.29
C LYS A 94 10.61 40.45 -31.71
N ASN A 95 11.34 40.54 -30.62
CA ASN A 95 11.57 41.78 -29.89
C ASN A 95 12.23 42.95 -30.61
N ILE A 96 11.65 44.13 -30.39
CA ILE A 96 12.14 45.37 -30.97
C ILE A 96 11.91 46.47 -29.94
N LYS A 97 12.99 47.18 -29.61
CA LYS A 97 12.97 48.26 -28.62
C LYS A 97 11.99 48.10 -27.46
N GLU A 98 12.36 47.26 -26.50
CA GLU A 98 11.60 46.97 -25.28
C GLU A 98 12.55 46.57 -24.15
N SER A 99 12.64 47.41 -23.05
CA SER A 99 13.52 47.14 -21.86
C SER A 99 13.04 47.85 -20.60
N PRO A 100 11.77 47.60 -20.23
CA PRO A 100 11.28 48.30 -19.07
C PRO A 100 12.23 48.31 -17.91
N LYS A 101 12.14 47.27 -17.10
CA LYS A 101 12.99 47.18 -15.94
C LYS A 101 12.71 45.84 -15.27
N ARG A 102 13.75 45.00 -15.18
CA ARG A 102 13.66 43.67 -14.59
C ARG A 102 12.75 43.53 -13.37
N PRO A 103 12.25 42.31 -13.13
CA PRO A 103 11.36 41.92 -12.03
C PRO A 103 11.94 42.23 -10.65
N GLU A 104 11.09 42.72 -9.77
CA GLU A 104 11.47 43.07 -8.41
C GLU A 104 11.62 41.79 -7.58
N THR A 105 12.68 41.71 -6.77
CA THR A 105 12.91 40.54 -5.94
C THR A 105 12.05 40.59 -4.68
N ARG A 106 11.08 39.67 -4.60
CA ARG A 106 10.18 39.63 -3.46
C ARG A 106 10.12 38.25 -2.84
N SER A 107 9.64 38.20 -1.60
CA SER A 107 9.50 36.93 -0.89
C SER A 107 8.05 36.72 -0.49
N PHE A 108 7.53 35.51 -0.72
CA PHE A 108 6.16 35.21 -0.38
C PHE A 108 6.02 33.98 0.48
N THR A 109 4.86 33.86 1.12
CA THR A 109 4.59 32.70 1.95
C THR A 109 4.20 31.61 0.97
N PRO A 110 4.23 30.35 1.43
CA PRO A 110 3.85 29.24 0.53
C PRO A 110 2.48 29.51 -0.08
N GLU A 111 1.54 29.89 0.77
CA GLU A 111 0.18 30.19 0.35
C GLU A 111 0.21 31.20 -0.79
N GLU A 112 0.89 32.32 -0.57
CA GLU A 112 0.97 33.36 -1.57
C GLU A 112 1.70 32.89 -2.81
N PHE A 113 2.84 32.25 -2.61
CA PHE A 113 3.65 31.77 -3.73
C PHE A 113 2.89 30.85 -4.68
N PHE A 114 2.11 29.93 -4.14
CA PHE A 114 1.40 29.04 -5.04
C PHE A 114 0.13 29.64 -5.59
N SER A 115 -0.30 30.74 -4.99
CA SER A 115 -1.50 31.40 -5.48
C SER A 115 -1.03 31.96 -6.82
N ILE A 116 0.20 32.47 -6.82
CA ILE A 116 0.81 33.05 -8.01
C ILE A 116 1.07 31.96 -9.03
N PHE A 117 1.40 30.76 -8.53
CA PHE A 117 1.65 29.62 -9.39
C PHE A 117 0.35 29.28 -10.11
N ASN A 118 -0.70 29.07 -9.34
CA ASN A 118 -1.99 28.74 -9.91
C ASN A 118 -2.46 29.78 -10.91
N ARG A 119 -2.36 31.06 -10.58
CA ARG A 119 -2.81 32.07 -11.53
C ARG A 119 -2.05 31.88 -12.83
N SER A 120 -0.75 31.64 -12.74
CA SER A 120 0.06 31.46 -13.94
C SER A 120 -0.43 30.26 -14.75
N ILE A 121 -0.84 29.20 -14.08
CA ILE A 121 -1.34 28.03 -14.78
C ILE A 121 -2.63 28.37 -15.49
N ASP A 122 -3.51 29.05 -14.78
CA ASP A 122 -4.79 29.42 -15.37
C ASP A 122 -4.57 30.36 -16.53
N ALA A 123 -3.71 31.35 -16.34
CA ALA A 123 -3.41 32.34 -17.38
C ALA A 123 -2.80 31.69 -18.60
N PHE A 124 -2.31 30.47 -18.46
CA PHE A 124 -1.71 29.78 -19.59
C PHE A 124 -2.80 28.99 -20.31
N LYS A 125 -3.75 28.48 -19.53
CA LYS A 125 -4.84 27.70 -20.10
C LYS A 125 -5.68 28.52 -21.06
N ASP A 126 -6.00 29.76 -20.67
CA ASP A 126 -6.80 30.62 -21.53
C ASP A 126 -5.94 31.57 -22.36
N PHE A 127 -4.65 31.24 -22.46
CA PHE A 127 -3.73 32.04 -23.25
C PHE A 127 -3.90 31.57 -24.69
N MET A 128 -4.15 30.26 -24.83
CA MET A 128 -4.33 29.64 -26.14
C MET A 128 -5.71 30.05 -26.66
N VAL A 129 -5.78 30.42 -27.93
CA VAL A 129 -7.05 30.82 -28.53
C VAL A 129 -7.69 31.88 -27.66
N ALA A 130 -7.03 33.03 -27.55
CA ALA A 130 -7.55 34.12 -26.78
C ALA A 130 -7.05 35.39 -27.41
N SER A 131 -7.87 36.42 -27.37
CA SER A 131 -7.51 37.70 -27.95
C SER A 131 -6.60 38.41 -26.91
N ASP A 132 -5.38 38.74 -27.32
CA ASP A 132 -4.42 39.40 -26.42
C ASP A 132 -4.03 40.73 -27.04
N THR A 133 -5.11 41.41 -27.43
CA THR A 133 -5.14 42.74 -28.04
C THR A 133 -5.18 43.76 -26.89
N SER A 134 -5.48 43.31 -25.68
CA SER A 134 -5.52 44.24 -24.54
C SER A 134 -4.14 44.83 -24.36
N ASP A 135 -4.06 46.09 -23.91
CA ASP A 135 -2.77 46.75 -23.74
C ASP A 135 -2.10 46.43 -22.40
N CYS A 136 -0.79 46.66 -22.34
CA CYS A 136 -0.02 46.42 -21.12
C CYS A 136 0.22 47.78 -20.47
N VAL A 137 -0.86 48.53 -20.27
CA VAL A 137 -0.77 49.84 -19.66
C VAL A 137 -1.33 49.78 -18.24
N LEU A 138 -0.54 50.23 -17.27
CA LEU A 138 -0.96 50.22 -15.88
C LEU A 138 -2.16 51.11 -15.60
N SER A 139 -2.24 52.23 -16.30
CA SER A 139 -3.33 53.19 -16.12
C SER A 139 -4.71 52.55 -16.14
N HIS A 140 -4.83 51.40 -16.78
CA HIS A 140 -6.12 50.71 -16.86
C HIS A 140 -6.19 49.75 -15.67
N HIS A 141 -6.06 50.35 -14.50
CA HIS A 141 -6.08 49.66 -13.21
C HIS A 141 -7.46 49.42 -12.62
N HIS A 142 -8.49 49.91 -13.31
CA HIS A 142 -9.84 49.71 -12.85
C HIS A 142 -10.22 48.29 -13.24
N HIS A 143 -9.19 47.45 -13.34
CA HIS A 143 -9.28 46.04 -13.72
C HIS A 143 -9.63 45.82 -15.21
N HIS A 144 -8.70 45.19 -15.93
CA HIS A 144 -8.88 44.89 -17.33
C HIS A 144 -8.04 43.70 -17.74
N ILE B 1 4.90 9.59 39.72
CA ILE B 1 3.81 10.34 39.06
C ILE B 1 4.11 10.56 37.58
N CYS B 2 5.19 9.93 37.10
CA CYS B 2 5.61 10.04 35.70
C CYS B 2 5.66 8.66 35.05
N GLY B 3 4.87 8.48 34.00
CA GLY B 3 4.81 7.20 33.30
C GLY B 3 5.91 7.02 32.26
N ASN B 4 5.51 6.72 31.03
CA ASN B 4 6.46 6.53 29.93
C ASN B 4 6.19 7.61 28.88
N PRO B 5 6.84 8.79 29.04
CA PRO B 5 6.74 9.96 28.17
C PRO B 5 7.14 9.72 26.73
N VAL B 6 8.32 9.14 26.55
CA VAL B 6 8.87 8.87 25.22
C VAL B 6 8.16 7.74 24.49
N THR B 7 7.75 8.00 23.25
CA THR B 7 7.05 7.03 22.44
C THR B 7 7.76 6.79 21.12
N ASP B 8 7.22 5.91 20.29
CA ASP B 8 7.83 5.59 19.00
C ASP B 8 7.66 6.71 17.98
N ASN B 9 6.97 7.76 18.39
CA ASN B 9 6.75 8.89 17.50
C ASN B 9 8.07 9.60 17.19
N VAL B 10 9.09 9.37 17.99
CA VAL B 10 10.39 10.00 17.75
C VAL B 10 11.07 9.38 16.55
N LYS B 11 10.55 8.26 16.08
CA LYS B 11 11.13 7.59 14.92
C LYS B 11 10.77 8.28 13.62
N ASP B 12 9.79 9.19 13.69
CA ASP B 12 9.35 9.93 12.51
C ASP B 12 10.12 11.22 12.29
N ILE B 13 11.13 11.47 13.11
CA ILE B 13 11.92 12.68 12.99
C ILE B 13 12.67 12.73 11.65
N THR B 14 13.33 11.63 11.29
CA THR B 14 14.07 11.61 10.03
C THR B 14 13.15 12.01 8.87
N LYS B 15 11.95 11.45 8.85
CA LYS B 15 10.98 11.75 7.81
C LYS B 15 10.62 13.24 7.89
N LEU B 16 10.29 13.70 9.10
CA LEU B 16 9.91 15.10 9.32
C LEU B 16 10.98 16.08 8.79
N VAL B 17 12.23 15.85 9.19
CA VAL B 17 13.31 16.72 8.77
C VAL B 17 13.43 16.76 7.26
N ALA B 18 13.38 15.60 6.62
CA ALA B 18 13.49 15.54 5.16
C ALA B 18 12.30 16.26 4.51
N ASN B 19 11.25 16.47 5.30
CA ASN B 19 10.06 17.12 4.77
C ASN B 19 9.96 18.59 5.20
N LEU B 20 11.05 19.11 5.76
CA LEU B 20 11.12 20.53 6.15
C LEU B 20 12.30 21.18 5.44
N PRO B 21 12.14 22.44 5.00
CA PRO B 21 13.20 23.16 4.30
C PRO B 21 14.46 23.20 5.14
N ASN B 22 15.60 22.84 4.56
CA ASN B 22 16.84 22.80 5.32
C ASN B 22 17.39 24.17 5.67
N ASP B 23 16.73 25.20 5.18
CA ASP B 23 17.17 26.57 5.44
C ASP B 23 16.10 27.30 6.26
N TYR B 24 15.17 26.54 6.83
CA TYR B 24 14.11 27.14 7.63
C TYR B 24 14.61 27.19 9.05
N MET B 25 14.60 28.39 9.63
CA MET B 25 15.12 28.57 10.99
C MET B 25 14.07 28.48 12.07
N ILE B 26 14.34 27.58 13.01
CA ILE B 26 13.46 27.35 14.14
C ILE B 26 14.09 28.03 15.34
N THR B 27 13.34 28.93 15.96
CA THR B 27 13.79 29.69 17.13
C THR B 27 13.71 28.82 18.38
N LEU B 28 14.81 28.80 19.12
CA LEU B 28 14.89 28.02 20.34
C LEU B 28 15.85 28.73 21.30
N ASN B 29 15.38 29.07 22.51
CA ASN B 29 16.25 29.73 23.46
C ASN B 29 17.20 28.67 23.95
N TYR B 30 18.43 28.77 23.48
CA TYR B 30 19.47 27.81 23.79
C TYR B 30 20.17 28.10 25.11
N VAL B 31 20.39 27.05 25.89
CA VAL B 31 21.08 27.18 27.17
C VAL B 31 22.58 27.10 26.86
N ALA B 32 23.29 28.20 27.07
CA ALA B 32 24.73 28.24 26.82
C ALA B 32 25.46 27.11 27.52
N GLY B 33 26.28 26.38 26.78
CA GLY B 33 27.02 25.28 27.36
C GLY B 33 26.15 24.06 27.56
N MET B 34 25.66 23.49 26.46
CA MET B 34 24.80 22.32 26.52
C MET B 34 25.57 21.08 26.08
N ASP B 35 26.49 21.27 25.15
CA ASP B 35 27.28 20.18 24.61
C ASP B 35 28.33 19.67 25.59
N VAL B 36 28.86 20.58 26.40
CA VAL B 36 29.90 20.23 27.36
C VAL B 36 29.40 19.80 28.73
N LEU B 37 28.52 20.59 29.34
CA LEU B 37 27.99 20.26 30.66
C LEU B 37 27.15 18.99 30.67
N PRO B 38 27.08 18.32 31.83
CA PRO B 38 26.29 17.09 31.99
C PRO B 38 24.79 17.36 31.92
N SER B 39 24.03 16.32 31.58
CA SER B 39 22.58 16.41 31.42
C SER B 39 21.84 17.26 32.45
N HIS B 40 21.91 16.88 33.71
CA HIS B 40 21.18 17.59 34.77
C HIS B 40 21.35 19.10 34.84
N CYS B 41 22.42 19.63 34.28
CA CYS B 41 22.64 21.07 34.33
C CYS B 41 21.71 21.87 33.42
N TRP B 42 21.33 21.29 32.29
CA TRP B 42 20.47 21.99 31.35
C TRP B 42 19.18 21.27 30.97
N LEU B 43 19.12 19.97 31.21
CA LEU B 43 17.95 19.19 30.83
C LEU B 43 16.60 19.86 31.12
N ARG B 44 16.35 20.15 32.39
CA ARG B 44 15.07 20.76 32.74
C ARG B 44 14.82 22.03 31.93
N ASP B 45 15.83 22.88 31.82
CA ASP B 45 15.67 24.13 31.08
C ASP B 45 15.40 23.91 29.59
N MET B 46 16.14 23.00 28.98
CA MET B 46 15.97 22.74 27.56
C MET B 46 14.62 22.13 27.23
N VAL B 47 14.15 21.24 28.07
CA VAL B 47 12.88 20.60 27.84
C VAL B 47 11.79 21.66 27.83
N ILE B 48 11.91 22.65 28.71
CA ILE B 48 10.90 23.70 28.76
C ILE B 48 10.97 24.47 27.44
N GLN B 49 12.18 24.77 27.01
CA GLN B 49 12.37 25.53 25.77
C GLN B 49 11.89 24.77 24.54
N LEU B 50 12.13 23.49 24.49
CA LEU B 50 11.69 22.69 23.35
C LEU B 50 10.16 22.69 23.33
N SER B 51 9.56 22.58 24.51
CA SER B 51 8.11 22.60 24.65
C SER B 51 7.55 23.88 24.02
N LEU B 52 8.17 25.01 24.34
CA LEU B 52 7.72 26.28 23.83
C LEU B 52 7.90 26.31 22.31
N SER B 53 9.10 25.95 21.87
CA SER B 53 9.42 25.96 20.44
C SER B 53 8.53 25.04 19.59
N LEU B 54 8.25 23.84 20.08
CA LEU B 54 7.40 22.91 19.33
C LEU B 54 5.96 23.42 19.31
N THR B 55 5.57 24.13 20.35
CA THR B 55 4.24 24.68 20.37
C THR B 55 4.13 25.73 19.26
N THR B 56 5.11 26.61 19.19
CA THR B 56 5.13 27.66 18.19
C THR B 56 5.27 27.04 16.81
N LEU B 57 6.10 26.00 16.72
CA LEU B 57 6.31 25.33 15.43
C LEU B 57 4.99 24.82 14.87
N LEU B 58 4.24 24.11 15.70
CA LEU B 58 2.96 23.56 15.28
C LEU B 58 2.00 24.60 14.73
N ASP B 59 2.12 25.83 15.23
CA ASP B 59 1.24 26.91 14.81
C ASP B 59 1.45 27.22 13.33
N LYS B 60 2.60 26.86 12.80
CA LYS B 60 2.96 27.11 11.41
C LYS B 60 2.38 26.14 10.37
N PHE B 61 1.67 25.12 10.84
CA PHE B 61 1.09 24.11 9.97
C PHE B 61 -0.39 23.93 10.16
N SER B 62 -1.00 23.23 9.20
CA SER B 62 -2.45 22.96 9.22
C SER B 62 -2.66 21.45 9.16
N ASN B 63 -3.72 20.96 9.80
CA ASN B 63 -4.02 19.54 9.77
C ASN B 63 -4.79 19.23 8.49
N ILE B 64 -4.13 18.49 7.58
CA ILE B 64 -4.66 18.11 6.28
C ILE B 64 -5.51 16.83 6.30
N SER B 65 -4.86 15.67 6.33
CA SER B 65 -5.57 14.40 6.35
C SER B 65 -4.92 13.33 7.22
N GLU B 66 -5.18 12.08 6.89
CA GLU B 66 -4.64 10.94 7.62
C GLU B 66 -3.13 10.83 7.42
N GLY B 67 -2.70 10.92 6.16
CA GLY B 67 -1.28 10.81 5.84
C GLY B 67 -0.36 11.56 6.80
N LEU B 68 0.74 10.94 7.18
CA LEU B 68 1.71 11.54 8.09
C LEU B 68 2.18 12.91 7.59
N SER B 69 1.51 13.94 8.10
CA SER B 69 1.81 15.29 7.75
C SER B 69 2.80 15.84 8.77
N ASN B 70 3.41 16.98 8.45
CA ASN B 70 4.34 17.59 9.38
C ASN B 70 3.55 17.99 10.64
N TYR B 71 2.32 18.43 10.47
CA TYR B 71 1.52 18.83 11.61
C TYR B 71 1.39 17.65 12.57
N SER B 72 1.02 16.49 12.03
CA SER B 72 0.86 15.29 12.82
C SER B 72 2.10 15.02 13.68
N ILE B 73 3.24 14.82 13.03
CA ILE B 73 4.48 14.53 13.73
C ILE B 73 4.78 15.56 14.83
N ILE B 74 4.90 16.82 14.43
CA ILE B 74 5.20 17.91 15.35
C ILE B 74 4.27 17.90 16.55
N ASP B 75 2.99 17.65 16.29
CA ASP B 75 2.02 17.60 17.38
C ASP B 75 2.48 16.58 18.41
N LYS B 76 2.68 15.36 17.95
CA LYS B 76 3.08 14.29 18.84
C LYS B 76 4.42 14.49 19.52
N LEU B 77 5.37 15.11 18.81
CA LEU B 77 6.68 15.37 19.40
C LEU B 77 6.52 16.42 20.51
N GLY B 78 5.50 17.26 20.37
CA GLY B 78 5.24 18.25 21.39
C GLY B 78 4.68 17.58 22.63
N LYS B 79 3.79 16.61 22.42
CA LYS B 79 3.20 15.88 23.53
C LYS B 79 4.33 15.32 24.38
N ILE B 80 5.27 14.64 23.73
CA ILE B 80 6.38 14.01 24.44
C ILE B 80 7.11 14.98 25.33
N VAL B 81 7.58 16.06 24.73
CA VAL B 81 8.35 17.06 25.49
C VAL B 81 7.49 17.76 26.56
N ASP B 82 6.18 17.81 26.35
CA ASP B 82 5.31 18.44 27.34
C ASP B 82 5.30 17.58 28.58
N ASP B 83 5.19 16.27 28.38
CA ASP B 83 5.17 15.34 29.50
C ASP B 83 6.50 15.42 30.24
N LEU B 84 7.58 15.62 29.50
CA LEU B 84 8.89 15.71 30.14
C LEU B 84 9.01 16.92 31.04
N VAL B 85 8.30 17.99 30.72
CA VAL B 85 8.34 19.19 31.54
C VAL B 85 7.75 18.90 32.91
N LEU B 86 6.69 18.10 32.93
CA LEU B 86 6.03 17.75 34.18
C LEU B 86 6.84 16.69 34.91
N CYS B 87 7.52 15.86 34.14
CA CYS B 87 8.33 14.78 34.69
C CYS B 87 9.64 15.34 35.23
N MET B 88 9.93 16.61 34.93
CA MET B 88 11.14 17.28 35.42
C MET B 88 10.71 18.26 36.50
N GLU B 89 9.39 18.38 36.67
CA GLU B 89 8.82 19.27 37.67
C GLU B 89 8.88 18.59 39.03
N GLU B 90 8.59 17.29 39.04
CA GLU B 90 8.60 16.50 40.28
C GLU B 90 10.01 16.31 40.83
N ASN B 91 11.00 16.40 39.95
CA ASN B 91 12.40 16.24 40.35
C ASN B 91 13.10 17.59 40.47
N ALA B 92 12.32 18.67 40.38
CA ALA B 92 12.86 20.01 40.49
C ALA B 92 13.36 20.25 41.91
N PRO B 93 14.65 20.64 42.04
CA PRO B 93 15.30 20.90 43.33
C PRO B 93 14.76 22.14 44.04
N LYS B 94 15.02 22.22 45.35
CA LYS B 94 14.59 23.37 46.14
C LYS B 94 15.69 24.41 45.98
N ASN B 95 15.45 25.34 45.06
CA ASN B 95 16.37 26.40 44.71
C ASN B 95 16.80 27.37 45.81
N ILE B 96 18.11 27.65 45.84
CA ILE B 96 18.71 28.56 46.80
C ILE B 96 19.85 29.29 46.08
N LYS B 97 19.80 30.61 46.10
CA LYS B 97 20.79 31.48 45.45
C LYS B 97 21.40 30.94 44.17
N GLU B 98 20.64 31.03 43.08
CA GLU B 98 21.07 30.57 41.77
C GLU B 98 20.34 31.39 40.71
N SER B 99 21.08 32.16 39.92
CA SER B 99 20.47 33.00 38.90
C SER B 99 21.41 33.43 37.78
N PRO B 100 22.23 32.50 37.25
CA PRO B 100 23.18 32.81 36.18
C PRO B 100 22.72 33.88 35.19
N LYS B 101 22.13 33.42 34.09
CA LYS B 101 21.63 34.35 33.08
C LYS B 101 20.85 33.53 32.03
N ARG B 102 19.57 33.87 31.89
CA ARG B 102 18.65 33.23 30.96
C ARG B 102 19.25 32.76 29.62
N PRO B 103 18.62 31.75 29.00
CA PRO B 103 19.00 31.15 27.72
C PRO B 103 19.09 32.15 26.56
N GLU B 104 20.10 31.98 25.72
CA GLU B 104 20.32 32.84 24.57
C GLU B 104 19.34 32.46 23.46
N THR B 105 18.74 33.47 22.82
CA THR B 105 17.80 33.21 21.74
C THR B 105 18.53 32.88 20.45
N ARG B 106 18.43 31.64 20.00
CA ARG B 106 19.09 31.21 18.78
C ARG B 106 18.13 30.56 17.79
N SER B 107 18.53 30.49 16.53
CA SER B 107 17.70 29.87 15.51
C SER B 107 18.48 28.71 14.89
N PHE B 108 17.81 27.57 14.70
CA PHE B 108 18.46 26.41 14.12
C PHE B 108 17.69 25.84 12.94
N THR B 109 18.38 25.05 12.14
CA THR B 109 17.75 24.41 11.01
C THR B 109 17.01 23.23 11.59
N PRO B 110 16.04 22.68 10.83
CA PRO B 110 15.29 21.53 11.35
C PRO B 110 16.29 20.44 11.81
N GLU B 111 17.26 20.13 10.96
CA GLU B 111 18.25 19.11 11.24
C GLU B 111 18.88 19.39 12.61
N GLU B 112 19.39 20.61 12.77
CA GLU B 112 20.02 21.01 14.03
C GLU B 112 19.04 20.98 15.19
N PHE B 113 17.86 21.56 14.99
CA PHE B 113 16.86 21.61 16.05
C PHE B 113 16.48 20.25 16.59
N PHE B 114 16.28 19.27 15.73
CA PHE B 114 15.90 17.96 16.25
C PHE B 114 17.06 17.15 16.75
N SER B 115 18.27 17.60 16.43
CA SER B 115 19.46 16.90 16.92
C SER B 115 19.43 17.23 18.41
N ILE B 116 19.09 18.50 18.71
CA ILE B 116 19.00 18.97 20.08
C ILE B 116 17.85 18.25 20.78
N PHE B 117 16.79 18.02 20.03
CA PHE B 117 15.63 17.33 20.59
C PHE B 117 16.07 15.92 20.99
N ASN B 118 16.64 15.20 20.04
CA ASN B 118 17.09 13.85 20.33
C ASN B 118 18.03 13.81 21.52
N ARG B 119 19.04 14.67 21.54
CA ARG B 119 19.97 14.64 22.66
C ARG B 119 19.19 14.77 23.95
N SER B 120 18.23 15.67 23.99
CA SER B 120 17.43 15.87 25.20
C SER B 120 16.70 14.60 25.60
N ILE B 121 16.19 13.88 24.60
CA ILE B 121 15.48 12.64 24.89
C ILE B 121 16.44 11.63 25.47
N ASP B 122 17.62 11.52 24.87
CA ASP B 122 18.61 10.57 25.35
C ASP B 122 19.06 10.97 26.75
N ALA B 123 19.33 12.26 26.94
CA ALA B 123 19.77 12.75 28.23
C ALA B 123 18.73 12.53 29.32
N PHE B 124 17.50 12.29 28.92
CA PHE B 124 16.45 12.05 29.89
C PHE B 124 16.40 10.57 30.22
N LYS B 125 16.69 9.74 29.21
CA LYS B 125 16.66 8.30 29.38
C LYS B 125 17.69 7.85 30.41
N ASP B 126 18.90 8.39 30.33
CA ASP B 126 19.94 8.02 31.27
C ASP B 126 20.04 9.01 32.43
N PHE B 127 19.00 9.79 32.61
CA PHE B 127 18.95 10.74 33.72
C PHE B 127 18.49 9.95 34.94
N MET B 128 17.60 8.98 34.72
CA MET B 128 17.08 8.14 35.78
C MET B 128 18.17 7.15 36.17
N VAL B 129 18.35 6.98 37.48
CA VAL B 129 19.38 6.08 37.98
C VAL B 129 20.70 6.40 37.33
N ALA B 130 21.20 7.58 37.66
CA ALA B 130 22.46 8.03 37.15
C ALA B 130 23.03 8.98 38.13
N SER B 131 24.35 8.91 38.17
CA SER B 131 25.18 9.71 39.03
C SER B 131 25.26 11.17 38.44
N ASP B 132 24.71 12.16 39.17
CA ASP B 132 24.69 13.56 38.71
C ASP B 132 25.11 14.48 39.83
N THR B 133 25.64 13.96 40.92
CA THR B 133 25.91 14.90 41.99
C THR B 133 26.79 16.10 41.64
N SER B 134 27.52 15.98 40.54
CA SER B 134 28.42 17.01 40.04
C SER B 134 27.82 18.42 39.94
N ASP B 135 28.16 19.28 40.90
CA ASP B 135 27.66 20.66 40.94
C ASP B 135 27.88 21.38 39.60
N CYS B 136 26.80 22.01 39.13
CA CYS B 136 26.84 22.73 37.85
C CYS B 136 27.55 24.08 37.91
N VAL B 137 28.84 24.05 37.59
CA VAL B 137 29.67 25.26 37.58
C VAL B 137 30.04 25.56 36.12
N LEU B 138 31.10 26.32 35.92
CA LEU B 138 31.55 26.65 34.56
C LEU B 138 32.22 25.46 33.86
N SER B 139 32.84 24.59 34.65
CA SER B 139 33.53 23.42 34.10
C SER B 139 32.65 22.16 34.08
N ILE C 1 27.77 -23.35 -9.85
CA ILE C 1 26.86 -22.74 -10.87
C ILE C 1 25.43 -22.63 -10.32
N CYS C 2 25.28 -22.95 -9.04
CA CYS C 2 23.97 -22.90 -8.36
C CYS C 2 24.01 -21.96 -7.17
N GLY C 3 23.17 -20.93 -7.21
CA GLY C 3 23.12 -19.96 -6.13
C GLY C 3 22.26 -20.37 -4.96
N ASN C 4 21.30 -19.52 -4.59
CA ASN C 4 20.39 -19.80 -3.48
C ASN C 4 18.97 -19.90 -4.04
N PRO C 5 18.57 -21.10 -4.49
CA PRO C 5 17.27 -21.44 -5.07
C PRO C 5 16.07 -21.18 -4.17
N VAL C 6 16.15 -21.67 -2.95
CA VAL C 6 15.08 -21.55 -1.98
C VAL C 6 14.96 -20.12 -1.42
N THR C 7 13.73 -19.59 -1.44
CA THR C 7 13.47 -18.24 -0.94
C THR C 7 12.37 -18.26 0.11
N ASP C 8 12.07 -17.08 0.67
CA ASP C 8 11.05 -16.97 1.71
C ASP C 8 9.63 -17.14 1.15
N ASN C 9 9.52 -17.35 -0.15
CA ASN C 9 8.22 -17.54 -0.76
C ASN C 9 7.58 -18.85 -0.30
N VAL C 10 8.40 -19.76 0.25
CA VAL C 10 7.87 -21.03 0.72
C VAL C 10 7.05 -20.83 1.99
N LYS C 11 7.15 -19.64 2.59
CA LYS C 11 6.43 -19.36 3.82
C LYS C 11 4.96 -19.08 3.51
N ASP C 12 4.65 -18.87 2.24
CA ASP C 12 3.28 -18.60 1.84
C ASP C 12 2.48 -19.86 1.52
N ILE C 13 3.09 -21.02 1.72
CA ILE C 13 2.38 -22.28 1.47
C ILE C 13 1.16 -22.47 2.37
N THR C 14 1.32 -22.25 3.67
CA THR C 14 0.20 -22.39 4.59
C THR C 14 -1.01 -21.56 4.12
N LYS C 15 -0.74 -20.32 3.72
CA LYS C 15 -1.79 -19.44 3.26
C LYS C 15 -2.38 -20.04 1.98
N LEU C 16 -1.52 -20.42 1.04
CA LEU C 16 -1.93 -20.98 -0.23
C LEU C 16 -2.86 -22.18 -0.06
N VAL C 17 -2.42 -23.14 0.76
CA VAL C 17 -3.22 -24.34 1.02
C VAL C 17 -4.60 -23.99 1.58
N ALA C 18 -4.64 -23.09 2.55
CA ALA C 18 -5.91 -22.68 3.14
C ALA C 18 -6.79 -21.99 2.12
N ASN C 19 -6.18 -21.55 1.02
CA ASN C 19 -6.91 -20.84 -0.01
C ASN C 19 -7.21 -21.72 -1.22
N LEU C 20 -6.98 -23.02 -1.08
CA LEU C 20 -7.26 -23.98 -2.14
C LEU C 20 -8.21 -25.04 -1.59
N PRO C 21 -9.16 -25.51 -2.41
CA PRO C 21 -10.13 -26.52 -1.97
C PRO C 21 -9.40 -27.76 -1.47
N ASN C 22 -9.77 -28.24 -0.29
CA ASN C 22 -9.12 -29.41 0.28
C ASN C 22 -9.45 -30.71 -0.44
N ASP C 23 -10.38 -30.65 -1.38
CA ASP C 23 -10.74 -31.83 -2.13
C ASP C 23 -10.33 -31.70 -3.59
N TYR C 24 -9.47 -30.73 -3.88
CA TYR C 24 -8.99 -30.50 -5.24
C TYR C 24 -7.76 -31.38 -5.43
N MET C 25 -7.77 -32.20 -6.47
CA MET C 25 -6.65 -33.11 -6.71
C MET C 25 -5.62 -32.56 -7.66
N ILE C 26 -4.36 -32.57 -7.20
CA ILE C 26 -3.25 -32.11 -8.01
C ILE C 26 -2.51 -33.35 -8.49
N THR C 27 -2.34 -33.47 -9.79
CA THR C 27 -1.66 -34.61 -10.38
C THR C 27 -0.15 -34.44 -10.26
N LEU C 28 0.51 -35.51 -9.81
CA LEU C 28 1.95 -35.50 -9.61
C LEU C 28 2.44 -36.91 -9.81
N ASN C 29 3.37 -37.11 -10.74
CA ASN C 29 3.91 -38.46 -10.93
C ASN C 29 4.80 -38.71 -9.75
N TYR C 30 4.33 -39.59 -8.87
CA TYR C 30 5.01 -39.94 -7.64
C TYR C 30 6.04 -41.05 -7.84
N VAL C 31 7.21 -40.86 -7.24
CA VAL C 31 8.27 -41.85 -7.30
C VAL C 31 8.00 -42.85 -6.18
N ALA C 32 7.67 -44.08 -6.55
CA ALA C 32 7.40 -45.12 -5.56
C ALA C 32 8.53 -45.24 -4.55
N GLY C 33 8.18 -45.22 -3.27
CA GLY C 33 9.19 -45.34 -2.23
C GLY C 33 9.93 -44.04 -2.03
N MET C 34 9.23 -43.01 -1.58
CA MET C 34 9.82 -41.71 -1.34
C MET C 34 9.97 -41.46 0.14
N ASP C 35 9.04 -41.99 0.93
CA ASP C 35 9.02 -41.81 2.37
C ASP C 35 10.11 -42.62 3.06
N VAL C 36 10.41 -43.80 2.50
CA VAL C 36 11.40 -44.69 3.09
C VAL C 36 12.83 -44.47 2.60
N LEU C 37 13.03 -44.45 1.29
CA LEU C 37 14.37 -44.26 0.74
C LEU C 37 14.99 -42.89 1.07
N PRO C 38 16.32 -42.83 1.10
CA PRO C 38 17.03 -41.58 1.38
C PRO C 38 16.87 -40.54 0.25
N SER C 39 17.04 -39.27 0.60
CA SER C 39 16.91 -38.17 -0.34
C SER C 39 17.45 -38.40 -1.76
N HIS C 40 18.76 -38.63 -1.88
CA HIS C 40 19.40 -38.81 -3.17
C HIS C 40 18.77 -39.81 -4.14
N CYS C 41 18.01 -40.76 -3.63
CA CYS C 41 17.39 -41.76 -4.48
C CYS C 41 16.24 -41.24 -5.33
N TRP C 42 15.51 -40.27 -4.81
CA TRP C 42 14.36 -39.71 -5.52
C TRP C 42 14.36 -38.20 -5.72
N LEU C 43 15.19 -37.50 -4.96
CA LEU C 43 15.22 -36.05 -5.05
C LEU C 43 15.21 -35.50 -6.47
N ARG C 44 16.23 -35.83 -7.25
CA ARG C 44 16.28 -35.34 -8.62
C ARG C 44 14.98 -35.60 -9.40
N ASP C 45 14.47 -36.83 -9.30
CA ASP C 45 13.25 -37.18 -10.00
C ASP C 45 12.04 -36.39 -9.54
N MET C 46 11.88 -36.27 -8.22
CA MET C 46 10.74 -35.54 -7.67
C MET C 46 10.74 -34.07 -8.00
N VAL C 47 11.92 -33.45 -7.99
CA VAL C 47 12.02 -32.05 -8.31
C VAL C 47 11.56 -31.83 -9.75
N ILE C 48 11.92 -32.75 -10.63
CA ILE C 48 11.49 -32.62 -12.02
C ILE C 48 9.96 -32.68 -12.07
N GLN C 49 9.40 -33.66 -11.37
CA GLN C 49 7.96 -33.84 -11.34
C GLN C 49 7.20 -32.68 -10.72
N LEU C 50 7.77 -32.08 -9.67
CA LEU C 50 7.13 -30.96 -9.01
C LEU C 50 7.14 -29.77 -9.97
N SER C 51 8.23 -29.65 -10.71
CA SER C 51 8.37 -28.57 -11.69
C SER C 51 7.26 -28.70 -12.72
N LEU C 52 7.03 -29.92 -13.22
CA LEU C 52 5.97 -30.13 -14.20
C LEU C 52 4.61 -29.83 -13.61
N SER C 53 4.34 -30.40 -12.43
CA SER C 53 3.06 -30.19 -11.76
C SER C 53 2.76 -28.73 -11.42
N LEU C 54 3.76 -27.99 -10.93
CA LEU C 54 3.52 -26.59 -10.58
C LEU C 54 3.29 -25.76 -11.84
N THR C 55 3.89 -26.18 -12.93
CA THR C 55 3.68 -25.50 -14.19
C THR C 55 2.23 -25.69 -14.62
N THR C 56 1.76 -26.93 -14.57
CA THR C 56 0.38 -27.21 -14.94
C THR C 56 -0.58 -26.55 -13.96
N LEU C 57 -0.20 -26.56 -12.69
CA LEU C 57 -1.03 -25.94 -11.66
C LEU C 57 -1.27 -24.46 -11.96
N LEU C 58 -0.20 -23.74 -12.28
CA LEU C 58 -0.32 -22.33 -12.56
C LEU C 58 -1.27 -22.04 -13.71
N ASP C 59 -1.37 -22.97 -14.63
CA ASP C 59 -2.22 -22.79 -15.80
C ASP C 59 -3.68 -22.67 -15.40
N LYS C 60 -4.01 -23.17 -14.22
CA LYS C 60 -5.38 -23.15 -13.70
C LYS C 60 -5.84 -21.86 -13.03
N PHE C 61 -4.94 -20.87 -12.96
CA PHE C 61 -5.26 -19.59 -12.34
C PHE C 61 -4.99 -18.41 -13.25
N SER C 62 -5.50 -17.24 -12.84
CA SER C 62 -5.33 -16.00 -13.59
C SER C 62 -4.71 -14.95 -12.69
N ASN C 63 -3.89 -14.06 -13.25
CA ASN C 63 -3.26 -13.02 -12.46
C ASN C 63 -4.25 -11.86 -12.31
N ILE C 64 -4.74 -11.69 -11.08
CA ILE C 64 -5.72 -10.66 -10.73
C ILE C 64 -5.09 -9.28 -10.40
N SER C 65 -4.54 -9.12 -9.20
CA SER C 65 -3.94 -7.86 -8.80
C SER C 65 -2.70 -8.02 -7.93
N GLU C 66 -2.42 -7.00 -7.13
CA GLU C 66 -1.26 -6.99 -6.24
C GLU C 66 -1.42 -8.01 -5.12
N GLY C 67 -2.59 -8.01 -4.48
CA GLY C 67 -2.85 -8.94 -3.38
C GLY C 67 -2.36 -10.36 -3.63
N LEU C 68 -1.77 -10.96 -2.60
CA LEU C 68 -1.26 -12.32 -2.71
C LEU C 68 -2.32 -13.30 -3.18
N SER C 69 -2.31 -13.54 -4.48
CA SER C 69 -3.25 -14.45 -5.10
C SER C 69 -2.62 -15.82 -5.19
N ASN C 70 -3.43 -16.84 -5.46
CA ASN C 70 -2.89 -18.18 -5.58
C ASN C 70 -1.95 -18.19 -6.79
N TYR C 71 -2.27 -17.42 -7.83
CA TYR C 71 -1.41 -17.40 -9.00
C TYR C 71 -0.02 -16.94 -8.60
N SER C 72 0.04 -15.82 -7.88
CA SER C 72 1.30 -15.26 -7.42
C SER C 72 2.17 -16.31 -6.71
N ILE C 73 1.64 -16.87 -5.62
CA ILE C 73 2.36 -17.87 -4.85
C ILE C 73 2.86 -19.04 -5.71
N ILE C 74 1.92 -19.70 -6.38
CA ILE C 74 2.25 -20.84 -7.25
C ILE C 74 3.34 -20.49 -8.26
N ASP C 75 3.26 -19.30 -8.83
CA ASP C 75 4.26 -18.86 -9.78
C ASP C 75 5.63 -18.95 -9.11
N LYS C 76 5.78 -18.27 -7.98
CA LYS C 76 7.06 -18.22 -7.29
C LYS C 76 7.56 -19.58 -6.80
N LEU C 77 6.65 -20.44 -6.37
CA LEU C 77 7.03 -21.77 -5.91
C LEU C 77 7.54 -22.56 -7.09
N GLY C 78 7.06 -22.22 -8.29
CA GLY C 78 7.52 -22.91 -9.47
C GLY C 78 8.93 -22.49 -9.79
N LYS C 79 9.20 -21.20 -9.61
CA LYS C 79 10.52 -20.66 -9.87
C LYS C 79 11.52 -21.46 -9.04
N ILE C 80 11.23 -21.59 -7.75
CA ILE C 80 12.11 -22.31 -6.83
C ILE C 80 12.45 -23.71 -7.31
N VAL C 81 11.42 -24.50 -7.58
CA VAL C 81 11.63 -25.86 -8.01
C VAL C 81 12.29 -25.93 -9.39
N ASP C 82 12.08 -24.91 -10.20
CA ASP C 82 12.70 -24.88 -11.52
C ASP C 82 14.21 -24.78 -11.36
N ASP C 83 14.65 -23.88 -10.49
CA ASP C 83 16.07 -23.69 -10.24
C ASP C 83 16.64 -24.97 -9.68
N LEU C 84 15.86 -25.68 -8.87
CA LEU C 84 16.34 -26.91 -8.29
C LEU C 84 16.61 -27.97 -9.35
N VAL C 85 15.84 -27.95 -10.43
CA VAL C 85 16.05 -28.93 -11.49
C VAL C 85 17.41 -28.73 -12.15
N LEU C 86 17.83 -27.48 -12.28
CA LEU C 86 19.12 -27.16 -12.90
C LEU C 86 20.23 -27.40 -11.89
N CYS C 87 19.90 -27.20 -10.62
CA CYS C 87 20.87 -27.37 -9.55
C CYS C 87 21.09 -28.87 -9.27
N MET C 88 20.23 -29.72 -9.85
CA MET C 88 20.32 -31.17 -9.69
C MET C 88 20.87 -31.73 -10.99
N GLU C 89 20.99 -30.84 -11.98
CA GLU C 89 21.48 -31.21 -13.30
C GLU C 89 22.99 -31.27 -13.23
N GLU C 90 23.60 -30.32 -12.53
CA GLU C 90 25.06 -30.26 -12.39
C GLU C 90 25.60 -31.40 -11.53
N ASN C 91 24.75 -31.94 -10.66
CA ASN C 91 25.16 -33.03 -9.78
C ASN C 91 24.66 -34.38 -10.30
N ALA C 92 24.10 -34.37 -11.51
CA ALA C 92 23.57 -35.59 -12.13
C ALA C 92 24.73 -36.54 -12.43
N PRO C 93 24.66 -37.78 -11.91
CA PRO C 93 25.68 -38.80 -12.11
C PRO C 93 25.75 -39.32 -13.55
N LYS C 94 26.87 -39.96 -13.88
CA LYS C 94 27.06 -40.53 -15.21
C LYS C 94 26.43 -41.92 -15.15
N ASN C 95 25.19 -41.98 -15.62
CA ASN C 95 24.38 -43.20 -15.62
C ASN C 95 24.93 -44.41 -16.38
N ILE C 96 24.80 -45.58 -15.74
CA ILE C 96 25.23 -46.85 -16.32
C ILE C 96 24.24 -47.90 -15.84
N LYS C 97 23.66 -48.65 -16.79
CA LYS C 97 22.66 -49.68 -16.51
C LYS C 97 21.74 -49.45 -15.33
N GLU C 98 20.75 -48.58 -15.54
CA GLU C 98 19.78 -48.24 -14.51
C GLU C 98 18.48 -47.83 -15.19
N SER C 99 17.40 -48.59 -14.98
CA SER C 99 16.12 -48.28 -15.61
C SER C 99 14.91 -48.91 -14.91
N PRO C 100 14.86 -48.84 -13.57
CA PRO C 100 13.74 -49.41 -12.80
C PRO C 100 12.38 -49.35 -13.50
N LYS C 101 11.62 -48.30 -13.22
CA LYS C 101 10.30 -48.11 -13.82
C LYS C 101 9.75 -46.74 -13.44
N ARG C 102 9.47 -45.93 -14.47
CA ARG C 102 8.95 -44.57 -14.29
C ARG C 102 7.97 -44.36 -13.13
N PRO C 103 7.88 -43.11 -12.64
CA PRO C 103 7.01 -42.65 -11.54
C PRO C 103 5.53 -42.92 -11.81
N GLU C 104 4.84 -43.36 -10.77
CA GLU C 104 3.42 -43.66 -10.83
C GLU C 104 2.63 -42.37 -10.84
N THR C 105 1.62 -42.28 -11.69
CA THR C 105 0.79 -41.08 -11.76
C THR C 105 -0.24 -41.05 -10.65
N ARG C 106 -0.08 -40.13 -9.71
CA ARG C 106 -0.98 -40.02 -8.58
C ARG C 106 -1.56 -38.62 -8.42
N SER C 107 -2.66 -38.52 -7.69
CA SER C 107 -3.29 -37.22 -7.44
C SER C 107 -3.34 -36.95 -5.94
N PHE C 108 -2.99 -35.74 -5.54
CA PHE C 108 -2.99 -35.41 -4.12
C PHE C 108 -3.76 -34.14 -3.84
N THR C 109 -4.14 -33.96 -2.59
CA THR C 109 -4.82 -32.76 -2.17
C THR C 109 -3.75 -31.69 -2.03
N PRO C 110 -4.16 -30.43 -2.00
CA PRO C 110 -3.17 -29.35 -1.85
C PRO C 110 -2.28 -29.63 -0.63
N GLU C 111 -2.91 -29.91 0.49
CA GLU C 111 -2.21 -30.22 1.74
C GLU C 111 -1.14 -31.27 1.49
N GLU C 112 -1.53 -32.40 0.89
CA GLU C 112 -0.62 -33.50 0.59
C GLU C 112 0.48 -33.11 -0.40
N PHE C 113 0.04 -32.46 -1.48
CA PHE C 113 0.97 -32.05 -2.52
C PHE C 113 2.08 -31.15 -2.01
N PHE C 114 1.75 -30.17 -1.16
CA PHE C 114 2.81 -29.31 -0.67
C PHE C 114 3.59 -29.89 0.48
N SER C 115 3.09 -30.98 1.04
CA SER C 115 3.81 -31.64 2.11
C SER C 115 4.98 -32.26 1.38
N ILE C 116 4.69 -32.80 0.19
CA ILE C 116 5.70 -33.43 -0.65
C ILE C 116 6.69 -32.37 -1.15
N PHE C 117 6.16 -31.17 -1.39
CA PHE C 117 6.98 -30.07 -1.86
C PHE C 117 7.97 -29.73 -0.74
N ASN C 118 7.44 -29.46 0.45
CA ASN C 118 8.29 -29.13 1.56
C ASN C 118 9.35 -30.19 1.83
N ARG C 119 8.96 -31.45 1.82
CA ARG C 119 9.94 -32.50 2.08
C ARG C 119 11.07 -32.40 1.06
N SER C 120 10.72 -32.18 -0.20
CA SER C 120 11.74 -32.06 -1.24
C SER C 120 12.67 -30.88 -0.97
N ILE C 121 12.11 -29.77 -0.50
CA ILE C 121 12.93 -28.62 -0.18
C ILE C 121 13.90 -28.96 0.94
N ASP C 122 13.38 -29.60 1.99
CA ASP C 122 14.21 -29.95 3.11
C ASP C 122 15.28 -30.95 2.68
N ALA C 123 14.88 -31.93 1.88
CA ALA C 123 15.79 -32.98 1.40
C ALA C 123 16.87 -32.38 0.52
N PHE C 124 16.65 -31.16 0.04
CA PHE C 124 17.65 -30.54 -0.81
C PHE C 124 18.62 -29.77 0.08
N LYS C 125 18.09 -29.21 1.16
CA LYS C 125 18.90 -28.43 2.08
C LYS C 125 19.98 -29.26 2.72
N ASP C 126 19.64 -30.49 3.14
CA ASP C 126 20.63 -31.35 3.76
C ASP C 126 21.22 -32.34 2.77
N PHE C 127 21.04 -32.05 1.48
CA PHE C 127 21.59 -32.91 0.44
C PHE C 127 23.05 -32.48 0.28
N MET C 128 23.29 -31.18 0.45
CA MET C 128 24.63 -30.60 0.32
C MET C 128 25.42 -30.99 1.57
N VAL C 129 26.66 -31.41 1.37
CA VAL C 129 27.51 -31.80 2.49
C VAL C 129 26.77 -32.81 3.33
N ALA C 130 26.49 -33.96 2.74
CA ALA C 130 25.81 -35.01 3.45
C ALA C 130 26.27 -36.31 2.85
N SER C 131 26.37 -37.33 3.70
CA SER C 131 26.82 -38.63 3.25
C SER C 131 25.59 -39.34 2.59
N ASP C 132 25.74 -39.71 1.30
CA ASP C 132 24.68 -40.37 0.54
C ASP C 132 25.21 -41.68 -0.03
N THR C 133 26.15 -42.30 0.66
CA THR C 133 26.64 -43.59 0.18
C THR C 133 25.70 -44.53 0.90
N SER C 134 24.61 -44.89 0.22
CA SER C 134 23.59 -45.76 0.82
C SER C 134 23.04 -46.76 -0.19
N ASP C 135 21.80 -47.20 0.05
CA ASP C 135 21.14 -48.15 -0.84
C ASP C 135 19.70 -47.77 -1.14
N CYS C 136 19.34 -47.72 -2.42
CA CYS C 136 17.98 -47.38 -2.81
C CYS C 136 17.14 -48.65 -2.94
N VAL C 137 17.00 -49.37 -1.82
CA VAL C 137 16.23 -50.62 -1.80
C VAL C 137 15.06 -50.49 -0.85
N LEU C 138 13.98 -51.21 -1.14
CA LEU C 138 12.78 -51.18 -0.31
C LEU C 138 12.84 -52.25 0.79
N SER C 139 13.99 -52.90 0.92
CA SER C 139 14.19 -53.94 1.93
C SER C 139 14.65 -53.36 3.28
N ILE D 1 -40.83 -8.36 5.56
CA ILE D 1 -39.93 -9.08 6.51
C ILE D 1 -38.57 -9.36 5.86
N CYS D 2 -38.38 -8.81 4.67
CA CYS D 2 -37.12 -8.98 3.92
C CYS D 2 -36.47 -7.63 3.63
N GLY D 3 -35.24 -7.45 4.14
CA GLY D 3 -34.53 -6.19 3.94
C GLY D 3 -33.80 -6.11 2.62
N ASN D 4 -32.49 -5.83 2.69
CA ASN D 4 -31.65 -5.74 1.49
C ASN D 4 -30.60 -6.84 1.54
N PRO D 5 -30.94 -8.04 1.02
CA PRO D 5 -30.10 -9.25 0.97
C PRO D 5 -28.79 -9.09 0.22
N VAL D 6 -28.90 -8.58 -1.00
CA VAL D 6 -27.74 -8.38 -1.87
C VAL D 6 -26.84 -7.22 -1.42
N THR D 7 -25.53 -7.51 -1.32
CA THR D 7 -24.55 -6.53 -0.90
C THR D 7 -23.45 -6.38 -1.93
N ASP D 8 -22.50 -5.49 -1.67
CA ASP D 8 -21.40 -5.26 -2.61
C ASP D 8 -20.39 -6.41 -2.61
N ASN D 9 -20.63 -7.41 -1.79
CA ASN D 9 -19.75 -8.56 -1.72
C ASN D 9 -19.78 -9.36 -3.03
N VAL D 10 -20.80 -9.14 -3.84
CA VAL D 10 -20.90 -9.85 -5.11
C VAL D 10 -19.86 -9.32 -6.10
N LYS D 11 -19.29 -8.16 -5.79
CA LYS D 11 -18.28 -7.56 -6.67
C LYS D 11 -16.95 -8.29 -6.57
N ASP D 12 -16.83 -9.16 -5.57
CA ASP D 12 -15.59 -9.90 -5.38
C ASP D 12 -15.60 -11.24 -6.11
N ILE D 13 -16.64 -11.50 -6.88
CA ILE D 13 -16.72 -12.76 -7.59
C ILE D 13 -15.62 -12.90 -8.66
N THR D 14 -15.39 -11.83 -9.42
CA THR D 14 -14.36 -11.88 -10.46
C THR D 14 -13.01 -12.29 -9.84
N LYS D 15 -12.68 -11.67 -8.72
CA LYS D 15 -11.45 -11.96 -8.01
C LYS D 15 -11.46 -13.43 -7.55
N LEU D 16 -12.57 -13.83 -6.93
CA LEU D 16 -12.73 -15.18 -6.43
C LEU D 16 -12.52 -16.24 -7.52
N VAL D 17 -13.17 -16.03 -8.65
CA VAL D 17 -13.07 -16.98 -9.75
C VAL D 17 -11.63 -17.10 -10.23
N ALA D 18 -10.98 -15.96 -10.40
CA ALA D 18 -9.59 -15.95 -10.87
C ALA D 18 -8.67 -16.61 -9.83
N ASN D 19 -9.17 -16.77 -8.62
CA ASN D 19 -8.39 -17.37 -7.57
C ASN D 19 -8.80 -18.80 -7.28
N LEU D 20 -9.60 -19.38 -8.16
CA LEU D 20 -10.03 -20.77 -8.04
C LEU D 20 -9.68 -21.51 -9.33
N PRO D 21 -9.23 -22.77 -9.21
CA PRO D 21 -8.84 -23.57 -10.38
C PRO D 21 -9.98 -23.63 -11.37
N ASN D 22 -9.68 -23.35 -12.63
CA ASN D 22 -10.71 -23.36 -13.66
C ASN D 22 -11.21 -24.76 -14.01
N ASP D 23 -10.58 -25.77 -13.42
CA ASP D 23 -11.00 -27.14 -13.71
C ASP D 23 -11.53 -27.79 -12.45
N TYR D 24 -11.85 -26.97 -11.46
CA TYR D 24 -12.38 -27.47 -10.19
C TYR D 24 -13.89 -27.53 -10.33
N MET D 25 -14.47 -28.70 -10.08
CA MET D 25 -15.91 -28.85 -10.25
C MET D 25 -16.70 -28.64 -8.97
N ILE D 26 -17.67 -27.73 -9.04
CA ILE D 26 -18.54 -27.42 -7.93
C ILE D 26 -19.87 -28.11 -8.19
N THR D 27 -20.31 -28.94 -7.25
CA THR D 27 -21.56 -29.67 -7.38
C THR D 27 -22.73 -28.76 -7.06
N LEU D 28 -23.72 -28.76 -7.94
CA LEU D 28 -24.93 -27.95 -7.77
C LEU D 28 -26.08 -28.66 -8.41
N ASN D 29 -27.14 -28.93 -7.66
CA ASN D 29 -28.30 -29.59 -8.23
C ASN D 29 -28.99 -28.55 -9.09
N TYR D 30 -28.85 -28.74 -10.39
CA TYR D 30 -29.38 -27.84 -11.40
C TYR D 30 -30.83 -28.12 -11.73
N VAL D 31 -31.63 -27.05 -11.80
CA VAL D 31 -33.03 -27.18 -12.15
C VAL D 31 -33.11 -27.18 -13.68
N ALA D 32 -33.51 -28.31 -14.25
CA ALA D 32 -33.62 -28.43 -15.71
C ALA D 32 -34.46 -27.31 -16.30
N GLY D 33 -33.93 -26.66 -17.32
CA GLY D 33 -34.66 -25.58 -17.95
C GLY D 33 -34.62 -24.30 -17.12
N MET D 34 -33.42 -23.75 -16.97
CA MET D 34 -33.23 -22.54 -16.19
C MET D 34 -32.97 -21.35 -17.11
N ASP D 35 -32.29 -21.62 -18.22
CA ASP D 35 -31.94 -20.60 -19.19
C ASP D 35 -33.14 -20.11 -19.99
N VAL D 36 -34.07 -21.02 -20.26
CA VAL D 36 -35.25 -20.68 -21.05
C VAL D 36 -36.45 -20.18 -20.23
N LEU D 37 -36.84 -20.91 -19.19
CA LEU D 37 -37.97 -20.51 -18.38
C LEU D 37 -37.76 -19.20 -17.63
N PRO D 38 -38.86 -18.48 -17.32
CA PRO D 38 -38.79 -17.20 -16.60
C PRO D 38 -38.35 -17.40 -15.14
N SER D 39 -37.81 -16.34 -14.55
CA SER D 39 -37.31 -16.35 -13.19
C SER D 39 -38.13 -17.12 -12.16
N HIS D 40 -39.37 -16.71 -11.94
CA HIS D 40 -40.23 -17.33 -10.94
C HIS D 40 -40.37 -18.86 -10.98
N CYS D 41 -40.10 -19.46 -12.13
CA CYS D 41 -40.23 -20.91 -12.25
C CYS D 41 -39.15 -21.70 -11.54
N TRP D 42 -37.95 -21.13 -11.46
CA TRP D 42 -36.83 -21.82 -10.83
C TRP D 42 -36.12 -21.05 -9.72
N LEU D 43 -36.33 -19.74 -9.68
CA LEU D 43 -35.65 -18.91 -8.68
C LEU D 43 -35.61 -19.51 -7.28
N ARG D 44 -36.77 -19.70 -6.68
CA ARG D 44 -36.83 -20.27 -5.34
C ARG D 44 -36.00 -21.55 -5.21
N ASP D 45 -36.17 -22.47 -6.16
CA ASP D 45 -35.44 -23.72 -6.13
C ASP D 45 -33.93 -23.55 -6.26
N MET D 46 -33.50 -22.69 -7.18
CA MET D 46 -32.07 -22.48 -7.37
C MET D 46 -31.41 -21.83 -6.18
N VAL D 47 -32.09 -20.87 -5.58
CA VAL D 47 -31.53 -20.19 -4.43
C VAL D 47 -31.28 -21.19 -3.31
N ILE D 48 -32.18 -22.15 -3.16
CA ILE D 48 -32.00 -23.15 -2.13
C ILE D 48 -30.77 -23.98 -2.46
N GLN D 49 -30.64 -24.36 -3.72
CA GLN D 49 -29.51 -25.16 -4.16
C GLN D 49 -28.18 -24.42 -4.07
N LEU D 50 -28.18 -23.12 -4.34
CA LEU D 50 -26.97 -22.35 -4.25
C LEU D 50 -26.54 -22.27 -2.78
N SER D 51 -27.54 -22.11 -1.91
CA SER D 51 -27.31 -22.04 -0.47
C SER D 51 -26.59 -23.33 -0.03
N LEU D 52 -27.10 -24.48 -0.47
CA LEU D 52 -26.49 -25.76 -0.11
C LEU D 52 -25.07 -25.87 -0.66
N SER D 53 -24.92 -25.57 -1.95
CA SER D 53 -23.61 -25.62 -2.60
C SER D 53 -22.56 -24.69 -1.98
N LEU D 54 -22.94 -23.45 -1.69
CA LEU D 54 -22.01 -22.51 -1.10
C LEU D 54 -21.62 -22.93 0.32
N THR D 55 -22.53 -23.61 0.99
CA THR D 55 -22.24 -24.09 2.32
C THR D 55 -21.18 -25.17 2.21
N THR D 56 -21.38 -26.09 1.28
CA THR D 56 -20.43 -27.19 1.08
C THR D 56 -19.11 -26.63 0.56
N LEU D 57 -19.21 -25.63 -0.30
CA LEU D 57 -18.01 -25.01 -0.86
C LEU D 57 -17.14 -24.47 0.24
N LEU D 58 -17.74 -23.69 1.16
CA LEU D 58 -17.00 -23.09 2.25
C LEU D 58 -16.26 -24.09 3.12
N ASP D 59 -16.79 -25.30 3.19
CA ASP D 59 -16.19 -26.35 4.00
C ASP D 59 -14.82 -26.73 3.46
N LYS D 60 -14.58 -26.42 2.19
CA LYS D 60 -13.32 -26.75 1.52
C LYS D 60 -12.15 -25.80 1.77
N PHE D 61 -12.42 -24.71 2.47
CA PHE D 61 -11.41 -23.71 2.78
C PHE D 61 -11.21 -23.46 4.26
N SER D 62 -10.15 -22.73 4.60
CA SER D 62 -9.80 -22.41 5.98
C SER D 62 -9.63 -20.91 6.08
N ASN D 63 -9.96 -20.35 7.24
CA ASN D 63 -9.83 -18.91 7.44
C ASN D 63 -8.38 -18.60 7.84
N ILE D 64 -7.66 -17.94 6.94
CA ILE D 64 -6.25 -17.58 7.12
C ILE D 64 -6.04 -16.25 7.87
N SER D 65 -6.21 -15.13 7.19
CA SER D 65 -6.02 -13.82 7.81
C SER D 65 -7.01 -12.75 7.33
N GLU D 66 -6.58 -11.50 7.43
CA GLU D 66 -7.40 -10.36 7.02
C GLU D 66 -7.58 -10.35 5.49
N GLY D 67 -6.47 -10.49 4.77
CA GLY D 67 -6.51 -10.48 3.32
C GLY D 67 -7.68 -11.24 2.70
N LEU D 68 -8.30 -10.65 1.70
CA LEU D 68 -9.43 -11.27 1.02
C LEU D 68 -9.11 -12.67 0.53
N SER D 69 -9.47 -13.65 1.36
CA SER D 69 -9.24 -15.04 1.06
C SER D 69 -10.48 -15.62 0.39
N ASN D 70 -10.34 -16.79 -0.21
CA ASN D 70 -11.47 -17.40 -0.86
C ASN D 70 -12.52 -17.71 0.22
N TYR D 71 -12.06 -18.11 1.40
CA TYR D 71 -12.98 -18.41 2.48
C TYR D 71 -13.83 -17.18 2.76
N SER D 72 -13.18 -16.04 2.92
CA SER D 72 -13.91 -14.81 3.19
C SER D 72 -15.03 -14.55 2.20
N ILE D 73 -14.68 -14.45 0.92
CA ILE D 73 -15.67 -14.20 -0.12
C ILE D 73 -16.80 -15.21 -0.08
N ILE D 74 -16.46 -16.49 -0.22
CA ILE D 74 -17.48 -17.54 -0.23
C ILE D 74 -18.40 -17.46 0.98
N ASP D 75 -17.84 -17.16 2.14
CA ASP D 75 -18.63 -17.02 3.35
C ASP D 75 -19.72 -15.99 3.08
N LYS D 76 -19.30 -14.77 2.74
CA LYS D 76 -20.25 -13.70 2.48
C LYS D 76 -21.26 -13.95 1.36
N LEU D 77 -20.82 -14.64 0.31
CA LEU D 77 -21.72 -14.95 -0.80
C LEU D 77 -22.78 -15.93 -0.32
N GLY D 78 -22.41 -16.74 0.68
CA GLY D 78 -23.34 -17.69 1.24
C GLY D 78 -24.39 -16.95 2.05
N LYS D 79 -23.96 -15.93 2.78
CA LYS D 79 -24.87 -15.13 3.59
C LYS D 79 -25.96 -14.60 2.68
N ILE D 80 -25.55 -13.99 1.58
CA ILE D 80 -26.49 -13.40 0.64
C ILE D 80 -27.56 -14.37 0.19
N VAL D 81 -27.13 -15.50 -0.33
CA VAL D 81 -28.07 -16.49 -0.83
C VAL D 81 -28.91 -17.10 0.30
N ASP D 82 -28.37 -17.11 1.52
CA ASP D 82 -29.12 -17.65 2.65
C ASP D 82 -30.32 -16.75 2.92
N ASP D 83 -30.07 -15.44 2.91
CA ASP D 83 -31.13 -14.48 3.13
C ASP D 83 -32.17 -14.59 2.04
N LEU D 84 -31.72 -14.89 0.83
CA LEU D 84 -32.66 -15.01 -0.29
C LEU D 84 -33.59 -16.20 -0.11
N VAL D 85 -33.12 -17.25 0.56
CA VAL D 85 -33.96 -18.41 0.78
C VAL D 85 -35.12 -18.06 1.70
N LEU D 86 -34.88 -17.18 2.66
CA LEU D 86 -35.91 -16.76 3.59
C LEU D 86 -36.80 -15.72 2.93
N CYS D 87 -36.21 -14.95 2.03
CA CYS D 87 -36.93 -13.89 1.32
C CYS D 87 -37.80 -14.50 0.21
N MET D 88 -37.61 -15.78 -0.06
CA MET D 88 -38.37 -16.52 -1.08
C MET D 88 -39.34 -17.42 -0.33
N GLU D 89 -39.18 -17.47 0.99
CA GLU D 89 -40.03 -18.29 1.83
C GLU D 89 -41.34 -17.55 2.08
N GLU D 90 -41.25 -16.24 2.28
CA GLU D 90 -42.43 -15.42 2.53
C GLU D 90 -43.29 -15.28 1.28
N ASN D 91 -42.70 -15.45 0.11
CA ASN D 91 -43.43 -15.34 -1.15
C ASN D 91 -43.75 -16.72 -1.71
N ALA D 92 -43.49 -17.76 -0.92
CA ALA D 92 -43.76 -19.13 -1.34
C ALA D 92 -45.26 -19.34 -1.47
N PRO D 93 -45.73 -19.79 -2.66
CA PRO D 93 -47.15 -20.04 -2.94
C PRO D 93 -47.73 -21.22 -2.18
N LYS D 94 -49.06 -21.27 -2.11
CA LYS D 94 -49.75 -22.37 -1.45
C LYS D 94 -49.88 -23.48 -2.48
N ASN D 95 -48.95 -24.42 -2.42
CA ASN D 95 -48.87 -25.55 -3.34
C ASN D 95 -50.06 -26.50 -3.43
N ILE D 96 -50.43 -26.83 -4.66
CA ILE D 96 -51.52 -27.75 -4.95
C ILE D 96 -51.13 -28.55 -6.19
N LYS D 97 -51.16 -29.88 -6.06
CA LYS D 97 -50.79 -30.82 -7.12
C LYS D 97 -49.69 -30.35 -8.07
N GLU D 98 -48.45 -30.44 -7.60
CA GLU D 98 -47.27 -30.04 -8.37
C GLU D 98 -46.08 -30.86 -7.86
N SER D 99 -45.51 -31.69 -8.73
CA SER D 99 -44.39 -32.54 -8.33
C SER D 99 -43.56 -33.06 -9.50
N PRO D 100 -43.23 -32.17 -10.48
CA PRO D 100 -42.44 -32.57 -11.65
C PRO D 100 -41.38 -33.64 -11.38
N LYS D 101 -40.16 -33.19 -11.10
CA LYS D 101 -39.06 -34.10 -10.82
C LYS D 101 -37.83 -33.32 -10.36
N ARG D 102 -37.38 -33.62 -9.14
CA ARG D 102 -36.23 -33.00 -8.50
C ARG D 102 -35.08 -32.60 -9.44
N PRO D 103 -34.31 -31.56 -9.04
CA PRO D 103 -33.16 -31.02 -9.78
C PRO D 103 -32.08 -32.06 -10.08
N GLU D 104 -31.50 -31.97 -11.27
CA GLU D 104 -30.46 -32.88 -11.71
C GLU D 104 -29.13 -32.50 -11.07
N THR D 105 -28.40 -33.49 -10.56
CA THR D 105 -27.11 -33.22 -9.93
C THR D 105 -26.02 -32.98 -10.97
N ARG D 106 -25.55 -31.75 -11.05
CA ARG D 106 -24.51 -31.40 -12.02
C ARG D 106 -23.31 -30.73 -11.37
N SER D 107 -22.18 -30.75 -12.07
CA SER D 107 -20.96 -30.12 -11.58
C SER D 107 -20.51 -29.03 -12.55
N PHE D 108 -20.16 -27.87 -12.01
CA PHE D 108 -19.72 -26.76 -12.84
C PHE D 108 -18.37 -26.21 -12.43
N THR D 109 -17.76 -25.47 -13.33
CA THR D 109 -16.48 -24.85 -13.04
C THR D 109 -16.84 -23.60 -12.25
N PRO D 110 -15.87 -23.02 -11.53
CA PRO D 110 -16.17 -21.81 -10.77
C PRO D 110 -16.83 -20.77 -11.68
N GLU D 111 -16.22 -20.54 -12.84
CA GLU D 111 -16.73 -19.55 -13.78
C GLU D 111 -18.23 -19.82 -14.03
N GLU D 112 -18.55 -21.05 -14.41
CA GLU D 112 -19.93 -21.44 -14.69
C GLU D 112 -20.81 -21.32 -13.47
N PHE D 113 -20.33 -21.85 -12.34
CA PHE D 113 -21.11 -21.82 -11.11
C PHE D 113 -21.51 -20.42 -10.70
N PHE D 114 -20.59 -19.46 -10.78
CA PHE D 114 -20.99 -18.12 -10.36
C PHE D 114 -21.74 -17.34 -11.40
N SER D 115 -21.75 -17.87 -12.62
CA SER D 115 -22.49 -17.22 -13.68
C SER D 115 -23.94 -17.50 -13.27
N ILE D 116 -24.18 -18.73 -12.82
CA ILE D 116 -25.49 -19.14 -12.37
C ILE D 116 -25.87 -18.36 -11.12
N PHE D 117 -24.88 -18.07 -10.30
CA PHE D 117 -25.12 -17.32 -9.07
C PHE D 117 -25.59 -15.94 -9.48
N ASN D 118 -24.79 -15.26 -10.29
CA ASN D 118 -25.15 -13.93 -10.73
C ASN D 118 -26.52 -13.87 -11.38
N ARG D 119 -26.82 -14.80 -12.28
CA ARG D 119 -28.13 -14.78 -12.90
C ARG D 119 -29.20 -14.82 -11.83
N SER D 120 -29.02 -15.68 -10.84
CA SER D 120 -30.01 -15.79 -9.76
C SER D 120 -30.16 -14.47 -9.02
N ILE D 121 -29.06 -13.76 -8.82
CA ILE D 121 -29.12 -12.48 -8.13
C ILE D 121 -29.90 -11.50 -8.98
N ASP D 122 -29.60 -11.47 -10.27
CA ASP D 122 -30.30 -10.56 -11.17
C ASP D 122 -31.78 -10.91 -11.24
N ALA D 123 -32.06 -12.20 -11.38
CA ALA D 123 -33.44 -12.69 -11.47
C ALA D 123 -34.23 -12.37 -10.21
N PHE D 124 -33.53 -12.07 -9.12
CA PHE D 124 -34.19 -11.74 -7.88
C PHE D 124 -34.46 -10.24 -7.83
N LYS D 125 -33.54 -9.47 -8.41
CA LYS D 125 -33.69 -8.02 -8.43
C LYS D 125 -34.93 -7.59 -9.21
N ASP D 126 -35.16 -8.20 -10.36
CA ASP D 126 -36.33 -7.85 -11.16
C ASP D 126 -37.50 -8.79 -10.92
N PHE D 127 -37.44 -9.53 -9.82
CA PHE D 127 -38.52 -10.44 -9.45
C PHE D 127 -39.57 -9.60 -8.75
N MET D 128 -39.09 -8.59 -8.01
CA MET D 128 -39.96 -7.68 -7.27
C MET D 128 -40.60 -6.73 -8.27
N VAL D 129 -41.90 -6.50 -8.12
CA VAL D 129 -42.61 -5.59 -9.01
C VAL D 129 -42.34 -6.01 -10.45
N ALA D 130 -42.77 -7.21 -10.81
CA ALA D 130 -42.57 -7.70 -12.15
C ALA D 130 -43.73 -8.64 -12.41
N SER D 131 -44.18 -8.70 -13.66
CA SER D 131 -45.31 -9.54 -14.05
C SER D 131 -44.69 -10.94 -14.30
N ASP D 132 -45.19 -11.94 -13.58
CA ASP D 132 -44.70 -13.31 -13.61
C ASP D 132 -45.72 -14.32 -13.99
N THR D 133 -46.33 -14.26 -15.14
CA THR D 133 -47.24 -15.36 -15.24
C THR D 133 -47.22 -16.09 -16.55
N SER D 134 -46.26 -17.00 -16.63
CA SER D 134 -46.04 -17.83 -17.79
C SER D 134 -46.07 -19.27 -17.32
N ASP D 135 -46.13 -20.18 -18.29
CA ASP D 135 -46.18 -21.61 -18.01
C ASP D 135 -44.77 -22.14 -17.72
N CYS D 136 -44.63 -22.84 -16.59
CA CYS D 136 -43.34 -23.38 -16.22
C CYS D 136 -43.13 -24.77 -16.83
N VAL D 137 -43.73 -24.99 -17.99
CA VAL D 137 -43.59 -26.27 -18.70
C VAL D 137 -42.70 -26.05 -19.92
N LEU D 138 -41.89 -27.05 -20.23
CA LEU D 138 -40.97 -26.98 -21.36
C LEU D 138 -41.67 -26.65 -22.68
N SER D 139 -41.45 -25.43 -23.18
CA SER D 139 -42.05 -24.96 -24.43
C SER D 139 -41.01 -24.79 -25.54
N PRO E 12 29.97 48.90 -46.80
CA PRO E 12 29.63 48.44 -45.44
C PRO E 12 29.74 49.61 -44.44
N PRO E 13 28.88 49.61 -43.41
CA PRO E 13 28.90 50.67 -42.39
C PRO E 13 30.27 50.79 -41.76
N SER E 14 30.63 51.99 -41.34
CA SER E 14 31.94 52.21 -40.74
C SER E 14 31.79 52.65 -39.27
N ILE E 15 32.07 51.73 -38.34
CA ILE E 15 31.99 52.03 -36.91
C ILE E 15 33.27 52.73 -36.48
N HIS E 16 33.15 53.95 -35.90
CA HIS E 16 34.37 54.71 -35.48
C HIS E 16 35.28 53.90 -34.58
N PRO E 17 34.80 53.37 -33.46
CA PRO E 17 35.75 52.47 -32.79
C PRO E 17 36.15 51.34 -33.75
N ALA E 18 37.14 51.60 -34.59
CA ALA E 18 37.55 50.59 -35.58
C ALA E 18 38.26 49.37 -34.99
N GLN E 19 37.54 48.58 -34.25
CA GLN E 19 38.08 47.37 -33.66
C GLN E 19 36.95 46.39 -33.46
N SER E 20 37.25 45.11 -33.62
CA SER E 20 36.25 44.07 -33.44
C SER E 20 35.74 43.94 -32.01
N GLU E 21 36.62 44.22 -31.05
CA GLU E 21 36.27 44.14 -29.63
C GLU E 21 36.65 45.41 -28.90
N LEU E 22 35.85 45.78 -27.89
CA LEU E 22 36.12 46.97 -27.12
C LEU E 22 35.91 46.69 -25.65
N ILE E 23 36.84 47.11 -24.81
CA ILE E 23 36.71 46.89 -23.38
C ILE E 23 36.59 48.23 -22.66
N VAL E 24 35.35 48.56 -22.28
CA VAL E 24 35.07 49.79 -21.58
C VAL E 24 34.88 49.47 -20.10
N GLU E 25 35.09 50.46 -19.24
CA GLU E 25 34.96 50.28 -17.81
C GLU E 25 33.55 50.65 -17.31
N ALA E 26 33.00 49.85 -16.40
CA ALA E 26 31.67 50.12 -15.86
C ALA E 26 31.69 51.43 -15.08
N GLY E 27 30.75 52.32 -15.41
CA GLY E 27 30.69 53.61 -14.75
C GLY E 27 31.14 54.69 -15.71
N ASP E 28 32.07 54.31 -16.59
CA ASP E 28 32.62 55.23 -17.59
C ASP E 28 31.66 55.35 -18.77
N THR E 29 31.79 56.42 -19.53
CA THR E 29 30.91 56.63 -20.68
C THR E 29 31.28 55.69 -21.83
N LEU E 30 30.27 55.20 -22.53
CA LEU E 30 30.47 54.28 -23.65
C LEU E 30 29.81 54.84 -24.91
N SER E 31 30.63 55.19 -25.91
CA SER E 31 30.11 55.76 -27.14
C SER E 31 30.52 55.05 -28.43
N LEU E 32 29.50 54.69 -29.21
CA LEU E 32 29.70 54.03 -30.49
C LEU E 32 29.18 54.97 -31.56
N THR E 33 29.82 54.97 -32.72
CA THR E 33 29.41 55.83 -33.80
C THR E 33 29.69 55.14 -35.12
N CYS E 34 28.67 55.03 -35.98
CA CYS E 34 28.92 54.43 -37.27
C CYS E 34 28.47 55.38 -38.36
N ILE E 35 29.37 55.62 -39.30
CA ILE E 35 29.12 56.55 -40.40
C ILE E 35 28.66 55.85 -41.67
N ASP E 36 27.51 56.27 -42.17
CA ASP E 36 26.93 55.73 -43.39
C ASP E 36 25.83 56.67 -43.87
N PRO E 37 25.83 57.02 -45.16
CA PRO E 37 24.83 57.92 -45.76
C PRO E 37 23.43 57.31 -45.71
N ASP E 38 23.39 55.98 -45.72
CA ASP E 38 22.13 55.22 -45.69
C ASP E 38 21.93 54.53 -44.33
N PHE E 39 22.30 55.23 -43.26
CA PHE E 39 22.16 54.70 -41.91
C PHE E 39 20.69 54.60 -41.51
N VAL E 40 20.36 53.56 -40.75
CA VAL E 40 18.99 53.34 -40.31
C VAL E 40 18.91 53.34 -38.78
N ARG E 41 19.45 52.29 -38.17
CA ARG E 41 19.43 52.19 -36.71
C ARG E 41 20.54 51.31 -36.15
N TRP E 42 20.74 51.43 -34.84
CA TRP E 42 21.72 50.64 -34.12
C TRP E 42 20.97 49.47 -33.50
N THR E 43 21.63 48.34 -33.34
CA THR E 43 21.02 47.15 -32.76
C THR E 43 21.89 46.57 -31.64
N PHE E 44 21.25 46.11 -30.57
CA PHE E 44 21.98 45.52 -29.43
C PHE E 44 21.25 44.34 -28.80
N LYS E 45 21.90 43.18 -28.78
CA LYS E 45 21.29 42.00 -28.18
C LYS E 45 21.55 41.98 -26.69
N THR E 46 20.46 41.89 -25.91
CA THR E 46 20.54 41.87 -24.45
C THR E 46 20.76 40.42 -24.00
N TYR E 47 21.21 40.27 -22.75
CA TYR E 47 21.47 38.96 -22.17
C TYR E 47 20.23 38.10 -22.38
N PHE E 48 19.07 38.70 -22.15
CA PHE E 48 17.79 38.05 -22.35
C PHE E 48 17.54 38.47 -23.79
N ASN E 49 17.43 37.50 -24.69
CA ASN E 49 17.25 37.82 -26.09
C ASN E 49 16.26 38.93 -26.42
N GLU E 50 16.74 40.18 -26.39
CA GLU E 50 15.93 41.36 -26.70
C GLU E 50 16.77 42.30 -27.56
N MET E 51 16.11 43.06 -28.44
CA MET E 51 16.83 43.99 -29.32
C MET E 51 16.63 45.45 -28.95
N VAL E 52 17.65 46.09 -28.39
CA VAL E 52 17.57 47.49 -28.04
C VAL E 52 17.92 48.29 -29.28
N GLU E 53 17.08 49.29 -29.59
CA GLU E 53 17.26 50.09 -30.78
C GLU E 53 17.56 51.57 -30.55
N ASN E 54 18.39 52.14 -31.42
CA ASN E 54 18.75 53.55 -31.36
C ASN E 54 18.85 54.05 -32.79
N LYS E 55 18.10 55.10 -33.11
CA LYS E 55 18.08 55.65 -34.46
C LYS E 55 19.03 56.82 -34.68
N LYS E 56 20.06 56.93 -33.85
CA LYS E 56 21.04 58.02 -33.96
C LYS E 56 22.41 57.50 -34.39
N ASN E 57 23.15 58.31 -35.14
CA ASN E 57 24.48 57.92 -35.60
C ASN E 57 25.39 57.54 -34.44
N GLU E 58 25.38 58.36 -33.39
CA GLU E 58 26.22 58.07 -32.23
C GLU E 58 25.38 57.64 -31.03
N TRP E 59 25.78 56.52 -30.43
CA TRP E 59 25.09 55.97 -29.28
C TRP E 59 25.90 56.25 -28.01
N ILE E 60 25.46 57.23 -27.24
CA ILE E 60 26.14 57.58 -26.01
C ILE E 60 25.53 56.83 -24.83
N GLN E 61 26.40 56.26 -24.00
CA GLN E 61 25.97 55.51 -22.83
C GLN E 61 26.68 56.05 -21.60
N GLU E 62 26.04 56.96 -20.88
CA GLU E 62 26.65 57.53 -19.69
C GLU E 62 26.56 56.48 -18.59
N LYS E 63 27.58 56.41 -17.74
CA LYS E 63 27.61 55.46 -16.64
C LYS E 63 27.21 54.06 -17.11
N ALA E 64 27.95 53.52 -18.07
CA ALA E 64 27.69 52.21 -18.65
C ALA E 64 27.61 51.08 -17.63
N GLU E 65 26.53 50.29 -17.74
CA GLU E 65 26.28 49.16 -16.84
C GLU E 65 26.78 47.84 -17.44
N ALA E 66 27.13 46.90 -16.58
CA ALA E 66 27.62 45.60 -17.01
C ALA E 66 26.65 44.92 -17.99
N THR E 67 25.36 45.15 -17.78
CA THR E 67 24.33 44.56 -18.61
C THR E 67 24.39 44.97 -20.07
N ARG E 68 25.07 46.07 -20.35
CA ARG E 68 25.22 46.57 -21.70
C ARG E 68 26.29 45.84 -22.50
N THR E 69 26.88 44.81 -21.89
CA THR E 69 27.89 44.02 -22.56
C THR E 69 27.20 43.28 -23.69
N GLY E 70 27.90 43.07 -24.80
CA GLY E 70 27.29 42.37 -25.91
C GLY E 70 27.71 42.93 -27.25
N THR E 71 27.13 42.39 -28.32
CA THR E 71 27.45 42.83 -29.66
C THR E 71 26.51 43.89 -30.20
N TYR E 72 27.09 45.00 -30.64
CA TYR E 72 26.35 46.13 -31.21
C TYR E 72 26.46 46.12 -32.73
N THR E 73 25.32 46.13 -33.41
CA THR E 73 25.29 46.12 -34.87
C THR E 73 24.70 47.39 -35.48
N CYS E 74 25.41 47.92 -36.47
CA CYS E 74 25.01 49.13 -37.19
C CYS E 74 24.32 48.62 -38.46
N SER E 75 23.08 49.07 -38.66
CA SER E 75 22.28 48.65 -39.81
C SER E 75 22.26 49.64 -40.97
N ASN E 76 22.23 49.10 -42.18
CA ASN E 76 22.25 49.90 -43.41
C ASN E 76 20.93 49.76 -44.19
N SER E 77 20.59 50.82 -44.91
CA SER E 77 19.36 50.83 -45.70
C SER E 77 19.49 49.93 -46.93
N ASN E 78 20.72 49.67 -47.34
CA ASN E 78 20.98 48.82 -48.49
C ASN E 78 20.90 47.36 -48.09
N GLY E 79 21.12 47.09 -46.80
CA GLY E 79 21.04 45.72 -46.31
C GLY E 79 22.36 45.20 -45.78
N LEU E 80 23.29 46.10 -45.49
CA LEU E 80 24.60 45.72 -44.97
C LEU E 80 24.70 45.95 -43.47
N THR E 81 25.53 45.15 -42.80
CA THR E 81 25.71 45.27 -41.36
C THR E 81 27.17 45.19 -40.92
N SER E 82 27.47 45.87 -39.82
CA SER E 82 28.81 45.88 -39.24
C SER E 82 28.67 45.85 -37.72
N SER E 83 29.28 44.86 -37.08
CA SER E 83 29.17 44.73 -35.63
C SER E 83 30.46 44.93 -34.84
N ILE E 84 30.31 45.26 -33.57
CA ILE E 84 31.44 45.45 -32.64
C ILE E 84 31.02 44.95 -31.27
N TYR E 85 31.79 44.02 -30.71
CA TYR E 85 31.47 43.47 -29.39
C TYR E 85 32.07 44.32 -28.29
N VAL E 86 31.23 44.77 -27.35
CA VAL E 86 31.71 45.61 -26.25
C VAL E 86 31.67 44.92 -24.90
N PHE E 87 32.76 45.04 -24.16
CA PHE E 87 32.85 44.45 -22.84
C PHE E 87 32.78 45.57 -21.81
N VAL E 88 31.77 45.55 -20.95
CA VAL E 88 31.67 46.59 -19.92
C VAL E 88 32.13 45.92 -18.62
N ARG E 89 33.42 46.02 -18.33
CA ARG E 89 34.01 45.40 -17.15
C ARG E 89 33.46 45.83 -15.80
N ASP E 90 33.00 44.84 -15.03
CA ASP E 90 32.47 45.06 -13.69
C ASP E 90 33.11 43.96 -12.85
N PRO E 91 33.78 44.36 -11.76
CA PRO E 91 34.48 43.50 -10.80
C PRO E 91 33.53 42.79 -9.85
N ALA E 92 32.38 43.41 -9.61
CA ALA E 92 31.36 42.85 -8.72
C ALA E 92 30.56 41.84 -9.52
N LYS E 93 30.14 42.24 -10.72
CA LYS E 93 29.37 41.35 -11.59
C LYS E 93 30.25 40.93 -12.77
N LEU E 94 30.97 39.83 -12.61
CA LEU E 94 31.83 39.32 -13.66
C LEU E 94 31.04 38.51 -14.68
N PHE E 95 30.13 37.67 -14.20
CA PHE E 95 29.30 36.83 -15.06
C PHE E 95 27.91 37.45 -15.20
N LEU E 96 27.32 37.38 -16.39
CA LEU E 96 25.98 37.91 -16.54
C LEU E 96 25.08 36.71 -16.33
N VAL E 97 24.24 36.77 -15.30
CA VAL E 97 23.37 35.65 -14.99
C VAL E 97 21.91 36.09 -14.86
N GLY E 98 21.00 35.14 -15.04
CA GLY E 98 19.58 35.44 -14.93
C GLY E 98 18.66 34.43 -15.60
N LEU E 99 19.18 33.69 -16.58
CA LEU E 99 18.37 32.72 -17.30
C LEU E 99 18.49 31.26 -16.84
N PRO E 100 17.45 30.45 -17.11
CA PRO E 100 17.41 29.03 -16.75
C PRO E 100 18.37 28.23 -17.63
N LEU E 101 18.48 26.93 -17.40
CA LEU E 101 19.38 26.11 -18.21
C LEU E 101 18.66 24.92 -18.83
N PHE E 102 18.44 25.00 -20.13
CA PHE E 102 17.76 23.93 -20.84
C PHE E 102 18.65 23.28 -21.88
N GLY E 103 18.32 22.05 -22.24
CA GLY E 103 19.11 21.34 -23.23
C GLY E 103 18.43 20.07 -23.72
N LYS E 104 18.48 19.83 -25.03
CA LYS E 104 17.87 18.64 -25.62
C LYS E 104 18.86 17.49 -25.54
N GLU E 105 18.34 16.27 -25.36
CA GLU E 105 19.20 15.09 -25.28
C GLU E 105 19.93 14.86 -26.58
N ASP E 106 21.24 14.60 -26.48
CA ASP E 106 22.08 14.35 -27.64
C ASP E 106 22.38 15.64 -28.41
N SER E 107 22.06 16.78 -27.79
CA SER E 107 22.30 18.08 -28.41
C SER E 107 23.16 18.91 -27.45
N ASP E 108 23.20 20.22 -27.63
CA ASP E 108 23.99 21.05 -26.75
C ASP E 108 23.15 21.86 -25.76
N ALA E 109 23.81 22.46 -24.78
CA ALA E 109 23.14 23.25 -23.76
C ALA E 109 24.02 24.42 -23.33
N LEU E 110 23.68 25.63 -23.77
CA LEU E 110 24.49 26.80 -23.45
C LEU E 110 24.24 27.32 -22.05
N VAL E 111 25.29 27.30 -21.23
CA VAL E 111 25.20 27.83 -19.89
C VAL E 111 25.45 29.31 -20.08
N ARG E 112 24.37 30.07 -20.18
CA ARG E 112 24.46 31.51 -20.40
C ARG E 112 25.08 32.30 -19.24
N CYS E 113 26.41 32.40 -19.23
CA CYS E 113 27.12 33.14 -18.18
C CYS E 113 28.25 33.95 -18.79
N PRO E 114 27.96 34.75 -19.82
CA PRO E 114 29.01 35.57 -20.45
C PRO E 114 29.74 36.41 -19.42
N LEU E 115 31.01 36.69 -19.66
CA LEU E 115 31.75 37.49 -18.70
C LEU E 115 31.87 38.95 -19.14
N THR E 116 32.12 39.82 -18.17
CA THR E 116 32.27 41.24 -18.43
C THR E 116 33.75 41.61 -18.48
N ASP E 117 34.60 40.65 -18.14
CA ASP E 117 36.04 40.87 -18.13
C ASP E 117 36.65 39.72 -18.91
N PRO E 118 37.18 40.00 -20.10
CA PRO E 118 37.80 38.97 -20.93
C PRO E 118 39.22 38.68 -20.50
N GLN E 119 39.76 39.55 -19.65
CA GLN E 119 41.11 39.41 -19.16
C GLN E 119 41.18 38.50 -17.95
N VAL E 120 40.79 37.24 -18.14
CA VAL E 120 40.82 36.24 -17.07
C VAL E 120 41.18 34.90 -17.67
N SER E 121 41.65 33.97 -16.83
CA SER E 121 42.06 32.66 -17.31
C SER E 121 41.24 31.52 -16.70
N GLN E 122 41.39 30.33 -17.26
CA GLN E 122 40.70 29.15 -16.76
C GLN E 122 39.17 29.23 -16.77
N TYR E 123 38.59 29.95 -17.74
CA TYR E 123 37.14 30.08 -17.82
C TYR E 123 36.52 28.72 -18.10
N SER E 124 35.98 28.10 -17.06
CA SER E 124 35.41 26.77 -17.18
C SER E 124 34.14 26.55 -16.35
N LEU E 125 33.65 25.30 -16.40
CA LEU E 125 32.45 24.92 -15.64
C LEU E 125 32.87 24.05 -14.47
N ILE E 126 32.21 24.23 -13.34
CA ILE E 126 32.49 23.44 -12.14
C ILE E 126 31.14 23.06 -11.51
N GLU E 127 31.12 22.01 -10.71
CA GLU E 127 29.92 21.55 -10.02
C GLU E 127 29.53 22.63 -9.02
N CYS E 128 28.26 23.01 -8.98
CA CYS E 128 27.90 24.10 -8.10
C CYS E 128 28.20 23.94 -6.60
N ASP E 129 28.44 22.71 -6.14
CA ASP E 129 28.77 22.52 -4.73
C ASP E 129 30.20 22.05 -4.53
N GLY E 130 31.01 22.11 -5.58
CA GLY E 130 32.40 21.71 -5.49
C GLY E 130 32.72 20.25 -5.76
N LYS E 131 31.71 19.45 -6.05
CA LYS E 131 31.90 18.02 -6.33
C LYS E 131 32.49 17.80 -7.72
N SER E 132 32.60 16.54 -8.09
CA SER E 132 33.17 16.15 -9.38
C SER E 132 32.09 16.09 -10.47
N LEU E 133 32.45 16.60 -11.65
CA LEU E 133 31.54 16.59 -12.79
C LEU E 133 31.59 15.23 -13.46
N PRO E 134 30.49 14.83 -14.14
CA PRO E 134 30.44 13.55 -14.81
C PRO E 134 31.68 13.30 -15.65
N THR E 135 32.06 12.03 -15.77
CA THR E 135 33.24 11.65 -16.53
C THR E 135 33.16 12.01 -18.01
N ASP E 136 32.02 11.75 -18.64
CA ASP E 136 31.85 12.05 -20.07
C ASP E 136 31.31 13.45 -20.36
N LEU E 137 31.28 14.31 -19.36
CA LEU E 137 30.76 15.66 -19.56
C LEU E 137 31.82 16.53 -20.25
N THR E 138 31.48 17.06 -21.41
CA THR E 138 32.41 17.91 -22.17
C THR E 138 31.81 19.29 -22.40
N PHE E 139 32.60 20.33 -22.16
CA PHE E 139 32.11 21.70 -22.36
C PHE E 139 33.06 22.56 -23.19
N VAL E 140 32.50 23.60 -23.80
CA VAL E 140 33.26 24.51 -24.65
C VAL E 140 33.04 25.97 -24.27
N PRO E 141 34.03 26.62 -23.63
CA PRO E 141 33.96 28.02 -23.20
C PRO E 141 33.86 29.03 -24.34
N ASN E 142 33.13 30.12 -24.08
CA ASN E 142 32.96 31.19 -25.06
C ASN E 142 32.58 32.50 -24.38
N PRO E 143 33.58 33.35 -24.13
CA PRO E 143 33.41 34.65 -23.48
C PRO E 143 32.21 35.50 -23.93
N LYS E 144 31.83 35.39 -25.20
CA LYS E 144 30.73 36.20 -25.73
C LYS E 144 29.33 35.60 -25.55
N ALA E 145 29.25 34.34 -25.15
CA ALA E 145 27.96 33.70 -24.97
C ALA E 145 27.83 32.95 -23.64
N GLY E 146 28.85 32.13 -23.35
CA GLY E 146 28.82 31.36 -22.12
C GLY E 146 29.52 30.05 -22.37
N ILE E 147 29.27 29.06 -21.52
CA ILE E 147 29.91 27.77 -21.67
C ILE E 147 28.87 26.76 -22.16
N THR E 148 29.16 26.14 -23.29
CA THR E 148 28.26 25.17 -23.90
C THR E 148 28.56 23.75 -23.44
N ILE E 149 27.53 23.01 -23.09
CA ILE E 149 27.71 21.63 -22.69
C ILE E 149 27.48 20.80 -23.92
N LYS E 150 28.45 19.95 -24.21
CA LYS E 150 28.38 19.11 -25.38
C LYS E 150 27.68 17.79 -25.08
N ASN E 151 26.92 17.31 -26.06
CA ASN E 151 26.20 16.04 -25.99
C ASN E 151 25.53 15.74 -24.68
N VAL E 152 24.36 16.35 -24.50
CA VAL E 152 23.56 16.17 -23.28
C VAL E 152 22.89 14.81 -23.17
N LYS E 153 23.00 14.21 -21.98
CA LYS E 153 22.43 12.90 -21.70
C LYS E 153 21.36 13.00 -20.62
N ARG E 154 20.56 11.96 -20.46
CA ARG E 154 19.52 11.98 -19.44
C ARG E 154 20.12 11.95 -18.03
N ALA E 155 21.34 11.45 -17.91
CA ALA E 155 21.98 11.35 -16.61
C ALA E 155 22.38 12.72 -16.07
N TYR E 156 22.33 13.74 -16.93
CA TYR E 156 22.70 15.08 -16.48
C TYR E 156 21.48 15.85 -15.99
N HIS E 157 20.29 15.35 -16.34
CA HIS E 157 19.08 15.96 -15.81
C HIS E 157 19.30 16.30 -14.35
N ARG E 158 19.01 17.55 -14.03
CA ARG E 158 19.09 18.21 -12.69
C ARG E 158 20.48 18.40 -12.10
N LEU E 159 21.43 18.66 -13.00
CA LEU E 159 22.85 18.93 -12.63
C LEU E 159 23.04 20.43 -12.42
N CYS E 160 23.59 20.87 -11.28
CA CYS E 160 23.77 22.31 -11.09
C CYS E 160 25.25 22.61 -11.33
N VAL E 161 25.52 23.65 -12.11
CA VAL E 161 26.88 24.01 -12.42
C VAL E 161 27.10 25.49 -12.16
N ARG E 162 28.36 25.87 -12.09
CA ARG E 162 28.72 27.25 -11.87
C ARG E 162 29.84 27.55 -12.83
N CYS E 163 29.86 28.77 -13.34
CA CYS E 163 30.92 29.16 -14.26
C CYS E 163 32.02 29.70 -13.36
N ALA E 164 33.26 29.28 -13.61
CA ALA E 164 34.39 29.73 -12.82
C ALA E 164 35.40 30.34 -13.76
N ALA E 165 36.24 31.21 -13.20
CA ALA E 165 37.27 31.88 -13.96
C ALA E 165 38.24 32.47 -12.94
N GLN E 166 39.53 32.39 -13.25
CA GLN E 166 40.55 32.93 -12.35
C GLN E 166 40.85 34.37 -12.72
N ARG E 167 40.69 35.27 -11.77
CA ARG E 167 40.93 36.69 -12.02
C ARG E 167 42.06 37.22 -11.14
N ASP E 168 43.26 37.23 -11.71
CA ASP E 168 44.46 37.70 -11.01
C ASP E 168 44.88 36.76 -9.90
N GLY E 169 44.75 35.47 -10.15
CA GLY E 169 45.13 34.48 -9.15
C GLY E 169 43.97 33.95 -8.35
N THR E 170 43.01 34.81 -8.04
CA THR E 170 41.85 34.41 -7.26
C THR E 170 40.74 33.83 -8.13
N TRP E 171 39.99 32.88 -7.57
CA TRP E 171 38.89 32.26 -8.29
C TRP E 171 37.56 32.96 -8.01
N LEU E 172 36.72 33.02 -9.02
CA LEU E 172 35.40 33.63 -8.90
C LEU E 172 34.36 32.68 -9.51
N HIS E 173 33.20 32.60 -8.88
CA HIS E 173 32.12 31.73 -9.33
C HIS E 173 30.85 32.50 -9.66
N SER E 174 30.03 31.94 -10.54
CA SER E 174 28.77 32.56 -10.92
C SER E 174 27.67 31.91 -10.09
N ASP E 175 26.42 32.32 -10.30
CA ASP E 175 25.32 31.74 -9.56
C ASP E 175 25.07 30.31 -10.04
N LYS E 176 24.19 29.60 -9.34
CA LYS E 176 23.86 28.24 -9.69
C LYS E 176 23.01 28.11 -10.93
N PHE E 177 23.43 27.24 -11.83
CA PHE E 177 22.71 26.97 -13.06
C PHE E 177 22.28 25.50 -12.96
N THR E 178 21.00 25.25 -12.81
CA THR E 178 20.53 23.86 -12.72
C THR E 178 19.98 23.43 -14.08
N LEU E 179 20.70 22.53 -14.73
CA LEU E 179 20.32 22.00 -16.04
C LEU E 179 19.03 21.20 -16.05
N LYS E 180 18.16 21.49 -17.01
CA LYS E 180 16.90 20.76 -17.18
C LYS E 180 16.97 20.22 -18.60
N VAL E 181 16.94 18.90 -18.73
CA VAL E 181 17.08 18.30 -20.06
C VAL E 181 15.78 17.83 -20.70
N ARG E 182 15.69 18.04 -22.00
CA ARG E 182 14.54 17.62 -22.79
C ARG E 182 14.85 16.23 -23.30
N GLU E 183 13.89 15.35 -23.21
CA GLU E 183 14.10 14.00 -23.68
C GLU E 183 14.12 13.92 -25.20
N ALA E 184 15.09 13.17 -25.73
CA ALA E 184 15.15 12.96 -27.17
C ALA E 184 14.19 11.79 -27.24
N ILE E 185 13.18 11.88 -28.09
CA ILE E 185 12.19 10.81 -28.14
C ILE E 185 12.65 9.73 -29.11
N LYS E 186 12.91 8.54 -28.56
CA LYS E 186 13.37 7.41 -29.35
C LYS E 186 12.74 6.07 -28.93
N ALA E 187 11.49 6.11 -28.47
CA ALA E 187 10.83 4.89 -28.06
C ALA E 187 9.34 4.95 -28.35
N ILE E 188 8.77 3.79 -28.59
CA ILE E 188 7.35 3.69 -28.87
C ILE E 188 6.61 3.83 -27.53
N PRO E 189 5.43 4.46 -27.54
CA PRO E 189 4.61 4.65 -26.33
C PRO E 189 4.20 3.33 -25.72
N VAL E 190 3.72 3.35 -24.49
CA VAL E 190 3.28 2.13 -23.83
C VAL E 190 1.81 2.25 -23.44
N VAL E 191 0.99 1.40 -24.02
CA VAL E 191 -0.44 1.44 -23.76
C VAL E 191 -0.90 0.17 -23.06
N SER E 192 -1.87 0.32 -22.16
CA SER E 192 -2.38 -0.82 -21.40
C SER E 192 -3.82 -0.62 -20.96
N VAL E 193 -4.59 -1.70 -21.00
CA VAL E 193 -5.99 -1.65 -20.59
C VAL E 193 -6.26 -2.87 -19.70
N PRO E 194 -6.94 -2.65 -18.56
CA PRO E 194 -7.29 -3.69 -17.60
C PRO E 194 -7.92 -4.93 -18.21
N GLU E 195 -9.15 -4.79 -18.68
CA GLU E 195 -9.87 -5.92 -19.28
C GLU E 195 -9.69 -6.08 -20.77
N THR E 196 -9.81 -7.31 -21.23
CA THR E 196 -9.66 -7.62 -22.65
C THR E 196 -11.04 -7.63 -23.32
N SER E 197 -12.05 -8.03 -22.56
CA SER E 197 -13.42 -8.09 -23.07
C SER E 197 -14.44 -8.12 -21.94
N HIS E 198 -15.54 -7.39 -22.11
CA HIS E 198 -16.60 -7.35 -21.12
C HIS E 198 -17.90 -6.84 -21.77
N LEU E 199 -19.04 -7.27 -21.22
CA LEU E 199 -20.33 -6.88 -21.75
C LEU E 199 -21.43 -6.79 -20.70
N LEU E 200 -22.40 -5.90 -20.96
CA LEU E 200 -23.54 -5.68 -20.06
C LEU E 200 -24.80 -5.39 -20.88
N LYS E 201 -25.93 -5.25 -20.21
CA LYS E 201 -27.19 -4.97 -20.88
C LYS E 201 -27.39 -3.47 -21.12
N LYS E 202 -28.33 -3.12 -21.99
CA LYS E 202 -28.60 -1.72 -22.30
C LYS E 202 -29.05 -0.91 -21.09
N GLY E 203 -28.68 0.37 -21.06
CA GLY E 203 -29.03 1.23 -19.96
C GLY E 203 -27.88 1.40 -19.00
N ASP E 204 -27.20 0.30 -18.71
CA ASP E 204 -26.07 0.30 -17.80
C ASP E 204 -24.87 1.02 -18.42
N THR E 205 -24.26 1.93 -17.66
CA THR E 205 -23.11 2.68 -18.16
C THR E 205 -21.80 1.94 -17.89
N PHE E 206 -20.84 2.06 -18.82
CA PHE E 206 -19.56 1.40 -18.65
C PHE E 206 -18.39 2.37 -18.81
N THR E 207 -17.30 2.09 -18.12
CA THR E 207 -16.12 2.93 -18.19
C THR E 207 -14.85 2.11 -18.38
N VAL E 208 -14.01 2.60 -19.29
CA VAL E 208 -12.76 1.93 -19.60
C VAL E 208 -11.64 2.97 -19.48
N VAL E 209 -10.64 2.66 -18.65
CA VAL E 209 -9.52 3.57 -18.44
C VAL E 209 -8.27 3.08 -19.15
N CYS E 210 -7.80 3.84 -20.14
CA CYS E 210 -6.60 3.47 -20.86
C CYS E 210 -5.39 4.18 -20.25
N THR E 211 -4.30 3.43 -20.04
CA THR E 211 -3.10 3.99 -19.43
C THR E 211 -1.93 4.13 -20.39
N ILE E 212 -1.58 5.37 -20.71
CA ILE E 212 -0.47 5.67 -21.62
C ILE E 212 0.79 6.05 -20.83
N LYS E 213 1.94 5.48 -21.19
CA LYS E 213 3.18 5.81 -20.52
C LYS E 213 4.22 6.26 -21.53
N ASP E 214 5.01 7.26 -21.19
CA ASP E 214 6.04 7.76 -22.10
C ASP E 214 6.98 8.74 -21.38
N VAL E 215 8.05 9.14 -22.05
CA VAL E 215 9.02 10.04 -21.45
C VAL E 215 8.71 11.54 -21.53
N SER E 216 7.68 11.94 -22.27
CA SER E 216 7.35 13.36 -22.37
C SER E 216 5.84 13.56 -22.34
N THR E 217 5.39 14.81 -22.28
CA THR E 217 3.95 15.09 -22.25
C THR E 217 3.43 15.23 -23.68
N SER E 218 4.34 15.21 -24.64
CA SER E 218 4.00 15.37 -26.04
C SER E 218 3.20 14.25 -26.70
N VAL E 219 3.03 13.12 -26.02
CA VAL E 219 2.26 12.01 -26.61
C VAL E 219 0.82 12.34 -26.95
N ASN E 220 0.40 11.92 -28.14
CA ASN E 220 -0.97 12.13 -28.54
C ASN E 220 -1.68 10.82 -28.28
N SER E 221 -2.72 10.85 -27.46
CA SER E 221 -3.47 9.63 -27.17
C SER E 221 -4.92 9.86 -27.54
N MET E 222 -5.65 8.80 -27.83
CA MET E 222 -7.05 8.91 -28.20
C MET E 222 -7.81 7.60 -28.14
N TRP E 223 -9.13 7.70 -28.06
CA TRP E 223 -10.00 6.52 -27.99
C TRP E 223 -10.76 6.34 -29.31
N LEU E 224 -10.81 5.10 -29.80
CA LEU E 224 -11.49 4.81 -31.06
C LEU E 224 -12.66 3.85 -30.95
N LYS E 225 -13.58 3.96 -31.90
CA LYS E 225 -14.75 3.09 -31.99
C LYS E 225 -14.75 2.51 -33.38
N MET E 226 -14.06 1.38 -33.55
CA MET E 226 -13.97 0.75 -34.85
C MET E 226 -14.97 -0.37 -35.13
N ASN E 227 -16.01 -0.05 -35.89
CA ASN E 227 -17.04 -0.99 -36.27
C ASN E 227 -17.07 -0.95 -37.80
N PRO E 228 -17.47 0.19 -38.39
CA PRO E 228 -17.48 0.24 -39.86
C PRO E 228 -16.09 0.69 -40.26
N GLN E 229 -15.52 1.55 -39.43
CA GLN E 229 -14.18 2.10 -39.62
C GLN E 229 -13.77 2.76 -38.30
N PRO E 230 -12.46 2.87 -38.05
CA PRO E 230 -11.99 3.49 -36.81
C PRO E 230 -12.50 4.92 -36.64
N GLN E 231 -13.50 5.10 -35.79
CA GLN E 231 -14.08 6.42 -35.52
C GLN E 231 -13.53 6.96 -34.20
N HIS E 232 -13.38 8.29 -34.11
CA HIS E 232 -12.87 8.90 -32.90
C HIS E 232 -13.96 9.56 -32.07
N ILE E 233 -13.93 9.33 -30.77
CA ILE E 233 -14.92 9.91 -29.86
C ILE E 233 -14.30 11.00 -28.99
N ALA E 234 -15.02 12.12 -28.86
CA ALA E 234 -14.56 13.27 -28.09
C ALA E 234 -14.89 13.23 -26.60
N GLN E 235 -15.86 12.41 -26.22
CA GLN E 235 -16.26 12.31 -24.82
C GLN E 235 -15.30 11.45 -24.01
N VAL E 236 -14.13 12.00 -23.72
CA VAL E 236 -13.11 11.29 -22.95
C VAL E 236 -12.47 12.19 -21.88
N LYS E 237 -12.38 11.69 -20.65
CA LYS E 237 -11.77 12.44 -19.54
C LYS E 237 -10.25 12.28 -19.56
N HIS E 238 -9.56 13.40 -19.46
CA HIS E 238 -8.10 13.38 -19.45
C HIS E 238 -7.56 13.50 -18.03
N ASN E 239 -6.48 12.77 -17.76
CA ASN E 239 -5.82 12.79 -16.46
C ASN E 239 -4.35 12.48 -16.70
N SER E 240 -3.48 13.36 -16.21
CA SER E 240 -2.05 13.19 -16.40
C SER E 240 -1.22 13.37 -15.13
N TRP E 241 -0.13 12.61 -15.03
CA TRP E 241 0.75 12.69 -13.86
C TRP E 241 2.20 12.49 -14.25
N HIS E 242 3.11 13.14 -13.51
CA HIS E 242 4.55 12.99 -13.76
C HIS E 242 5.00 12.01 -12.68
N ARG E 243 5.20 10.75 -13.06
CA ARG E 243 5.58 9.72 -12.10
C ARG E 243 7.05 9.76 -11.71
N GLY E 244 7.90 10.24 -12.61
CA GLY E 244 9.32 10.31 -12.30
C GLY E 244 10.02 11.21 -13.29
N ASP E 245 11.36 11.21 -13.29
CA ASP E 245 12.07 12.08 -14.21
C ASP E 245 11.65 11.92 -15.67
N PHE E 246 11.66 10.70 -16.18
CA PHE E 246 11.23 10.54 -17.55
C PHE E 246 10.08 9.55 -17.65
N ASN E 247 9.18 9.64 -16.67
CA ASN E 247 8.02 8.78 -16.57
C ASN E 247 6.75 9.63 -16.55
N TYR E 248 6.13 9.80 -17.71
CA TYR E 248 4.89 10.56 -17.85
C TYR E 248 3.77 9.53 -17.96
N GLU E 249 2.62 9.81 -17.37
CA GLU E 249 1.49 8.89 -17.44
C GLU E 249 0.19 9.63 -17.68
N ARG E 250 -0.61 9.15 -18.64
CA ARG E 250 -1.89 9.76 -18.94
C ARG E 250 -2.96 8.70 -18.89
N GLN E 251 -4.10 9.02 -18.29
CA GLN E 251 -5.17 8.05 -18.20
C GLN E 251 -6.41 8.51 -18.93
N GLU E 252 -6.62 7.89 -20.08
CA GLU E 252 -7.75 8.20 -20.94
C GLU E 252 -8.96 7.37 -20.50
N THR E 253 -9.99 8.06 -20.03
CA THR E 253 -11.21 7.41 -19.54
C THR E 253 -12.38 7.55 -20.50
N LEU E 254 -12.83 6.41 -21.04
CA LEU E 254 -13.95 6.38 -21.97
C LEU E 254 -15.25 6.06 -21.24
N THR E 255 -16.19 7.00 -21.26
CA THR E 255 -17.46 6.81 -20.58
C THR E 255 -18.65 7.01 -21.49
N ILE E 256 -19.53 6.03 -21.49
CA ILE E 256 -20.74 6.05 -22.31
C ILE E 256 -21.97 5.84 -21.41
N SER E 257 -22.84 6.83 -21.36
CA SER E 257 -24.05 6.76 -20.55
C SER E 257 -25.19 6.07 -21.32
N SER E 258 -25.85 5.14 -20.65
CA SER E 258 -26.97 4.38 -21.24
C SER E 258 -26.56 3.68 -22.53
N ALA E 259 -25.95 2.51 -22.38
CA ALA E 259 -25.50 1.72 -23.51
C ALA E 259 -26.64 1.28 -24.41
N ARG E 260 -26.34 1.04 -25.69
CA ARG E 260 -27.33 0.62 -26.66
C ARG E 260 -26.77 -0.45 -27.60
N VAL E 261 -27.57 -0.80 -28.61
CA VAL E 261 -27.16 -1.79 -29.59
C VAL E 261 -26.16 -1.13 -30.53
N ASP E 262 -26.33 0.18 -30.72
CA ASP E 262 -25.47 0.98 -31.59
C ASP E 262 -24.06 1.04 -31.01
N ASP E 263 -23.98 1.16 -29.69
CA ASP E 263 -22.71 1.23 -28.99
C ASP E 263 -22.21 -0.16 -28.62
N SER E 264 -21.59 -0.83 -29.59
CA SER E 264 -21.07 -2.16 -29.37
C SER E 264 -19.98 -2.50 -30.39
N GLY E 265 -18.98 -3.26 -29.96
CA GLY E 265 -17.90 -3.62 -30.86
C GLY E 265 -16.52 -3.57 -30.22
N VAL E 266 -15.51 -3.33 -31.04
CA VAL E 266 -14.13 -3.27 -30.55
C VAL E 266 -13.66 -1.83 -30.44
N PHE E 267 -13.07 -1.50 -29.30
CA PHE E 267 -12.56 -0.16 -29.05
C PHE E 267 -11.04 -0.18 -28.96
N MET E 268 -10.39 0.74 -29.65
CA MET E 268 -8.93 0.80 -29.62
C MET E 268 -8.42 2.07 -28.98
N CYS E 269 -7.33 1.93 -28.22
CA CYS E 269 -6.70 3.07 -27.57
C CYS E 269 -5.40 3.30 -28.34
N TYR E 270 -5.38 4.35 -29.14
CA TYR E 270 -4.19 4.68 -29.94
C TYR E 270 -3.42 5.83 -29.31
N ALA E 271 -2.09 5.71 -29.35
CA ALA E 271 -1.19 6.74 -28.80
C ALA E 271 0.07 6.74 -29.64
N ASN E 272 0.38 7.87 -30.25
CA ASN E 272 1.57 7.94 -31.08
C ASN E 272 2.59 8.99 -30.69
N ASN E 273 3.85 8.62 -30.84
CA ASN E 273 5.01 9.47 -30.54
C ASN E 273 5.46 10.12 -31.83
N THR E 274 6.68 10.64 -31.81
CA THR E 274 7.26 11.24 -33.01
C THR E 274 8.18 10.14 -33.52
N PHE E 275 8.22 9.05 -32.78
CA PHE E 275 9.04 7.90 -33.12
C PHE E 275 8.12 6.82 -33.70
N GLY E 276 7.31 6.20 -32.85
CA GLY E 276 6.41 5.16 -33.31
C GLY E 276 4.98 5.32 -32.81
N SER E 277 4.29 4.20 -32.62
CA SER E 277 2.92 4.21 -32.11
C SER E 277 2.52 2.87 -31.53
N ALA E 278 1.57 2.89 -30.60
CA ALA E 278 1.11 1.66 -29.94
C ALA E 278 -0.40 1.66 -29.85
N ASN E 279 -0.96 0.50 -29.55
CA ASN E 279 -2.41 0.37 -29.45
C ASN E 279 -2.83 -0.90 -28.74
N VAL E 280 -3.93 -0.80 -28.01
CA VAL E 280 -4.48 -1.94 -27.28
C VAL E 280 -5.98 -1.91 -27.53
N THR E 281 -6.56 -3.08 -27.81
CA THR E 281 -7.99 -3.17 -28.10
C THR E 281 -8.80 -3.92 -27.04
N THR E 282 -10.04 -3.49 -26.85
CA THR E 282 -10.93 -4.13 -25.88
C THR E 282 -12.26 -4.39 -26.57
N THR E 283 -12.95 -5.45 -26.15
CA THR E 283 -14.21 -5.81 -26.77
C THR E 283 -15.45 -5.60 -25.89
N LEU E 284 -16.49 -5.07 -26.51
CA LEU E 284 -17.76 -4.82 -25.84
C LEU E 284 -18.91 -5.21 -26.76
N LYS E 285 -19.97 -5.76 -26.17
CA LYS E 285 -21.12 -6.16 -26.95
C LYS E 285 -22.42 -5.95 -26.17
N VAL E 286 -23.13 -4.88 -26.50
CA VAL E 286 -24.40 -4.55 -25.84
C VAL E 286 -25.41 -4.14 -26.90
N PRO F 12 10.30 41.74 63.31
CA PRO F 12 10.68 41.51 61.90
C PRO F 12 11.53 42.67 61.38
N PRO F 13 12.34 42.43 60.33
CA PRO F 13 13.21 43.44 59.73
C PRO F 13 12.43 44.62 59.18
N SER F 14 13.07 45.79 59.12
CA SER F 14 12.36 46.97 58.62
C SER F 14 12.91 47.48 57.30
N ILE F 15 12.11 47.36 56.26
CA ILE F 15 12.51 47.81 54.93
C ILE F 15 12.27 49.32 54.82
N HIS F 16 13.31 50.08 54.50
CA HIS F 16 13.16 51.51 54.42
C HIS F 16 11.99 51.94 53.55
N PRO F 17 11.93 51.49 52.28
CA PRO F 17 10.72 52.00 51.59
C PRO F 17 9.50 51.36 52.28
N ALA F 18 9.09 51.99 53.39
CA ALA F 18 7.98 51.54 54.22
C ALA F 18 6.62 51.49 53.55
N GLN F 19 6.48 50.56 52.61
CA GLN F 19 5.23 50.37 51.90
C GLN F 19 5.20 48.95 51.39
N SER F 20 4.00 48.40 51.28
CA SER F 20 3.83 47.04 50.80
C SER F 20 4.14 46.88 49.31
N GLU F 21 3.82 47.91 48.53
CA GLU F 21 4.05 47.89 47.09
C GLU F 21 4.81 49.11 46.64
N LEU F 22 5.72 48.95 45.69
CA LEU F 22 6.51 50.07 45.19
C LEU F 22 6.56 50.08 43.68
N ILE F 23 6.29 51.22 43.08
CA ILE F 23 6.31 51.35 41.63
C ILE F 23 7.49 52.19 41.18
N VAL F 24 8.50 51.52 40.66
CA VAL F 24 9.70 52.17 40.16
C VAL F 24 9.68 52.13 38.63
N GLU F 25 10.23 53.16 37.99
CA GLU F 25 10.26 53.27 36.54
C GLU F 25 11.45 52.52 35.94
N ALA F 26 11.24 51.86 34.81
CA ALA F 26 12.32 51.14 34.15
C ALA F 26 13.39 52.11 33.67
N GLY F 27 14.64 51.80 33.96
CA GLY F 27 15.73 52.66 33.55
C GLY F 27 16.22 53.46 34.75
N ASP F 28 15.30 53.78 35.64
CA ASP F 28 15.61 54.55 36.85
C ASP F 28 16.25 53.60 37.86
N THR F 29 16.90 54.16 38.88
CA THR F 29 17.55 53.34 39.88
C THR F 29 16.54 52.79 40.89
N LEU F 30 16.80 51.59 41.39
CA LEU F 30 15.91 50.93 42.35
C LEU F 30 16.70 50.49 43.57
N SER F 31 16.46 51.16 44.68
CA SER F 31 17.18 50.85 45.91
C SER F 31 16.27 50.49 47.09
N LEU F 32 16.58 49.35 47.71
CA LEU F 32 15.86 48.87 48.86
C LEU F 32 16.86 48.78 50.00
N THR F 33 16.39 48.99 51.22
CA THR F 33 17.28 48.92 52.37
C THR F 33 16.48 48.35 53.51
N CYS F 34 17.05 47.39 54.24
CA CYS F 34 16.33 46.88 55.39
C CYS F 34 17.29 46.91 56.54
N ILE F 35 16.83 47.53 57.62
CA ILE F 35 17.62 47.71 58.82
C ILE F 35 17.32 46.65 59.87
N ASP F 36 18.36 45.91 60.25
CA ASP F 36 18.24 44.88 61.28
C ASP F 36 19.65 44.55 61.77
N PRO F 37 19.84 44.43 63.09
CA PRO F 37 21.14 44.11 63.68
C PRO F 37 21.56 42.68 63.34
N ASP F 38 20.57 41.83 63.12
CA ASP F 38 20.78 40.43 62.79
C ASP F 38 20.43 40.14 61.33
N PHE F 39 20.81 41.05 60.44
CA PHE F 39 20.56 40.91 59.01
C PHE F 39 21.42 39.82 58.39
N VAL F 40 20.85 39.09 57.43
CA VAL F 40 21.56 38.01 56.77
C VAL F 40 21.67 38.31 55.27
N ARG F 41 20.56 38.18 54.55
CA ARG F 41 20.56 38.43 53.12
C ARG F 41 19.22 38.90 52.59
N TRP F 42 19.24 39.37 51.34
CA TRP F 42 18.03 39.80 50.65
C TRP F 42 17.68 38.64 49.74
N THR F 43 16.39 38.49 49.44
CA THR F 43 15.93 37.41 48.59
C THR F 43 14.96 37.96 47.55
N PHE F 44 15.07 37.47 46.32
CA PHE F 44 14.20 37.90 45.23
C PHE F 44 13.79 36.75 44.32
N LYS F 45 12.50 36.52 44.18
CA LYS F 45 11.99 35.47 43.31
C LYS F 45 11.87 35.99 41.88
N THR F 46 12.51 35.28 40.96
CA THR F 46 12.49 35.64 39.54
C THR F 46 11.23 35.09 38.89
N TYR F 47 10.90 35.61 37.71
CA TYR F 47 9.72 35.16 36.95
C TYR F 47 9.81 33.63 36.85
N PHE F 48 11.00 33.15 36.53
CA PHE F 48 11.27 31.71 36.44
C PHE F 48 11.70 31.47 37.88
N ASN F 49 10.99 30.61 38.58
CA ASN F 49 11.29 30.37 40.00
C ASN F 49 12.75 30.20 40.39
N GLU F 50 13.45 31.32 40.58
CA GLU F 50 14.86 31.32 40.97
C GLU F 50 15.06 32.34 42.09
N MET F 51 16.04 32.11 42.96
CA MET F 51 16.27 33.03 44.08
C MET F 51 17.55 33.84 43.96
N VAL F 52 17.41 35.14 43.74
CA VAL F 52 18.57 36.02 43.63
C VAL F 52 18.91 36.49 45.04
N GLU F 53 20.18 36.41 45.40
CA GLU F 53 20.63 36.78 46.73
C GLU F 53 21.56 37.98 46.77
N ASN F 54 21.46 38.73 47.87
CA ASN F 54 22.31 39.89 48.10
C ASN F 54 22.54 39.97 49.60
N LYS F 55 23.81 39.97 50.00
CA LYS F 55 24.17 40.00 51.41
C LYS F 55 24.47 41.38 51.96
N LYS F 56 23.98 42.42 51.29
CA LYS F 56 24.20 43.79 51.74
C LYS F 56 22.90 44.42 52.26
N ASN F 57 23.03 45.35 53.20
CA ASN F 57 21.87 46.03 53.77
C ASN F 57 21.06 46.71 52.68
N GLU F 58 21.73 47.48 51.82
CA GLU F 58 21.05 48.18 50.75
C GLU F 58 21.30 47.56 49.38
N TRP F 59 20.22 47.30 48.66
CA TRP F 59 20.26 46.70 47.34
C TRP F 59 20.03 47.74 46.24
N ILE F 60 21.11 48.20 45.63
CA ILE F 60 21.02 49.19 44.57
C ILE F 60 20.91 48.53 43.20
N GLN F 61 19.95 48.99 42.42
CA GLN F 61 19.72 48.45 41.09
C GLN F 61 19.74 49.60 40.10
N GLU F 62 20.88 49.80 39.45
CA GLU F 62 21.00 50.88 38.46
C GLU F 62 20.33 50.43 37.18
N LYS F 63 19.64 51.34 36.51
CA LYS F 63 18.95 51.02 35.26
C LYS F 63 18.11 49.76 35.43
N ALA F 64 17.17 49.81 36.37
CA ALA F 64 16.29 48.68 36.68
C ALA F 64 15.47 48.16 35.49
N GLU F 65 15.59 46.85 35.26
CA GLU F 65 14.89 46.19 34.17
C GLU F 65 13.53 45.65 34.61
N ALA F 66 12.61 45.57 33.67
CA ALA F 66 11.27 45.05 33.96
C ALA F 66 11.31 43.68 34.63
N THR F 67 12.29 42.87 34.27
CA THR F 67 12.42 41.52 34.83
C THR F 67 12.65 41.48 36.33
N ARG F 68 13.04 42.61 36.90
CA ARG F 68 13.28 42.73 38.33
C ARG F 68 11.98 42.94 39.11
N THR F 69 10.86 42.94 38.40
CA THR F 69 9.57 43.08 39.04
C THR F 69 9.37 41.84 39.90
N GLY F 70 8.72 42.00 41.05
CA GLY F 70 8.50 40.86 41.91
C GLY F 70 8.61 41.20 43.38
N THR F 71 8.53 40.18 44.22
CA THR F 71 8.61 40.37 45.66
C THR F 71 10.01 40.16 46.22
N TYR F 72 10.46 41.14 47.01
CA TYR F 72 11.77 41.13 47.64
C TYR F 72 11.62 40.87 49.15
N THR F 73 12.41 39.91 49.66
CA THR F 73 12.34 39.55 51.07
C THR F 73 13.66 39.72 51.82
N CYS F 74 13.60 40.46 52.93
CA CYS F 74 14.75 40.71 53.79
C CYS F 74 14.70 39.60 54.86
N SER F 75 15.81 38.87 54.99
CA SER F 75 15.88 37.76 55.92
C SER F 75 16.61 38.08 57.22
N ASN F 76 16.11 37.51 58.32
CA ASN F 76 16.67 37.74 59.65
C ASN F 76 17.39 36.49 60.19
N SER F 77 18.37 36.70 61.05
CA SER F 77 19.12 35.61 61.65
C SER F 77 18.29 34.91 62.71
N ASN F 78 17.27 35.61 63.20
CA ASN F 78 16.40 35.06 64.22
C ASN F 78 15.29 34.24 63.57
N GLY F 79 15.12 34.39 62.26
CA GLY F 79 14.10 33.64 61.55
C GLY F 79 12.88 34.44 61.17
N LEU F 80 13.01 35.76 61.14
CA LEU F 80 11.89 36.64 60.78
C LEU F 80 12.06 37.21 59.37
N THR F 81 10.95 37.43 58.68
CA THR F 81 11.01 37.97 57.33
C THR F 81 10.03 39.12 57.07
N SER F 82 10.43 40.02 56.19
CA SER F 82 9.62 41.17 55.79
C SER F 82 9.78 41.33 54.27
N SER F 83 8.67 41.46 53.56
CA SER F 83 8.74 41.61 52.11
C SER F 83 8.05 42.84 51.56
N ILE F 84 8.52 43.28 50.40
CA ILE F 84 7.96 44.42 49.68
C ILE F 84 7.85 44.01 48.22
N TYR F 85 6.73 44.28 47.59
CA TYR F 85 6.56 43.94 46.18
C TYR F 85 6.93 45.16 45.34
N VAL F 86 7.81 44.95 44.37
CA VAL F 86 8.22 46.04 43.50
C VAL F 86 7.77 45.85 42.06
N PHE F 87 7.27 46.93 41.45
CA PHE F 87 6.85 46.91 40.06
C PHE F 87 7.85 47.74 39.29
N VAL F 88 8.57 47.15 38.36
CA VAL F 88 9.51 47.96 37.58
C VAL F 88 8.83 48.25 36.26
N ARG F 89 8.08 49.35 36.23
CA ARG F 89 7.31 49.74 35.05
C ARG F 89 8.04 50.11 33.75
N ASP F 90 7.78 49.33 32.71
CA ASP F 90 8.35 49.54 31.39
C ASP F 90 7.18 49.56 30.40
N PRO F 91 7.09 50.60 29.56
CA PRO F 91 5.99 50.68 28.59
C PRO F 91 6.07 49.57 27.54
N ALA F 92 7.29 49.16 27.22
CA ALA F 92 7.51 48.11 26.24
C ALA F 92 6.97 46.79 26.75
N LYS F 93 7.36 46.43 27.99
CA LYS F 93 6.94 45.17 28.61
C LYS F 93 5.82 45.31 29.64
N LEU F 94 4.56 45.38 29.22
CA LEU F 94 3.51 45.48 30.23
C LEU F 94 3.29 44.13 30.91
N PHE F 95 3.57 43.04 30.19
CA PHE F 95 3.41 41.69 30.73
C PHE F 95 4.74 40.97 30.75
N LEU F 96 4.94 40.08 31.73
CA LEU F 96 6.15 39.30 31.80
C LEU F 96 5.81 37.91 31.26
N VAL F 97 6.55 37.45 30.27
CA VAL F 97 6.27 36.16 29.67
C VAL F 97 7.53 35.31 29.67
N GLY F 98 7.44 34.08 29.15
CA GLY F 98 8.60 33.21 29.11
C GLY F 98 8.35 31.76 29.51
N LEU F 99 7.30 31.51 30.29
CA LEU F 99 6.98 30.15 30.72
C LEU F 99 5.74 29.55 30.04
N PRO F 100 5.68 28.21 29.92
CA PRO F 100 4.55 27.50 29.29
C PRO F 100 3.31 27.55 30.17
N LEU F 101 2.19 27.02 29.67
CA LEU F 101 0.94 27.01 30.43
C LEU F 101 0.52 25.57 30.65
N PHE F 102 0.67 25.07 31.88
CA PHE F 102 0.24 23.70 32.15
C PHE F 102 -0.89 23.72 33.18
N GLY F 103 -1.62 22.61 33.28
CA GLY F 103 -2.71 22.57 34.24
C GLY F 103 -3.35 21.21 34.35
N LYS F 104 -3.58 20.75 35.57
CA LYS F 104 -4.19 19.44 35.80
C LYS F 104 -5.70 19.55 35.62
N GLU F 105 -6.34 18.46 35.19
CA GLU F 105 -7.78 18.44 35.01
C GLU F 105 -8.51 18.55 36.35
N ASP F 106 -9.51 19.41 36.40
CA ASP F 106 -10.30 19.63 37.61
C ASP F 106 -9.53 20.45 38.64
N SER F 107 -8.41 21.01 38.20
CA SER F 107 -7.55 21.82 39.05
C SER F 107 -7.35 23.18 38.36
N ASP F 108 -6.42 23.98 38.86
CA ASP F 108 -6.17 25.29 38.26
C ASP F 108 -4.95 25.36 37.35
N ALA F 109 -4.87 26.44 36.57
CA ALA F 109 -3.76 26.65 35.65
C ALA F 109 -3.42 28.13 35.65
N LEU F 110 -2.25 28.49 36.16
CA LEU F 110 -1.86 29.89 36.24
C LEU F 110 -1.20 30.37 34.94
N VAL F 111 -1.80 31.36 34.32
CA VAL F 111 -1.23 31.93 33.11
C VAL F 111 -0.26 33.00 33.60
N ARG F 112 1.01 32.60 33.71
CA ARG F 112 2.07 33.48 34.21
C ARG F 112 2.36 34.72 33.37
N CYS F 113 1.53 35.74 33.51
CA CYS F 113 1.71 36.99 32.78
C CYS F 113 1.62 38.20 33.72
N PRO F 114 2.35 38.17 34.84
CA PRO F 114 2.31 39.29 35.78
C PRO F 114 2.61 40.63 35.11
N LEU F 115 2.01 41.71 35.62
CA LEU F 115 2.25 43.01 35.02
C LEU F 115 3.30 43.83 35.75
N THR F 116 3.87 44.80 35.04
CA THR F 116 4.89 45.67 35.56
C THR F 116 4.29 47.04 35.85
N ASP F 117 2.99 47.17 35.56
CA ASP F 117 2.25 48.41 35.79
C ASP F 117 0.91 48.01 36.36
N PRO F 118 0.72 48.21 37.68
CA PRO F 118 -0.53 47.87 38.37
C PRO F 118 -1.62 48.91 38.18
N GLN F 119 -1.24 50.04 37.60
CA GLN F 119 -2.16 51.14 37.35
C GLN F 119 -2.86 50.97 36.01
N VAL F 120 -3.54 49.84 35.84
CA VAL F 120 -4.27 49.55 34.60
C VAL F 120 -5.58 48.84 34.94
N SER F 121 -6.56 48.96 34.06
CA SER F 121 -7.87 48.36 34.31
C SER F 121 -8.19 47.22 33.35
N GLN F 122 -9.28 46.50 33.66
CA GLN F 122 -9.72 45.40 32.82
C GLN F 122 -8.69 44.28 32.60
N TYR F 123 -7.89 43.98 33.61
CA TYR F 123 -6.88 42.92 33.51
C TYR F 123 -7.61 41.59 33.40
N SER F 124 -7.68 41.04 32.19
CA SER F 124 -8.40 39.80 31.99
C SER F 124 -7.76 38.90 30.95
N LEU F 125 -8.40 37.76 30.69
CA LEU F 125 -7.91 36.81 29.68
C LEU F 125 -8.77 36.98 28.43
N ILE F 126 -8.20 36.68 27.28
CA ILE F 126 -8.91 36.77 26.01
C ILE F 126 -8.30 35.70 25.11
N GLU F 127 -9.05 35.22 24.14
CA GLU F 127 -8.57 34.20 23.20
C GLU F 127 -7.46 34.80 22.35
N CYS F 128 -6.36 34.07 22.20
CA CYS F 128 -5.24 34.64 21.47
C CYS F 128 -5.48 35.11 20.03
N ASP F 129 -6.60 34.71 19.43
CA ASP F 129 -6.90 35.18 18.08
C ASP F 129 -8.19 35.99 18.03
N GLY F 130 -8.61 36.52 19.17
CA GLY F 130 -9.82 37.34 19.23
C GLY F 130 -11.16 36.63 19.31
N LYS F 131 -11.16 35.31 19.19
CA LYS F 131 -12.39 34.52 19.22
C LYS F 131 -13.04 34.53 20.60
N SER F 132 -14.08 33.73 20.75
CA SER F 132 -14.81 33.63 22.00
C SER F 132 -14.25 32.54 22.90
N LEU F 133 -14.21 32.82 24.20
CA LEU F 133 -13.70 31.87 25.17
C LEU F 133 -14.81 30.90 25.56
N PRO F 134 -14.45 29.68 25.97
CA PRO F 134 -15.43 28.68 26.38
C PRO F 134 -16.44 29.26 27.36
N THR F 135 -17.69 28.83 27.22
CA THR F 135 -18.76 29.30 28.08
C THR F 135 -18.50 29.09 29.57
N ASP F 136 -18.05 27.89 29.94
CA ASP F 136 -17.77 27.58 31.34
C ASP F 136 -16.36 27.90 31.82
N LEU F 137 -15.59 28.61 31.00
CA LEU F 137 -14.23 28.96 31.38
C LEU F 137 -14.27 30.10 32.39
N THR F 138 -13.72 29.86 33.57
CA THR F 138 -13.68 30.88 34.62
C THR F 138 -12.24 31.22 35.01
N PHE F 139 -11.93 32.51 35.08
CA PHE F 139 -10.58 32.91 35.43
C PHE F 139 -10.50 33.94 36.54
N VAL F 140 -9.37 33.98 37.24
CA VAL F 140 -9.15 34.91 38.35
C VAL F 140 -7.85 35.69 38.17
N PRO F 141 -7.94 37.02 37.97
CA PRO F 141 -6.78 37.89 37.79
C PRO F 141 -5.96 38.13 39.07
N ASN F 142 -4.65 38.34 38.89
CA ASN F 142 -3.76 38.59 40.01
C ASN F 142 -2.49 39.26 39.53
N PRO F 143 -2.43 40.59 39.64
CA PRO F 143 -1.30 41.42 39.25
C PRO F 143 0.09 40.94 39.66
N LYS F 144 0.19 40.21 40.77
CA LYS F 144 1.48 39.73 41.25
C LYS F 144 1.86 38.33 40.80
N ALA F 145 0.98 37.66 40.07
CA ALA F 145 1.27 36.30 39.60
C ALA F 145 0.82 36.02 38.17
N GLY F 146 -0.37 36.50 37.81
CA GLY F 146 -0.91 36.25 36.48
C GLY F 146 -2.39 35.99 36.57
N ILE F 147 -2.94 35.30 35.58
CA ILE F 147 -4.35 34.98 35.59
C ILE F 147 -4.51 33.48 35.71
N THR F 148 -5.32 33.06 36.69
CA THR F 148 -5.54 31.66 36.95
C THR F 148 -6.80 31.15 36.30
N ILE F 149 -6.70 30.01 35.62
CA ILE F 149 -7.87 29.40 34.99
C ILE F 149 -8.45 28.41 35.98
N LYS F 150 -9.71 28.63 36.34
CA LYS F 150 -10.35 27.76 37.30
C LYS F 150 -10.90 26.50 36.65
N ASN F 151 -10.96 25.43 37.42
CA ASN F 151 -11.49 24.15 36.97
C ASN F 151 -11.17 23.81 35.53
N VAL F 152 -9.98 23.28 35.29
CA VAL F 152 -9.56 22.91 33.94
C VAL F 152 -10.19 21.60 33.43
N LYS F 153 -10.69 21.65 32.20
CA LYS F 153 -11.33 20.51 31.56
C LYS F 153 -10.53 20.03 30.34
N ARG F 154 -10.77 18.80 29.91
CA ARG F 154 -10.08 18.26 28.75
C ARG F 154 -10.40 19.04 27.47
N ALA F 155 -11.53 19.75 27.46
CA ALA F 155 -11.92 20.53 26.29
C ALA F 155 -11.05 21.77 26.08
N TYR F 156 -10.28 22.12 27.09
CA TYR F 156 -9.39 23.28 27.00
C TYR F 156 -8.03 22.88 26.47
N HIS F 157 -7.70 21.59 26.50
CA HIS F 157 -6.45 21.18 25.87
C HIS F 157 -6.28 21.98 24.61
N ARG F 158 -5.07 22.46 24.37
CA ARG F 158 -4.64 23.31 23.20
C ARG F 158 -5.36 24.70 22.98
N LEU F 159 -5.84 25.34 24.05
CA LEU F 159 -6.45 26.66 24.02
C LEU F 159 -5.32 27.68 24.16
N CYS F 160 -5.26 28.67 23.28
CA CYS F 160 -4.21 29.70 23.39
C CYS F 160 -4.92 30.93 23.90
N VAL F 161 -4.31 31.56 24.89
CA VAL F 161 -4.90 32.76 25.47
C VAL F 161 -3.89 33.87 25.48
N ARG F 162 -4.37 35.06 25.76
CA ARG F 162 -3.54 36.24 25.84
C ARG F 162 -4.06 37.01 27.01
N CYS F 163 -3.15 37.65 27.74
CA CYS F 163 -3.58 38.45 28.87
C CYS F 163 -3.81 39.82 28.27
N ALA F 164 -4.88 40.48 28.71
CA ALA F 164 -5.19 41.80 28.19
C ALA F 164 -5.46 42.73 29.36
N ALA F 165 -5.18 44.01 29.14
CA ALA F 165 -5.37 45.04 30.14
C ALA F 165 -5.50 46.35 29.41
N GLN F 166 -6.30 47.26 29.95
CA GLN F 166 -6.49 48.57 29.32
C GLN F 166 -5.57 49.57 30.01
N ARG F 167 -4.71 50.21 29.22
CA ARG F 167 -3.75 51.17 29.76
C ARG F 167 -3.99 52.58 29.20
N ASP F 168 -4.75 53.38 29.93
CA ASP F 168 -5.08 54.74 29.53
C ASP F 168 -5.99 54.75 28.31
N GLY F 169 -6.98 53.86 28.31
CA GLY F 169 -7.91 53.79 27.20
C GLY F 169 -7.56 52.76 26.15
N THR F 170 -6.27 52.64 25.83
CA THR F 170 -5.82 51.69 24.82
C THR F 170 -5.65 50.28 25.39
N TRP F 171 -5.89 49.28 24.56
CA TRP F 171 -5.75 47.89 24.98
C TRP F 171 -4.38 47.34 24.63
N LEU F 172 -3.84 46.51 25.52
CA LEU F 172 -2.56 45.88 25.31
C LEU F 172 -2.67 44.38 25.56
N HIS F 173 -1.98 43.60 24.73
CA HIS F 173 -2.01 42.14 24.83
C HIS F 173 -0.63 41.54 25.07
N SER F 174 -0.61 40.37 25.69
CA SER F 174 0.65 39.66 25.98
C SER F 174 0.89 38.64 24.87
N ASP F 175 1.97 37.88 24.97
CA ASP F 175 2.26 36.86 23.97
C ASP F 175 1.30 35.68 24.11
N LYS F 176 1.32 34.79 23.12
CA LYS F 176 0.44 33.65 23.14
C LYS F 176 0.81 32.64 24.21
N PHE F 177 -0.21 32.20 24.94
CA PHE F 177 -0.05 31.20 25.99
C PHE F 177 -0.92 30.02 25.54
N THR F 178 -0.29 28.92 25.15
CA THR F 178 -1.07 27.75 24.73
C THR F 178 -1.16 26.71 25.85
N LEU F 179 -2.34 26.61 26.45
CA LEU F 179 -2.58 25.68 27.55
C LEU F 179 -2.44 24.21 27.22
N LYS F 180 -1.67 23.50 28.04
CA LYS F 180 -1.48 22.06 27.89
C LYS F 180 -2.04 21.46 29.17
N VAL F 181 -3.04 20.59 29.03
CA VAL F 181 -3.66 20.00 30.20
C VAL F 181 -3.31 18.55 30.50
N ARG F 182 -3.15 18.25 31.79
CA ARG F 182 -2.85 16.91 32.27
C ARG F 182 -4.18 16.22 32.54
N GLU F 183 -4.39 15.06 31.95
CA GLU F 183 -5.63 14.32 32.15
C GLU F 183 -5.74 13.78 33.58
N ALA F 184 -6.89 13.97 34.20
CA ALA F 184 -7.09 13.44 35.55
C ALA F 184 -7.57 12.02 35.27
N ILE F 185 -6.68 11.05 35.41
CA ILE F 185 -7.01 9.65 35.13
C ILE F 185 -8.13 9.09 36.02
N LYS F 186 -9.29 8.94 35.41
CA LYS F 186 -10.48 8.46 36.10
C LYS F 186 -11.25 7.38 35.32
N ALA F 187 -10.55 6.62 34.48
CA ALA F 187 -11.22 5.58 33.69
C ALA F 187 -10.46 4.26 33.64
N ILE F 188 -11.15 3.17 33.37
CA ILE F 188 -10.50 1.86 33.29
C ILE F 188 -9.85 1.76 31.90
N PRO F 189 -8.67 1.12 31.82
CA PRO F 189 -7.95 0.95 30.55
C PRO F 189 -8.77 0.14 29.54
N VAL F 190 -8.30 0.07 28.30
CA VAL F 190 -9.00 -0.69 27.28
C VAL F 190 -8.04 -1.68 26.62
N VAL F 191 -8.28 -2.97 26.84
CA VAL F 191 -7.40 -3.98 26.26
C VAL F 191 -8.12 -4.79 25.19
N SER F 192 -7.36 -5.22 24.18
CA SER F 192 -7.92 -5.99 23.08
C SER F 192 -6.88 -6.88 22.42
N VAL F 193 -7.29 -8.09 22.06
CA VAL F 193 -6.41 -9.04 21.41
C VAL F 193 -7.13 -9.60 20.18
N PRO F 194 -6.43 -9.68 19.05
CA PRO F 194 -6.97 -10.19 17.78
C PRO F 194 -7.70 -11.54 17.88
N GLU F 195 -6.94 -12.59 18.16
CA GLU F 195 -7.50 -13.93 18.25
C GLU F 195 -7.87 -14.36 19.67
N THR F 196 -8.88 -15.23 19.76
CA THR F 196 -9.34 -15.73 21.06
C THR F 196 -8.60 -17.02 21.42
N SER F 197 -8.27 -17.81 20.39
CA SER F 197 -7.57 -19.07 20.60
C SER F 197 -6.90 -19.56 19.32
N HIS F 198 -5.67 -20.05 19.44
CA HIS F 198 -4.93 -20.57 18.30
C HIS F 198 -3.85 -21.55 18.77
N LEU F 199 -3.50 -22.50 17.91
CA LEU F 199 -2.49 -23.50 18.26
C LEU F 199 -1.66 -23.97 17.07
N LEU F 200 -0.43 -24.37 17.36
CA LEU F 200 0.50 -24.87 16.35
C LEU F 200 1.39 -25.97 16.94
N LYS F 201 2.22 -26.58 16.11
CA LYS F 201 3.12 -27.65 16.55
C LYS F 201 4.43 -27.09 17.10
N LYS F 202 5.18 -27.93 17.82
CA LYS F 202 6.45 -27.50 18.41
C LYS F 202 7.46 -27.04 17.36
N GLY F 203 8.29 -26.07 17.74
CA GLY F 203 9.30 -25.55 16.84
C GLY F 203 8.87 -24.25 16.21
N ASP F 204 7.60 -24.19 15.80
CA ASP F 204 7.04 -22.99 15.17
C ASP F 204 6.88 -21.87 16.19
N THR F 205 7.37 -20.68 15.83
CA THR F 205 7.27 -19.53 16.71
C THR F 205 5.94 -18.79 16.54
N PHE F 206 5.38 -18.31 17.64
CA PHE F 206 4.11 -17.59 17.56
C PHE F 206 4.23 -16.19 18.17
N THR F 207 3.38 -15.28 17.71
CA THR F 207 3.41 -13.91 18.20
C THR F 207 2.00 -13.37 18.43
N VAL F 208 1.80 -12.79 19.61
CA VAL F 208 0.51 -12.21 19.98
C VAL F 208 0.70 -10.75 20.35
N VAL F 209 -0.03 -9.86 19.69
CA VAL F 209 0.08 -8.44 19.97
C VAL F 209 -1.12 -7.93 20.74
N CYS F 210 -0.88 -7.43 21.94
CA CYS F 210 -1.95 -6.89 22.78
C CYS F 210 -2.01 -5.37 22.62
N THR F 211 -3.22 -4.84 22.51
CA THR F 211 -3.42 -3.41 22.33
C THR F 211 -4.04 -2.72 23.52
N ILE F 212 -3.27 -1.85 24.16
CA ILE F 212 -3.74 -1.11 25.33
C ILE F 212 -4.04 0.35 24.98
N LYS F 213 -5.23 0.82 25.35
CA LYS F 213 -5.64 2.20 25.07
C LYS F 213 -6.03 2.94 26.33
N ASP F 214 -5.55 4.17 26.48
CA ASP F 214 -5.87 4.98 27.66
C ASP F 214 -5.57 6.46 27.40
N VAL F 215 -5.92 7.31 28.35
CA VAL F 215 -5.72 8.75 28.19
C VAL F 215 -4.31 9.25 28.53
N SER F 216 -3.51 8.44 29.21
CA SER F 216 -2.16 8.87 29.56
C SER F 216 -1.12 7.80 29.25
N THR F 217 0.15 8.12 29.51
CA THR F 217 1.24 7.16 29.26
C THR F 217 1.54 6.38 30.52
N SER F 218 0.88 6.77 31.61
CA SER F 218 1.08 6.16 32.91
C SER F 218 0.61 4.70 33.08
N VAL F 219 -0.19 4.20 32.14
CA VAL F 219 -0.68 2.83 32.26
C VAL F 219 0.39 1.76 32.35
N ASN F 220 0.18 0.81 33.25
CA ASN F 220 1.11 -0.28 33.45
C ASN F 220 0.50 -1.50 32.76
N SER F 221 1.15 -1.98 31.70
CA SER F 221 0.65 -3.14 30.98
C SER F 221 1.67 -4.27 31.08
N MET F 222 1.19 -5.51 31.03
CA MET F 222 2.06 -6.68 31.14
C MET F 222 1.42 -7.95 30.59
N TRP F 223 2.26 -8.90 30.18
CA TRP F 223 1.81 -10.18 29.64
C TRP F 223 1.99 -11.29 30.69
N LEU F 224 0.98 -12.13 30.83
CA LEU F 224 1.02 -13.22 31.81
C LEU F 224 0.90 -14.63 31.24
N LYS F 225 1.46 -15.59 31.98
CA LYS F 225 1.41 -17.00 31.61
C LYS F 225 0.79 -17.74 32.80
N MET F 226 -0.53 -17.84 32.80
CA MET F 226 -1.24 -18.50 33.89
C MET F 226 -1.60 -19.96 33.66
N ASN F 227 -0.78 -20.85 34.24
CA ASN F 227 -1.00 -22.29 34.16
C ASN F 227 -1.08 -22.78 35.60
N PRO F 228 0.03 -22.66 36.36
CA PRO F 228 -0.04 -23.11 37.76
C PRO F 228 -0.54 -21.91 38.55
N GLN F 229 -0.08 -20.75 38.12
CA GLN F 229 -0.42 -19.46 38.73
C GLN F 229 -0.01 -18.38 37.73
N PRO F 230 -0.68 -17.22 37.78
CA PRO F 230 -0.33 -16.13 36.86
C PRO F 230 1.13 -15.70 36.96
N GLN F 231 1.96 -16.18 36.03
CA GLN F 231 3.37 -15.85 35.99
C GLN F 231 3.62 -14.72 35.00
N HIS F 232 4.65 -13.91 35.24
CA HIS F 232 4.96 -12.80 34.35
C HIS F 232 6.21 -13.07 33.53
N ILE F 233 6.15 -12.74 32.24
CA ILE F 233 7.28 -12.95 31.35
C ILE F 233 7.89 -11.61 30.95
N ALA F 234 9.23 -11.55 30.92
CA ALA F 234 9.94 -10.33 30.59
C ALA F 234 10.27 -10.15 29.11
N GLN F 235 10.15 -11.21 28.33
CA GLN F 235 10.45 -11.14 26.91
C GLN F 235 9.29 -10.58 26.09
N VAL F 236 9.07 -9.27 26.21
CA VAL F 236 7.99 -8.59 25.50
C VAL F 236 8.48 -7.30 24.83
N LYS F 237 8.08 -7.08 23.59
CA LYS F 237 8.47 -5.89 22.84
C LYS F 237 7.48 -4.77 23.11
N HIS F 238 8.01 -3.59 23.45
CA HIS F 238 7.16 -2.44 23.73
C HIS F 238 7.07 -1.49 22.53
N ASN F 239 5.87 -0.97 22.30
CA ASN F 239 5.62 -0.03 21.21
C ASN F 239 4.52 0.91 21.68
N SER F 240 4.77 2.21 21.56
CA SER F 240 3.79 3.20 22.01
C SER F 240 3.61 4.35 21.02
N TRP F 241 2.39 4.90 20.98
CA TRP F 241 2.07 6.00 20.08
C TRP F 241 1.02 6.92 20.67
N HIS F 242 1.06 8.19 20.29
CA HIS F 242 0.07 9.16 20.76
C HIS F 242 -0.88 9.35 19.59
N ARG F 243 -2.03 8.69 19.66
CA ARG F 243 -3.01 8.74 18.58
C ARG F 243 -3.78 10.06 18.51
N GLY F 244 -4.07 10.64 19.67
CA GLY F 244 -4.80 11.89 19.70
C GLY F 244 -4.58 12.60 21.01
N ASP F 245 -5.31 13.67 21.25
CA ASP F 245 -5.12 14.42 22.48
C ASP F 245 -5.15 13.59 23.75
N PHE F 246 -6.16 12.76 23.91
CA PHE F 246 -6.19 11.92 25.11
C PHE F 246 -6.34 10.47 24.69
N ASN F 247 -5.60 10.11 23.64
CA ASN F 247 -5.63 8.79 23.07
C ASN F 247 -4.23 8.20 22.98
N TYR F 248 -3.82 7.51 24.03
CA TYR F 248 -2.51 6.87 24.08
C TYR F 248 -2.71 5.40 23.70
N GLU F 249 -1.75 4.81 23.00
CA GLU F 249 -1.86 3.42 22.61
C GLU F 249 -0.52 2.70 22.75
N ARG F 250 -0.55 1.53 23.40
CA ARG F 250 0.67 0.74 23.57
C ARG F 250 0.41 -0.67 23.10
N GLN F 251 1.32 -1.20 22.29
CA GLN F 251 1.18 -2.54 21.77
C GLN F 251 2.20 -3.49 22.35
N GLU F 252 1.72 -4.36 23.23
CA GLU F 252 2.56 -5.35 23.89
C GLU F 252 2.63 -6.62 23.04
N THR F 253 3.82 -6.92 22.53
CA THR F 253 4.02 -8.08 21.67
C THR F 253 4.74 -9.23 22.36
N LEU F 254 4.03 -10.34 22.53
CA LEU F 254 4.58 -11.53 23.15
C LEU F 254 5.14 -12.47 22.09
N THR F 255 6.42 -12.79 22.20
CA THR F 255 7.07 -13.66 21.24
C THR F 255 7.85 -14.78 21.90
N ILE F 256 7.57 -16.01 21.49
CA ILE F 256 8.24 -17.19 22.02
C ILE F 256 8.81 -18.01 20.88
N SER F 257 10.13 -18.13 20.87
CA SER F 257 10.83 -18.88 19.84
C SER F 257 10.86 -20.37 20.16
N SER F 258 10.56 -21.19 19.15
CA SER F 258 10.54 -22.64 19.29
C SER F 258 9.61 -23.08 20.43
N ALA F 259 8.32 -23.20 20.11
CA ALA F 259 7.30 -23.60 21.08
C ALA F 259 7.50 -25.03 21.59
N ARG F 260 7.05 -25.28 22.81
CA ARG F 260 7.18 -26.60 23.42
C ARG F 260 5.89 -27.01 24.12
N VAL F 261 5.96 -28.14 24.83
CA VAL F 261 4.82 -28.64 25.56
C VAL F 261 4.70 -27.80 26.84
N ASP F 262 5.84 -27.29 27.29
CA ASP F 262 5.91 -26.46 28.48
C ASP F 262 5.22 -25.12 28.22
N ASP F 263 5.41 -24.59 27.02
CA ASP F 263 4.82 -23.31 26.63
C ASP F 263 3.43 -23.52 26.04
N SER F 264 2.44 -23.70 26.91
CA SER F 264 1.07 -23.92 26.47
C SER F 264 0.07 -23.57 27.57
N GLY F 265 -1.08 -23.03 27.18
CA GLY F 265 -2.09 -22.67 28.15
C GLY F 265 -2.80 -21.37 27.85
N VAL F 266 -3.27 -20.70 28.89
CA VAL F 266 -3.99 -19.42 28.76
C VAL F 266 -3.08 -18.24 29.11
N PHE F 267 -3.03 -17.26 28.22
CA PHE F 267 -2.22 -16.07 28.45
C PHE F 267 -3.10 -14.86 28.66
N MET F 268 -2.79 -14.07 29.68
CA MET F 268 -3.57 -12.88 29.97
C MET F 268 -2.78 -11.58 29.79
N CYS F 269 -3.43 -10.58 29.23
CA CYS F 269 -2.82 -9.28 29.03
C CYS F 269 -3.47 -8.38 30.09
N TYR F 270 -2.70 -8.02 31.11
CA TYR F 270 -3.22 -7.18 32.18
C TYR F 270 -2.68 -5.76 32.04
N ALA F 271 -3.53 -4.79 32.35
CA ALA F 271 -3.16 -3.38 32.27
C ALA F 271 -3.98 -2.65 33.32
N ASN F 272 -3.31 -1.97 34.25
CA ASN F 272 -4.03 -1.26 35.29
C ASN F 272 -3.72 0.23 35.40
N ASN F 273 -4.77 0.99 35.71
CA ASN F 273 -4.72 2.44 35.87
C ASN F 273 -4.63 2.76 37.36
N THR F 274 -4.80 4.03 37.71
CA THR F 274 -4.79 4.41 39.11
C THR F 274 -6.26 4.40 39.49
N PHE F 275 -7.10 4.10 38.51
CA PHE F 275 -8.53 4.03 38.70
C PHE F 275 -8.93 2.56 38.79
N GLY F 276 -8.86 1.85 37.66
CA GLY F 276 -9.21 0.44 37.65
C GLY F 276 -8.23 -0.46 36.92
N SER F 277 -8.73 -1.52 36.32
CA SER F 277 -7.89 -2.46 35.57
C SER F 277 -8.71 -3.25 34.55
N ALA F 278 -8.04 -3.78 33.54
CA ALA F 278 -8.70 -4.55 32.50
C ALA F 278 -7.83 -5.73 32.11
N ASN F 279 -8.43 -6.71 31.43
CA ASN F 279 -7.71 -7.90 31.01
C ASN F 279 -8.43 -8.70 29.93
N VAL F 280 -7.65 -9.27 29.03
CA VAL F 280 -8.19 -10.08 27.95
C VAL F 280 -7.30 -11.32 27.85
N THR F 281 -7.94 -12.48 27.76
CA THR F 281 -7.22 -13.76 27.71
C THR F 281 -7.28 -14.47 26.35
N THR F 282 -6.17 -15.11 25.99
CA THR F 282 -6.07 -15.86 24.75
C THR F 282 -5.57 -17.27 25.07
N THR F 283 -6.01 -18.25 24.28
CA THR F 283 -5.62 -19.63 24.52
C THR F 283 -4.64 -20.22 23.51
N LEU F 284 -3.67 -20.96 24.03
CA LEU F 284 -2.66 -21.62 23.21
C LEU F 284 -2.42 -23.03 23.72
N LYS F 285 -2.21 -23.96 22.80
CA LYS F 285 -1.95 -25.35 23.18
C LYS F 285 -0.96 -26.03 22.24
N VAL F 286 0.29 -26.10 22.67
CA VAL F 286 1.36 -26.73 21.90
C VAL F 286 2.13 -27.66 22.81
N PRO G 12 36.30 -51.43 -35.24
CA PRO G 12 34.98 -50.85 -34.87
C PRO G 12 33.94 -51.95 -34.97
N PRO G 13 33.17 -52.17 -33.90
CA PRO G 13 32.14 -53.22 -33.90
C PRO G 13 31.27 -53.19 -35.16
N SER G 14 30.74 -54.35 -35.52
CA SER G 14 29.87 -54.47 -36.68
C SER G 14 28.49 -54.89 -36.21
N ILE G 15 27.52 -54.00 -36.36
CA ILE G 15 26.16 -54.29 -35.95
C ILE G 15 25.45 -55.01 -37.09
N HIS G 16 24.89 -56.19 -36.82
CA HIS G 16 24.25 -56.94 -37.90
C HIS G 16 23.22 -56.13 -38.66
N PRO G 17 22.25 -55.51 -37.97
CA PRO G 17 21.34 -54.76 -38.84
C PRO G 17 22.21 -53.63 -39.43
N ALA G 18 22.85 -53.93 -40.55
CA ALA G 18 23.77 -53.02 -41.24
C ALA G 18 23.14 -51.76 -41.82
N GLN G 19 22.59 -50.93 -40.95
CA GLN G 19 21.98 -49.68 -41.37
C GLN G 19 22.07 -48.67 -40.24
N SER G 20 22.20 -47.40 -40.58
CA SER G 20 22.31 -46.36 -39.59
C SER G 20 21.01 -46.15 -38.81
N GLU G 21 19.88 -46.36 -39.47
CA GLU G 21 18.57 -46.19 -38.84
C GLU G 21 17.73 -47.45 -39.03
N LEU G 22 16.86 -47.73 -38.07
CA LEU G 22 16.00 -48.90 -38.14
C LEU G 22 14.62 -48.54 -37.61
N ILE G 23 13.59 -48.97 -38.31
CA ILE G 23 12.22 -48.69 -37.88
C ILE G 23 11.48 -49.97 -37.55
N VAL G 24 11.41 -50.28 -36.26
CA VAL G 24 10.71 -51.48 -35.80
C VAL G 24 9.32 -51.07 -35.32
N GLU G 25 8.40 -52.04 -35.29
CA GLU G 25 7.03 -51.79 -34.88
C GLU G 25 6.80 -52.11 -33.40
N ALA G 26 6.06 -51.26 -32.71
CA ALA G 26 5.76 -51.47 -31.30
C ALA G 26 4.97 -52.75 -31.11
N GLY G 27 5.45 -53.62 -30.23
CA GLY G 27 4.78 -54.88 -29.98
C GLY G 27 5.59 -56.01 -30.59
N ASP G 28 6.24 -55.70 -31.71
CA ASP G 28 7.07 -56.68 -32.42
C ASP G 28 8.42 -56.82 -31.73
N THR G 29 9.10 -57.93 -31.98
CA THR G 29 10.40 -58.17 -31.37
C THR G 29 11.47 -57.27 -31.99
N LEU G 30 12.42 -56.84 -31.17
CA LEU G 30 13.50 -55.97 -31.62
C LEU G 30 14.84 -56.57 -31.20
N SER G 31 15.61 -57.01 -32.19
CA SER G 31 16.90 -57.64 -31.92
C SER G 31 18.09 -57.01 -32.62
N LEU G 32 19.09 -56.65 -31.83
CA LEU G 32 20.32 -56.06 -32.35
C LEU G 32 21.44 -57.03 -32.03
N THR G 33 22.46 -57.06 -32.88
CA THR G 33 23.57 -57.95 -32.66
C THR G 33 24.81 -57.28 -33.18
N CYS G 34 25.88 -57.26 -32.40
CA CYS G 34 27.10 -56.70 -32.92
C CYS G 34 28.20 -57.71 -32.68
N ILE G 35 28.97 -57.96 -33.72
CA ILE G 35 30.03 -58.93 -33.68
C ILE G 35 31.41 -58.30 -33.52
N ASP G 36 32.12 -58.71 -32.48
CA ASP G 36 33.47 -58.23 -32.20
C ASP G 36 34.14 -59.19 -31.23
N PRO G 37 35.39 -59.59 -31.52
CA PRO G 37 36.14 -60.51 -30.67
C PRO G 37 36.40 -59.89 -29.29
N ASP G 38 36.47 -58.56 -29.27
CA ASP G 38 36.73 -57.81 -28.06
C ASP G 38 35.50 -57.03 -27.60
N PHE G 39 34.33 -57.66 -27.73
CA PHE G 39 33.07 -57.06 -27.31
C PHE G 39 32.98 -56.92 -25.80
N VAL G 40 32.36 -55.83 -25.36
CA VAL G 40 32.20 -55.56 -23.94
C VAL G 40 30.73 -55.48 -23.56
N ARG G 41 30.07 -54.41 -23.96
CA ARG G 41 28.65 -54.24 -23.67
C ARG G 41 27.91 -53.41 -24.69
N TRP G 42 26.60 -53.39 -24.54
CA TRP G 42 25.69 -52.64 -25.38
C TRP G 42 25.26 -51.44 -24.54
N THR G 43 25.07 -50.29 -25.17
CA THR G 43 24.65 -49.09 -24.45
C THR G 43 23.40 -48.51 -25.10
N PHE G 44 22.52 -47.93 -24.28
CA PHE G 44 21.29 -47.31 -24.77
C PHE G 44 20.92 -46.08 -23.97
N LYS G 45 20.73 -44.95 -24.66
CA LYS G 45 20.36 -43.71 -23.99
C LYS G 45 18.84 -43.57 -23.92
N THR G 46 18.32 -43.50 -22.70
CA THR G 46 16.88 -43.37 -22.47
C THR G 46 16.46 -41.91 -22.70
N TYR G 47 15.14 -41.71 -22.83
CA TYR G 47 14.57 -40.37 -23.03
C TYR G 47 15.09 -39.47 -21.89
N PHE G 48 15.01 -40.03 -20.68
CA PHE G 48 15.52 -39.42 -19.49
C PHE G 48 17.00 -39.89 -19.47
N ASN G 49 17.93 -38.96 -19.69
CA ASN G 49 19.35 -39.35 -19.80
C ASN G 49 19.81 -40.34 -18.70
N GLU G 50 19.70 -41.61 -19.18
CA GLU G 50 20.02 -42.88 -18.47
C GLU G 50 20.68 -43.88 -19.41
N MET G 51 21.62 -44.67 -18.90
CA MET G 51 22.29 -45.65 -19.77
C MET G 51 21.92 -47.07 -19.44
N VAL G 52 21.16 -47.71 -20.33
CA VAL G 52 20.78 -49.09 -20.12
C VAL G 52 21.91 -49.95 -20.70
N GLU G 53 22.30 -50.98 -19.96
CA GLU G 53 23.41 -51.83 -20.38
C GLU G 53 23.04 -53.31 -20.59
N ASN G 54 23.73 -53.94 -21.53
CA ASN G 54 23.53 -55.34 -21.83
C ASN G 54 24.89 -55.91 -22.22
N LYS G 55 25.31 -56.96 -21.50
CA LYS G 55 26.61 -57.57 -21.75
C LYS G 55 26.59 -58.76 -22.70
N LYS G 56 25.52 -58.87 -23.49
CA LYS G 56 25.38 -59.98 -24.45
C LYS G 56 25.54 -59.49 -25.89
N ASN G 57 26.05 -60.35 -26.76
CA ASN G 57 26.25 -60.01 -28.16
C ASN G 57 24.94 -59.60 -28.83
N GLU G 58 23.88 -60.37 -28.58
CA GLU G 58 22.59 -60.05 -29.18
C GLU G 58 21.58 -59.56 -28.13
N TRP G 59 20.99 -58.41 -28.42
CA TRP G 59 20.02 -57.79 -27.53
C TRP G 59 18.61 -58.02 -28.05
N ILE G 60 17.90 -58.95 -27.42
CA ILE G 60 16.52 -59.27 -27.80
C ILE G 60 15.54 -58.45 -26.97
N GLN G 61 14.57 -57.86 -27.67
CA GLN G 61 13.55 -57.04 -27.02
C GLN G 61 12.17 -57.57 -27.44
N GLU G 62 11.56 -58.40 -26.62
CA GLU G 62 10.24 -58.92 -26.95
C GLU G 62 9.21 -57.84 -26.64
N LYS G 63 8.22 -57.70 -27.52
CA LYS G 63 7.17 -56.71 -27.34
C LYS G 63 7.76 -55.32 -27.10
N ALA G 64 8.61 -54.88 -28.02
CA ALA G 64 9.27 -53.58 -27.94
C ALA G 64 8.34 -52.40 -27.67
N GLU G 65 8.70 -51.61 -26.67
CA GLU G 65 7.92 -50.43 -26.29
C GLU G 65 8.45 -49.16 -26.94
N ALA G 66 7.59 -48.18 -27.13
CA ALA G 66 7.97 -46.93 -27.74
C ALA G 66 9.14 -46.26 -27.01
N THR G 67 9.20 -46.45 -25.70
CA THR G 67 10.25 -45.85 -24.88
C THR G 67 11.66 -46.34 -25.21
N ARG G 68 11.74 -47.45 -25.95
CA ARG G 68 13.01 -48.01 -26.35
C ARG G 68 13.58 -47.32 -27.59
N THR G 69 12.86 -46.32 -28.10
CA THR G 69 13.33 -45.55 -29.25
C THR G 69 14.61 -44.82 -28.82
N GLY G 70 15.59 -44.77 -29.72
CA GLY G 70 16.82 -44.10 -29.38
C GLY G 70 18.04 -44.74 -30.03
N THR G 71 19.22 -44.22 -29.71
CA THR G 71 20.46 -44.73 -30.27
C THR G 71 21.14 -45.79 -29.41
N TYR G 72 21.44 -46.92 -30.05
CA TYR G 72 22.11 -48.05 -29.39
C TYR G 72 23.57 -48.09 -29.82
N THR G 73 24.47 -48.18 -28.84
CA THR G 73 25.90 -48.21 -29.11
C THR G 73 26.57 -49.49 -28.63
N CYS G 74 27.37 -50.09 -29.51
CA CYS G 74 28.12 -51.32 -29.24
C CYS G 74 29.53 -50.87 -28.85
N SER G 75 29.97 -51.29 -27.66
CA SER G 75 31.27 -50.90 -27.14
C SER G 75 32.36 -51.95 -27.30
N ASN G 76 33.57 -51.48 -27.59
CA ASN G 76 34.72 -52.35 -27.82
C ASN G 76 35.73 -52.23 -26.68
N SER G 77 36.51 -53.29 -26.48
CA SER G 77 37.52 -53.32 -25.43
C SER G 77 38.75 -52.51 -25.81
N ASN G 78 38.90 -52.26 -27.11
CA ASN G 78 40.02 -51.50 -27.62
C ASN G 78 39.70 -50.01 -27.52
N GLY G 79 38.41 -49.69 -27.51
CA GLY G 79 37.99 -48.30 -27.38
C GLY G 79 37.21 -47.74 -28.57
N LEU G 80 36.70 -48.62 -29.43
CA LEU G 80 35.95 -48.19 -30.60
C LEU G 80 34.46 -48.39 -30.39
N THR G 81 33.64 -47.57 -31.04
CA THR G 81 32.19 -47.68 -30.92
C THR G 81 31.48 -47.59 -32.27
N SER G 82 30.30 -48.18 -32.31
CA SER G 82 29.44 -48.19 -33.51
C SER G 82 27.99 -48.07 -33.03
N SER G 83 27.25 -47.10 -33.55
CA SER G 83 25.86 -46.94 -33.14
C SER G 83 24.82 -47.11 -34.23
N ILE G 84 23.59 -47.44 -33.80
CA ILE G 84 22.45 -47.61 -34.70
C ILE G 84 21.22 -47.01 -34.02
N TYR G 85 20.54 -46.09 -34.70
CA TYR G 85 19.36 -45.46 -34.15
C TYR G 85 18.12 -46.28 -34.49
N VAL G 86 17.31 -46.61 -33.48
CA VAL G 86 16.11 -47.39 -33.68
C VAL G 86 14.83 -46.62 -33.34
N PHE G 87 13.82 -46.71 -34.20
CA PHE G 87 12.52 -46.06 -33.97
C PHE G 87 11.52 -47.15 -33.65
N VAL G 88 10.99 -47.18 -32.43
CA VAL G 88 10.00 -48.20 -32.12
C VAL G 88 8.64 -47.53 -32.29
N ARG G 89 8.15 -47.55 -33.54
CA ARG G 89 6.88 -46.92 -33.89
C ARG G 89 5.67 -47.33 -33.07
N ASP G 90 4.96 -46.31 -32.61
CA ASP G 90 3.74 -46.49 -31.84
C ASP G 90 2.77 -45.49 -32.46
N PRO G 91 1.54 -45.94 -32.74
CA PRO G 91 0.48 -45.13 -33.34
C PRO G 91 -0.01 -44.04 -32.39
N ALA G 92 -0.23 -44.43 -31.13
CA ALA G 92 -0.69 -43.51 -30.10
C ALA G 92 0.42 -42.53 -29.71
N LYS G 93 1.56 -43.10 -29.29
CA LYS G 93 2.72 -42.31 -28.88
C LYS G 93 3.61 -41.82 -30.01
N LEU G 94 3.17 -40.85 -30.79
CA LEU G 94 4.01 -40.37 -31.87
C LEU G 94 5.20 -39.60 -31.29
N PHE G 95 4.95 -38.80 -30.27
CA PHE G 95 6.01 -38.01 -29.65
C PHE G 95 6.35 -38.54 -28.27
N LEU G 96 7.63 -38.47 -27.91
CA LEU G 96 8.06 -38.90 -26.59
C LEU G 96 8.08 -37.66 -25.72
N VAL G 97 7.33 -37.70 -24.62
CA VAL G 97 7.26 -36.57 -23.72
C VAL G 97 7.65 -37.02 -22.31
N GLY G 98 7.77 -36.07 -21.38
CA GLY G 98 8.12 -36.41 -20.02
C GLY G 98 9.06 -35.42 -19.32
N LEU G 99 9.85 -34.70 -20.11
CA LEU G 99 10.80 -33.75 -19.54
C LEU G 99 10.31 -32.30 -19.66
N PRO G 100 10.82 -31.42 -18.80
CA PRO G 100 10.50 -29.98 -18.75
C PRO G 100 11.19 -29.22 -19.87
N LEU G 101 11.02 -27.91 -19.92
CA LEU G 101 11.65 -27.11 -20.97
C LEU G 101 12.52 -25.99 -20.46
N PHE G 102 13.83 -26.20 -20.46
CA PHE G 102 14.69 -25.15 -20.00
C PHE G 102 15.53 -24.60 -21.12
N GLY G 103 16.07 -23.40 -20.91
CA GLY G 103 16.90 -22.78 -21.92
C GLY G 103 17.56 -21.53 -21.40
N LYS G 104 18.82 -21.33 -21.75
CA LYS G 104 19.58 -20.16 -21.32
C LYS G 104 19.32 -19.04 -22.32
N GLU G 105 19.37 -17.80 -21.86
CA GLU G 105 19.13 -16.65 -22.72
C GLU G 105 20.27 -16.54 -23.73
N ASP G 106 19.94 -16.27 -24.99
CA ASP G 106 20.92 -16.13 -26.06
C ASP G 106 21.55 -17.47 -26.42
N SER G 107 20.89 -18.55 -26.01
CA SER G 107 21.38 -19.89 -26.29
C SER G 107 20.22 -20.73 -26.84
N ASP G 108 20.37 -22.05 -26.88
CA ASP G 108 19.30 -22.87 -27.41
C ASP G 108 18.47 -23.58 -26.33
N ALA G 109 17.35 -24.17 -26.76
CA ALA G 109 16.43 -24.87 -25.85
C ALA G 109 15.79 -26.04 -26.59
N LEU G 110 16.19 -27.26 -26.26
CA LEU G 110 15.65 -28.44 -26.96
C LEU G 110 14.30 -28.86 -26.41
N VAL G 111 13.30 -28.85 -27.28
CA VAL G 111 11.98 -29.30 -26.92
C VAL G 111 11.96 -30.80 -27.10
N ARG G 112 12.39 -31.52 -26.06
CA ARG G 112 12.49 -32.97 -26.10
C ARG G 112 11.18 -33.75 -26.36
N CYS G 113 10.82 -33.82 -27.63
CA CYS G 113 9.63 -34.53 -28.12
C CYS G 113 10.09 -35.42 -29.27
N PRO G 114 10.80 -36.53 -28.99
CA PRO G 114 11.29 -37.30 -30.17
C PRO G 114 10.12 -37.97 -30.88
N LEU G 115 10.24 -38.34 -32.14
CA LEU G 115 9.15 -39.14 -32.68
C LEU G 115 9.50 -40.62 -32.81
N THR G 116 8.46 -41.44 -32.79
CA THR G 116 8.60 -42.87 -32.90
C THR G 116 8.26 -43.31 -34.32
N ASP G 117 7.87 -42.34 -35.14
CA ASP G 117 7.52 -42.59 -36.53
C ASP G 117 8.22 -41.50 -37.34
N PRO G 118 9.30 -41.85 -38.03
CA PRO G 118 10.04 -40.88 -38.84
C PRO G 118 9.36 -40.63 -40.18
N GLN G 119 8.37 -41.47 -40.48
CA GLN G 119 7.64 -41.37 -41.74
C GLN G 119 6.46 -40.39 -41.62
N VAL G 120 6.78 -39.14 -41.29
CA VAL G 120 5.77 -38.09 -41.17
C VAL G 120 6.33 -36.77 -41.68
N SER G 121 5.44 -35.88 -42.11
CA SER G 121 5.85 -34.60 -42.65
C SER G 121 5.45 -33.42 -41.77
N GLN G 122 5.99 -32.25 -42.09
CA GLN G 122 5.70 -31.02 -41.36
C GLN G 122 5.97 -31.09 -39.85
N TYR G 123 7.06 -31.74 -39.46
CA TYR G 123 7.42 -31.83 -38.04
C TYR G 123 7.88 -30.45 -37.60
N SER G 124 7.03 -29.77 -36.84
CA SER G 124 7.33 -28.42 -36.39
C SER G 124 6.76 -28.09 -35.00
N LEU G 125 6.99 -26.85 -34.57
CA LEU G 125 6.49 -26.36 -33.28
C LEU G 125 5.29 -25.47 -33.51
N ILE G 126 4.33 -25.53 -32.59
CA ILE G 126 3.13 -24.70 -32.66
C ILE G 126 2.80 -24.29 -31.22
N GLU G 127 2.15 -23.14 -31.06
CA GLU G 127 1.73 -22.63 -29.76
C GLU G 127 0.79 -23.65 -29.12
N CYS G 128 0.94 -23.92 -27.82
CA CYS G 128 0.10 -24.94 -27.25
C CYS G 128 -1.41 -24.71 -27.23
N ASP G 129 -1.86 -23.49 -27.49
CA ASP G 129 -3.31 -23.23 -27.54
C ASP G 129 -3.76 -22.76 -28.93
N GLY G 130 -2.92 -23.01 -29.94
CA GLY G 130 -3.27 -22.64 -31.29
C GLY G 130 -2.99 -21.22 -31.73
N LYS G 131 -2.46 -20.40 -30.83
CA LYS G 131 -2.17 -18.99 -31.16
C LYS G 131 -0.94 -18.86 -32.05
N SER G 132 -0.50 -17.62 -32.26
CA SER G 132 0.65 -17.33 -33.10
C SER G 132 1.95 -17.29 -32.30
N LEU G 133 3.00 -17.87 -32.86
CA LEU G 133 4.33 -17.89 -32.23
C LEU G 133 5.01 -16.54 -32.41
N PRO G 134 5.95 -16.20 -31.52
CA PRO G 134 6.66 -14.92 -31.65
C PRO G 134 7.25 -14.75 -33.04
N THR G 135 7.30 -13.50 -33.50
CA THR G 135 7.83 -13.20 -34.80
C THR G 135 9.27 -13.68 -35.02
N ASP G 136 10.15 -13.38 -34.06
CA ASP G 136 11.55 -13.79 -34.17
C ASP G 136 11.88 -15.16 -33.60
N LEU G 137 10.86 -15.99 -33.38
CA LEU G 137 11.11 -17.31 -32.83
C LEU G 137 11.54 -18.24 -33.95
N THR G 138 12.73 -18.81 -33.84
CA THR G 138 13.22 -19.72 -34.86
C THR G 138 13.49 -21.10 -34.26
N PHE G 139 13.00 -22.15 -34.92
CA PHE G 139 13.19 -23.50 -34.43
C PHE G 139 13.77 -24.49 -35.46
N VAL G 140 14.48 -25.51 -35.00
CA VAL G 140 15.09 -26.51 -35.87
C VAL G 140 14.71 -27.94 -35.51
N PRO G 141 13.88 -28.58 -36.33
CA PRO G 141 13.43 -29.96 -36.12
C PRO G 141 14.56 -31.00 -36.13
N ASN G 142 14.34 -32.11 -35.41
CA ASN G 142 15.31 -33.20 -35.35
C ASN G 142 14.61 -34.44 -34.81
N PRO G 143 14.16 -35.31 -35.70
CA PRO G 143 13.47 -36.55 -35.32
C PRO G 143 14.13 -37.40 -34.23
N LYS G 144 15.45 -37.33 -34.10
CA LYS G 144 16.17 -38.12 -33.11
C LYS G 144 16.31 -37.48 -31.73
N ALA G 145 15.98 -36.21 -31.62
CA ALA G 145 16.09 -35.50 -30.35
C ALA G 145 14.83 -34.71 -30.00
N GLY G 146 14.40 -33.86 -30.92
CA GLY G 146 13.21 -33.03 -30.71
C GLY G 146 13.39 -31.78 -31.52
N ILE G 147 12.72 -30.72 -31.11
CA ILE G 147 12.83 -29.45 -31.82
C ILE G 147 13.60 -28.47 -30.96
N THR G 148 14.58 -27.82 -31.55
CA THR G 148 15.41 -26.88 -30.83
C THR G 148 14.94 -25.46 -31.07
N ILE G 149 14.89 -24.67 -30.02
CA ILE G 149 14.50 -23.27 -30.15
C ILE G 149 15.78 -22.49 -30.22
N LYS G 150 15.93 -21.73 -31.28
CA LYS G 150 17.13 -20.95 -31.47
C LYS G 150 17.06 -19.61 -30.76
N ASN G 151 18.22 -19.10 -30.36
CA ASN G 151 18.35 -17.80 -29.69
C ASN G 151 17.23 -17.40 -28.76
N VAL G 152 17.23 -18.01 -27.58
CA VAL G 152 16.23 -17.74 -26.55
C VAL G 152 16.30 -16.33 -25.95
N LYS G 153 15.14 -15.69 -25.83
CA LYS G 153 15.03 -14.33 -25.27
C LYS G 153 14.16 -14.35 -24.01
N ARG G 154 14.27 -13.29 -23.21
CA ARG G 154 13.48 -13.20 -21.99
C ARG G 154 11.97 -13.12 -22.28
N ALA G 155 11.62 -12.67 -23.48
CA ALA G 155 10.22 -12.53 -23.85
C ALA G 155 9.55 -13.88 -24.08
N TYR G 156 10.34 -14.94 -24.12
CA TYR G 156 9.78 -16.26 -24.33
C TYR G 156 9.54 -16.97 -22.99
N HIS G 157 10.12 -16.44 -21.92
CA HIS G 157 9.86 -16.97 -20.61
C HIS G 157 8.38 -17.24 -20.64
N ARG G 158 8.02 -18.45 -20.18
CA ARG G 158 6.70 -19.09 -19.95
C ARG G 158 5.80 -19.37 -21.16
N LEU G 159 6.41 -19.54 -22.34
CA LEU G 159 5.78 -19.88 -23.61
C LEU G 159 5.50 -21.36 -23.61
N CYS G 160 4.28 -21.78 -23.93
CA CYS G 160 4.00 -23.21 -23.95
C CYS G 160 3.89 -23.57 -25.40
N VAL G 161 4.55 -24.67 -25.78
CA VAL G 161 4.53 -25.12 -27.17
C VAL G 161 4.14 -26.57 -27.25
N ARG G 162 3.81 -27.00 -28.47
CA ARG G 162 3.43 -28.37 -28.72
C ARG G 162 4.17 -28.76 -29.98
N CYS G 163 4.58 -30.00 -30.07
CA CYS G 163 5.27 -30.45 -31.26
C CYS G 163 4.15 -31.00 -32.13
N ALA G 164 4.19 -30.64 -33.41
CA ALA G 164 3.16 -31.09 -34.34
C ALA G 164 3.82 -31.74 -35.56
N ALA G 165 3.11 -32.70 -36.14
CA ALA G 165 3.58 -33.40 -37.32
C ALA G 165 2.38 -33.98 -38.04
N GLN G 166 2.41 -33.97 -39.37
CA GLN G 166 1.31 -34.49 -40.16
C GLN G 166 1.52 -35.97 -40.47
N ARG G 167 0.57 -36.81 -40.07
CA ARG G 167 0.67 -38.25 -40.26
C ARG G 167 -0.44 -38.80 -41.14
N ASP G 168 -0.19 -38.83 -42.45
CA ASP G 168 -1.17 -39.32 -43.43
C ASP G 168 -2.29 -38.32 -43.62
N GLY G 169 -1.92 -37.05 -43.72
CA GLY G 169 -2.91 -36.00 -43.91
C GLY G 169 -3.39 -35.37 -42.62
N THR G 170 -3.63 -36.20 -41.61
CA THR G 170 -4.11 -35.72 -40.33
C THR G 170 -2.99 -35.14 -39.47
N TRP G 171 -3.33 -34.19 -38.62
CA TRP G 171 -2.36 -33.57 -37.73
C TRP G 171 -2.41 -34.18 -36.34
N LEU G 172 -1.25 -34.29 -35.71
CA LEU G 172 -1.15 -34.84 -34.37
C LEU G 172 -0.28 -33.90 -33.54
N HIS G 173 -0.65 -33.71 -32.28
CA HIS G 173 0.09 -32.83 -31.38
C HIS G 173 0.63 -33.57 -30.17
N SER G 174 1.66 -33.00 -29.54
CA SER G 174 2.26 -33.59 -28.34
C SER G 174 1.72 -32.84 -27.13
N ASP G 175 2.14 -33.24 -25.92
CA ASP G 175 1.68 -32.55 -24.72
C ASP G 175 2.26 -31.14 -24.65
N LYS G 176 1.78 -30.37 -23.68
CA LYS G 176 2.25 -29.00 -23.51
C LYS G 176 3.66 -28.93 -22.95
N PHE G 177 4.51 -28.13 -23.59
CA PHE G 177 5.88 -27.93 -23.14
C PHE G 177 5.95 -26.46 -22.77
N THR G 178 6.09 -26.15 -21.49
CA THR G 178 6.16 -24.76 -21.08
C THR G 178 7.60 -24.38 -20.83
N LEU G 179 8.13 -23.52 -21.70
CA LEU G 179 9.51 -23.06 -21.62
C LEU G 179 9.86 -22.19 -20.44
N LYS G 180 10.91 -22.57 -19.73
CA LYS G 180 11.40 -21.77 -18.60
C LYS G 180 12.78 -21.30 -19.03
N VAL G 181 13.01 -19.99 -19.03
CA VAL G 181 14.30 -19.49 -19.47
C VAL G 181 15.19 -18.96 -18.35
N ARG G 182 16.48 -19.25 -18.49
CA ARG G 182 17.49 -18.82 -17.55
C ARG G 182 17.97 -17.46 -17.99
N GLU G 183 18.00 -16.53 -17.06
CA GLU G 183 18.46 -15.20 -17.36
C GLU G 183 19.97 -15.18 -17.58
N ALA G 184 20.38 -14.78 -18.77
CA ALA G 184 21.80 -14.68 -19.09
C ALA G 184 22.22 -13.37 -18.42
N ILE G 185 23.05 -13.48 -17.38
CA ILE G 185 23.49 -12.32 -16.62
C ILE G 185 24.39 -11.37 -17.40
N LYS G 186 23.97 -10.11 -17.43
CA LYS G 186 24.71 -9.08 -18.15
C LYS G 186 24.41 -7.71 -17.53
N ALA G 187 24.33 -7.66 -16.21
CA ALA G 187 24.04 -6.41 -15.50
C ALA G 187 24.60 -6.44 -14.09
N ILE G 188 25.11 -5.30 -13.65
CA ILE G 188 25.67 -5.19 -12.32
C ILE G 188 24.52 -5.22 -11.29
N PRO G 189 24.74 -5.88 -10.14
CA PRO G 189 23.74 -5.99 -9.08
C PRO G 189 23.30 -4.62 -8.57
N VAL G 190 22.20 -4.57 -7.82
CA VAL G 190 21.72 -3.30 -7.28
C VAL G 190 21.65 -3.40 -5.77
N VAL G 191 22.44 -2.58 -5.09
CA VAL G 191 22.48 -2.59 -3.63
C VAL G 191 21.95 -1.29 -3.07
N SER G 192 21.28 -1.37 -1.93
CA SER G 192 20.73 -0.19 -1.29
C SER G 192 20.64 -0.35 0.21
N VAL G 193 20.86 0.74 0.93
CA VAL G 193 20.78 0.73 2.39
C VAL G 193 20.04 1.98 2.82
N PRO G 194 19.07 1.82 3.73
CA PRO G 194 18.24 2.91 4.26
C PRO G 194 19.01 4.14 4.74
N GLU G 195 19.75 4.00 5.83
CA GLU G 195 20.52 5.10 6.39
C GLU G 195 21.94 5.19 5.90
N THR G 196 22.47 6.41 5.85
CA THR G 196 23.85 6.63 5.41
C THR G 196 24.79 6.64 6.61
N SER G 197 24.27 7.06 7.75
CA SER G 197 25.06 7.11 8.97
C SER G 197 24.19 7.22 10.21
N HIS G 198 24.54 6.48 11.25
CA HIS G 198 23.80 6.49 12.51
C HIS G 198 24.68 5.99 13.65
N LEU G 199 24.41 6.46 14.87
CA LEU G 199 25.19 6.06 16.04
C LEU G 199 24.39 5.99 17.32
N LEU G 200 24.83 5.14 18.24
CA LEU G 200 24.18 4.96 19.54
C LEU G 200 25.23 4.63 20.60
N LYS G 201 24.81 4.57 21.87
CA LYS G 201 25.72 4.27 22.97
C LYS G 201 25.91 2.76 23.15
N LYS G 202 26.94 2.37 23.90
CA LYS G 202 27.22 0.96 24.14
C LYS G 202 26.10 0.23 24.86
N GLY G 203 25.92 -1.04 24.51
CA GLY G 203 24.87 -1.84 25.12
C GLY G 203 23.67 -1.96 24.20
N ASP G 204 23.31 -0.85 23.56
CA ASP G 204 22.19 -0.82 22.64
C ASP G 204 22.51 -1.57 21.37
N THR G 205 21.62 -2.47 20.97
CA THR G 205 21.81 -3.27 19.76
C THR G 205 21.33 -2.52 18.52
N PHE G 206 22.03 -2.71 17.40
CA PHE G 206 21.64 -2.05 16.17
C PHE G 206 21.48 -3.05 15.03
N THR G 207 20.61 -2.71 14.08
CA THR G 207 20.36 -3.58 12.95
C THR G 207 20.32 -2.81 11.65
N VAL G 208 20.97 -3.36 10.64
CA VAL G 208 21.03 -2.73 9.34
C VAL G 208 20.61 -3.77 8.29
N VAL G 209 19.64 -3.40 7.45
CA VAL G 209 19.16 -4.30 6.44
C VAL G 209 19.59 -3.84 5.04
N CYS G 210 20.38 -4.67 4.38
CA CYS G 210 20.85 -4.36 3.04
C CYS G 210 19.93 -5.05 2.02
N THR G 211 19.59 -4.33 0.96
CA THR G 211 18.72 -4.87 -0.06
C THR G 211 19.42 -5.07 -1.40
N ILE G 212 19.55 -6.33 -1.79
CA ILE G 212 20.21 -6.69 -3.05
C ILE G 212 19.17 -7.08 -4.09
N LYS G 213 19.29 -6.52 -5.29
CA LYS G 213 18.36 -6.83 -6.36
C LYS G 213 19.12 -7.35 -7.57
N ASP G 214 18.55 -8.33 -8.26
CA ASP G 214 19.19 -8.90 -9.45
C ASP G 214 18.22 -9.83 -10.18
N VAL G 215 18.63 -10.30 -11.35
CA VAL G 215 17.78 -11.19 -12.16
C VAL G 215 17.85 -12.68 -11.84
N SER G 216 18.78 -13.11 -11.00
CA SER G 216 18.88 -14.54 -10.67
C SER G 216 19.20 -14.70 -9.19
N THR G 217 19.17 -15.93 -8.70
CA THR G 217 19.44 -16.21 -7.28
C THR G 217 20.93 -16.41 -7.06
N SER G 218 21.67 -16.45 -8.16
CA SER G 218 23.10 -16.67 -8.13
C SER G 218 23.98 -15.57 -7.51
N VAL G 219 23.41 -14.39 -7.25
CA VAL G 219 24.21 -13.33 -6.64
C VAL G 219 24.81 -13.67 -5.31
N ASN G 220 26.04 -13.23 -5.11
CA ASN G 220 26.74 -13.48 -3.87
C ASN G 220 26.74 -12.15 -3.13
N SER G 221 26.09 -12.10 -1.97
CA SER G 221 26.04 -10.88 -1.18
C SER G 221 26.69 -11.15 0.16
N MET G 222 27.23 -10.10 0.77
CA MET G 222 27.89 -10.25 2.08
C MET G 222 28.07 -8.92 2.79
N TRP G 223 28.21 -9.00 4.11
CA TRP G 223 28.39 -7.80 4.95
C TRP G 223 29.85 -7.69 5.40
N LEU G 224 30.40 -6.48 5.31
CA LEU G 224 31.80 -6.26 5.69
C LEU G 224 32.00 -5.27 6.82
N LYS G 225 33.12 -5.43 7.53
CA LYS G 225 33.50 -4.55 8.63
C LYS G 225 34.89 -4.03 8.31
N MET G 226 34.96 -2.92 7.59
CA MET G 226 36.24 -2.35 7.22
C MET G 226 36.77 -1.23 8.11
N ASN G 227 37.72 -1.58 8.96
CA ASN G 227 38.36 -0.65 9.87
C ASN G 227 39.86 -0.76 9.58
N PRO G 228 40.47 -1.93 9.87
CA PRO G 228 41.91 -2.05 9.57
C PRO G 228 41.98 -2.53 8.13
N GLN G 229 41.00 -3.36 7.77
CA GLN G 229 40.88 -3.93 6.45
C GLN G 229 39.48 -4.53 6.33
N PRO G 230 38.95 -4.63 5.10
CA PRO G 230 37.61 -5.19 4.92
C PRO G 230 37.48 -6.62 5.46
N GLN G 231 36.87 -6.75 6.64
CA GLN G 231 36.67 -8.05 7.29
C GLN G 231 35.24 -8.53 7.05
N HIS G 232 35.05 -9.84 6.95
CA HIS G 232 33.72 -10.40 6.73
C HIS G 232 33.13 -11.00 8.00
N ILE G 233 31.85 -10.70 8.24
CA ILE G 233 31.16 -11.22 9.43
C ILE G 233 30.13 -12.27 9.03
N ALA G 234 30.10 -13.37 9.78
CA ALA G 234 29.18 -14.48 9.49
C ALA G 234 27.81 -14.37 10.15
N GLN G 235 27.69 -13.51 11.16
CA GLN G 235 26.42 -13.33 11.86
C GLN G 235 25.45 -12.44 11.07
N VAL G 236 24.88 -13.00 10.00
CA VAL G 236 23.95 -12.28 9.15
C VAL G 236 22.71 -13.14 8.80
N LYS G 237 21.51 -12.56 8.93
CA LYS G 237 20.28 -13.26 8.62
C LYS G 237 19.98 -13.14 7.12
N HIS G 238 19.61 -14.26 6.50
CA HIS G 238 19.31 -14.27 5.08
C HIS G 238 17.80 -14.31 4.83
N ASN G 239 17.36 -13.55 3.84
CA ASN G 239 15.95 -13.49 3.46
C ASN G 239 15.90 -13.21 1.98
N SER G 240 15.18 -14.05 1.24
CA SER G 240 15.08 -13.88 -0.20
C SER G 240 13.66 -14.01 -0.72
N TRP G 241 13.36 -13.32 -1.81
CA TRP G 241 12.03 -13.36 -2.41
C TRP G 241 12.11 -13.18 -3.92
N HIS G 242 11.17 -13.81 -4.63
CA HIS G 242 11.12 -13.69 -6.09
C HIS G 242 10.03 -12.66 -6.35
N ARG G 243 10.43 -11.42 -6.60
CA ARG G 243 9.47 -10.35 -6.82
C ARG G 243 8.77 -10.41 -8.18
N GLY G 244 9.44 -10.93 -9.19
CA GLY G 244 8.84 -10.99 -10.51
C GLY G 244 9.59 -11.96 -11.39
N ASP G 245 9.31 -11.97 -12.68
CA ASP G 245 9.99 -12.88 -13.58
C ASP G 245 11.52 -12.79 -13.51
N PHE G 246 12.09 -11.58 -13.60
CA PHE G 246 13.53 -11.51 -13.50
C PHE G 246 13.91 -10.53 -12.40
N ASN G 247 13.10 -10.54 -11.35
CA ASN G 247 13.30 -9.68 -10.21
C ASN G 247 13.49 -10.49 -8.94
N TYR G 248 14.75 -10.71 -8.56
CA TYR G 248 15.10 -11.43 -7.35
C TYR G 248 15.48 -10.39 -6.31
N GLU G 249 15.22 -10.67 -5.05
CA GLU G 249 15.56 -9.74 -3.99
C GLU G 249 16.05 -10.48 -2.75
N ARG G 250 17.15 -10.01 -2.17
CA ARG G 250 17.69 -10.65 -0.96
C ARG G 250 17.96 -9.55 0.07
N GLN G 251 17.54 -9.78 1.30
CA GLN G 251 17.77 -8.81 2.35
C GLN G 251 18.74 -9.36 3.37
N GLU G 252 19.91 -8.74 3.40
CA GLU G 252 20.97 -9.11 4.32
C GLU G 252 20.86 -8.26 5.57
N THR G 253 20.56 -8.90 6.69
CA THR G 253 20.39 -8.19 7.95
C THR G 253 21.53 -8.38 8.94
N LEU G 254 22.26 -7.30 9.18
CA LEU G 254 23.39 -7.32 10.10
C LEU G 254 22.93 -6.95 11.50
N THR G 255 23.16 -7.84 12.46
CA THR G 255 22.75 -7.60 13.84
C THR G 255 23.88 -7.85 14.83
N ILE G 256 24.14 -6.83 15.64
CA ILE G 256 25.19 -6.88 16.65
C ILE G 256 24.60 -6.62 18.04
N SER G 257 24.68 -7.61 18.91
CA SER G 257 24.17 -7.48 20.26
C SER G 257 25.19 -6.81 21.19
N SER G 258 24.72 -5.83 21.97
CA SER G 258 25.58 -5.10 22.90
C SER G 258 26.79 -4.49 22.20
N ALA G 259 26.58 -3.32 21.59
CA ALA G 259 27.64 -2.63 20.87
C ALA G 259 28.78 -2.20 21.81
N ARG G 260 29.96 -1.99 21.23
CA ARG G 260 31.12 -1.57 22.00
C ARG G 260 31.99 -0.60 21.23
N VAL G 261 33.13 -0.27 21.79
CA VAL G 261 34.07 0.64 21.14
C VAL G 261 34.72 -0.13 19.99
N ASP G 262 34.85 -1.44 20.17
CA ASP G 262 35.44 -2.32 19.17
C ASP G 262 34.57 -2.34 17.92
N ASP G 263 33.26 -2.41 18.13
CA ASP G 263 32.30 -2.44 17.04
C ASP G 263 31.92 -1.03 16.60
N SER G 264 32.77 -0.44 15.77
CA SER G 264 32.54 0.92 15.27
C SER G 264 33.31 1.18 13.99
N GLY G 265 32.71 1.95 13.08
CA GLY G 265 33.37 2.26 11.84
C GLY G 265 32.45 2.23 10.63
N VAL G 266 33.03 1.96 9.47
CA VAL G 266 32.26 1.90 8.21
C VAL G 266 31.99 0.45 7.80
N PHE G 267 30.73 0.17 7.46
CA PHE G 267 30.34 -1.17 7.04
C PHE G 267 29.94 -1.16 5.58
N MET G 268 30.42 -2.13 4.82
CA MET G 268 30.08 -2.21 3.42
C MET G 268 29.26 -3.45 3.07
N CYS G 269 28.29 -3.26 2.19
CA CYS G 269 27.47 -4.36 1.73
C CYS G 269 27.92 -4.64 0.30
N TYR G 270 28.63 -5.75 0.12
CA TYR G 270 29.14 -6.12 -1.20
C TYR G 270 28.28 -7.22 -1.80
N ALA G 271 28.09 -7.14 -3.12
CA ALA G 271 27.30 -8.12 -3.84
C ALA G 271 27.85 -8.20 -5.26
N ASN G 272 28.30 -9.37 -5.68
CA ASN G 272 28.86 -9.48 -7.01
C ASN G 272 28.22 -10.53 -7.91
N ASN G 273 28.14 -10.19 -9.19
CA ASN G 273 27.57 -11.04 -10.23
C ASN G 273 28.72 -11.71 -10.99
N THR G 274 28.39 -12.36 -12.10
CA THR G 274 29.41 -13.00 -12.92
C THR G 274 29.78 -11.91 -13.92
N PHE G 275 29.06 -10.81 -13.84
CA PHE G 275 29.28 -9.66 -14.71
C PHE G 275 30.09 -8.61 -13.96
N GLY G 276 29.46 -7.93 -13.00
CA GLY G 276 30.16 -6.91 -12.25
C GLY G 276 29.93 -7.02 -10.75
N SER G 277 30.00 -5.88 -10.05
CA SER G 277 29.77 -5.85 -8.61
C SER G 277 29.26 -4.48 -8.19
N ALA G 278 28.74 -4.40 -6.97
CA ALA G 278 28.20 -3.15 -6.44
C ALA G 278 28.41 -3.12 -4.94
N ASN G 279 28.32 -1.93 -4.35
CA ASN G 279 28.53 -1.79 -2.92
C ASN G 279 28.01 -0.46 -2.38
N VAL G 280 27.48 -0.51 -1.17
CA VAL G 280 26.97 0.67 -0.50
C VAL G 280 27.49 0.63 0.93
N THR G 281 27.99 1.77 1.40
CA THR G 281 28.57 1.86 2.73
C THR G 281 27.77 2.70 3.73
N THR G 282 27.77 2.26 4.98
CA THR G 282 27.06 2.96 6.05
C THR G 282 28.06 3.22 7.17
N THR G 283 27.84 4.28 7.93
CA THR G 283 28.75 4.63 9.01
C THR G 283 28.16 4.48 10.41
N LEU G 284 28.96 3.93 11.30
CA LEU G 284 28.57 3.72 12.69
C LEU G 284 29.72 4.07 13.62
N LYS G 285 29.39 4.67 14.76
CA LYS G 285 30.40 5.04 15.73
C LYS G 285 29.90 4.91 17.15
N VAL G 286 30.32 3.82 17.80
CA VAL G 286 29.93 3.54 19.18
C VAL G 286 31.17 3.07 19.94
N PRO H 12 -66.04 -41.18 8.29
CA PRO H 12 -64.61 -41.15 7.95
C PRO H 12 -64.21 -42.32 7.05
N PRO H 13 -63.24 -42.11 6.15
CA PRO H 13 -62.75 -43.12 5.21
C PRO H 13 -62.07 -44.28 5.94
N SER H 14 -62.22 -45.49 5.40
CA SER H 14 -61.65 -46.68 6.01
C SER H 14 -60.52 -47.31 5.18
N ILE H 15 -59.26 -47.04 5.56
CA ILE H 15 -58.09 -47.56 4.87
C ILE H 15 -57.88 -49.03 5.20
N HIS H 16 -57.82 -49.88 4.16
CA HIS H 16 -57.66 -51.31 4.39
C HIS H 16 -56.51 -51.67 5.29
N PRO H 17 -55.29 -51.20 5.00
CA PRO H 17 -54.26 -51.61 5.95
C PRO H 17 -54.62 -50.88 7.27
N ALA H 18 -55.54 -51.49 8.01
CA ALA H 18 -56.05 -50.97 9.27
C ALA H 18 -55.05 -50.78 10.40
N GLN H 19 -54.04 -49.95 10.15
CA GLN H 19 -53.02 -49.66 11.14
C GLN H 19 -52.59 -48.22 10.94
N SER H 20 -52.15 -47.58 12.01
CA SER H 20 -51.70 -46.20 11.94
C SER H 20 -50.34 -46.06 11.25
N GLU H 21 -49.50 -47.08 11.41
CA GLU H 21 -48.17 -47.12 10.81
C GLU H 21 -47.96 -48.41 10.04
N LEU H 22 -47.25 -48.30 8.91
CA LEU H 22 -46.97 -49.47 8.09
C LEU H 22 -45.51 -49.49 7.68
N ILE H 23 -44.86 -50.65 7.78
CA ILE H 23 -43.46 -50.75 7.38
C ILE H 23 -43.31 -51.68 6.18
N VAL H 24 -43.11 -51.08 5.01
CA VAL H 24 -42.94 -51.84 3.78
C VAL H 24 -41.46 -51.83 3.41
N GLU H 25 -41.01 -52.87 2.72
CA GLU H 25 -39.62 -52.98 2.31
C GLU H 25 -39.38 -52.29 0.96
N ALA H 26 -38.20 -51.70 0.79
CA ALA H 26 -37.85 -51.04 -0.45
C ALA H 26 -37.65 -52.07 -1.55
N GLY H 27 -38.34 -51.87 -2.68
CA GLY H 27 -38.24 -52.80 -3.78
C GLY H 27 -39.51 -53.62 -3.88
N ASP H 28 -40.15 -53.82 -2.73
CA ASP H 28 -41.40 -54.58 -2.65
C ASP H 28 -42.58 -53.68 -3.01
N THR H 29 -43.70 -54.30 -3.38
CA THR H 29 -44.88 -53.54 -3.75
C THR H 29 -45.55 -52.91 -2.54
N LEU H 30 -46.09 -51.72 -2.72
CA LEU H 30 -46.75 -50.98 -1.65
C LEU H 30 -48.14 -50.58 -2.09
N SER H 31 -49.16 -51.18 -1.48
CA SER H 31 -50.53 -50.89 -1.85
C SER H 31 -51.45 -50.44 -0.71
N LEU H 32 -52.10 -49.30 -0.92
CA LEU H 32 -53.03 -48.74 0.06
C LEU H 32 -54.40 -48.69 -0.59
N THR H 33 -55.44 -48.95 0.17
CA THR H 33 -56.80 -48.93 -0.36
C THR H 33 -57.74 -48.35 0.69
N CYS H 34 -58.51 -47.33 0.32
CA CYS H 34 -59.45 -46.79 1.29
C CYS H 34 -60.82 -46.84 0.66
N ILE H 35 -61.76 -47.42 1.41
CA ILE H 35 -63.13 -47.59 0.95
C ILE H 35 -64.07 -46.51 1.48
N ASP H 36 -64.74 -45.83 0.56
CA ASP H 36 -65.69 -44.78 0.90
C ASP H 36 -66.55 -44.48 -0.33
N PRO H 37 -67.88 -44.41 -0.15
CA PRO H 37 -68.81 -44.13 -1.24
C PRO H 37 -68.59 -42.74 -1.83
N ASP H 38 -68.09 -41.83 -1.00
CA ASP H 38 -67.83 -40.45 -1.39
C ASP H 38 -66.34 -40.18 -1.50
N PHE H 39 -65.59 -41.14 -2.04
CA PHE H 39 -64.14 -41.01 -2.20
C PHE H 39 -63.78 -39.98 -3.26
N VAL H 40 -62.69 -39.25 -3.01
CA VAL H 40 -62.23 -38.22 -3.94
C VAL H 40 -60.83 -38.55 -4.44
N ARG H 41 -59.84 -38.36 -3.57
CA ARG H 41 -58.45 -38.62 -3.94
C ARG H 41 -57.56 -38.99 -2.77
N TRP H 42 -56.37 -39.48 -3.12
CA TRP H 42 -55.34 -39.86 -2.15
C TRP H 42 -54.34 -38.71 -2.11
N THR H 43 -53.79 -38.44 -0.93
CA THR H 43 -52.82 -37.35 -0.78
C THR H 43 -51.56 -37.88 -0.10
N PHE H 44 -50.40 -37.40 -0.56
CA PHE H 44 -49.11 -37.81 -0.01
C PHE H 44 -48.14 -36.65 0.08
N LYS H 45 -47.63 -36.39 1.28
CA LYS H 45 -46.67 -35.31 1.47
C LYS H 45 -45.26 -35.83 1.22
N THR H 46 -44.57 -35.19 0.27
CA THR H 46 -43.19 -35.56 -0.09
C THR H 46 -42.21 -34.89 0.88
N TYR H 47 -40.99 -35.44 0.97
CA TYR H 47 -39.95 -34.90 1.84
C TYR H 47 -39.83 -33.39 1.62
N PHE H 48 -39.96 -32.98 0.37
CA PHE H 48 -39.93 -31.57 -0.01
C PHE H 48 -41.42 -31.30 -0.07
N ASN H 49 -41.91 -30.42 0.79
CA ASN H 49 -43.35 -30.16 0.86
C ASN H 49 -44.09 -30.07 -0.46
N GLU H 50 -44.51 -31.23 -0.97
CA GLU H 50 -45.27 -31.33 -2.23
C GLU H 50 -46.42 -32.32 -2.02
N MET H 51 -47.50 -32.16 -2.77
CA MET H 51 -48.66 -33.05 -2.63
C MET H 51 -48.89 -33.98 -3.83
N VAL H 52 -48.57 -35.26 -3.67
CA VAL H 52 -48.78 -36.22 -4.74
C VAL H 52 -50.23 -36.69 -4.65
N GLU H 53 -50.91 -36.70 -5.79
CA GLU H 53 -52.32 -37.08 -5.81
C GLU H 53 -52.64 -38.32 -6.65
N ASN H 54 -53.63 -39.08 -6.19
CA ASN H 54 -54.08 -40.28 -6.88
C ASN H 54 -55.60 -40.32 -6.72
N LYS H 55 -56.32 -40.38 -7.84
CA LYS H 55 -57.78 -40.40 -7.81
C LYS H 55 -58.39 -41.81 -7.85
N LYS H 56 -57.61 -42.83 -7.51
CA LYS H 56 -58.09 -44.21 -7.52
C LYS H 56 -58.22 -44.75 -6.09
N ASN H 57 -59.16 -45.67 -5.89
CA ASN H 57 -59.38 -46.26 -4.57
C ASN H 57 -58.13 -46.93 -4.04
N GLU H 58 -57.46 -47.71 -4.89
CA GLU H 58 -56.24 -48.40 -4.48
C GLU H 58 -55.00 -47.82 -5.13
N TRP H 59 -54.02 -47.47 -4.31
CA TRP H 59 -52.77 -46.90 -4.78
C TRP H 59 -51.66 -47.94 -4.78
N ILE H 60 -51.36 -48.47 -5.97
CA ILE H 60 -50.31 -49.47 -6.12
C ILE H 60 -48.97 -48.80 -6.40
N GLN H 61 -47.95 -49.23 -5.66
CA GLN H 61 -46.61 -48.69 -5.81
C GLN H 61 -45.65 -49.85 -6.05
N GLU H 62 -45.36 -50.14 -7.32
CA GLU H 62 -44.45 -51.22 -7.64
C GLU H 62 -43.02 -50.76 -7.37
N LYS H 63 -42.20 -51.64 -6.82
CA LYS H 63 -40.81 -51.32 -6.50
C LYS H 63 -40.75 -50.00 -5.72
N ALA H 64 -41.36 -50.00 -4.53
CA ALA H 64 -41.42 -48.82 -3.67
C ALA H 64 -40.05 -48.25 -3.29
N GLU H 65 -39.91 -46.95 -3.50
CA GLU H 65 -38.67 -46.23 -3.20
C GLU H 65 -38.71 -45.58 -1.81
N ALA H 66 -37.54 -45.44 -1.20
CA ALA H 66 -37.43 -44.83 0.13
C ALA H 66 -38.11 -43.46 0.19
N THR H 67 -38.05 -42.73 -0.91
CA THR H 67 -38.62 -41.39 -0.98
C THR H 67 -40.13 -41.35 -0.79
N ARG H 68 -40.75 -42.53 -0.89
CA ARG H 68 -42.20 -42.64 -0.72
C ARG H 68 -42.60 -42.77 0.75
N THR H 69 -41.62 -42.67 1.64
CA THR H 69 -41.91 -42.75 3.06
C THR H 69 -42.67 -41.48 3.42
N GLY H 70 -43.62 -41.60 4.34
CA GLY H 70 -44.40 -40.44 4.72
C GLY H 70 -45.84 -40.79 5.04
N THR H 71 -46.66 -39.75 5.25
CA THR H 71 -48.07 -39.93 5.59
C THR H 71 -49.01 -39.82 4.39
N TYR H 72 -49.82 -40.85 4.21
CA TYR H 72 -50.80 -40.92 3.13
C TYR H 72 -52.21 -40.63 3.69
N THR H 73 -52.90 -39.68 3.07
CA THR H 73 -54.24 -39.32 3.52
C THR H 73 -55.33 -39.57 2.48
N CYS H 74 -56.40 -40.21 2.91
CA CYS H 74 -57.55 -40.53 2.07
C CYS H 74 -58.56 -39.40 2.30
N SER H 75 -58.98 -38.76 1.21
CA SER H 75 -59.91 -37.64 1.28
C SER H 75 -61.35 -38.01 0.96
N ASN H 76 -62.29 -37.38 1.68
CA ASN H 76 -63.72 -37.63 1.50
C ASN H 76 -64.43 -36.41 0.90
N SER H 77 -65.53 -36.65 0.21
CA SER H 77 -66.31 -35.58 -0.42
C SER H 77 -67.10 -34.80 0.63
N ASN H 78 -67.29 -35.42 1.79
CA ASN H 78 -68.03 -34.81 2.88
C ASN H 78 -67.12 -33.90 3.69
N GLY H 79 -65.81 -34.14 3.59
CA GLY H 79 -64.85 -33.31 4.32
C GLY H 79 -64.13 -34.05 5.44
N LEU H 80 -64.13 -35.37 5.38
CA LEU H 80 -63.48 -36.20 6.39
C LEU H 80 -62.18 -36.81 5.87
N THR H 81 -61.20 -36.97 6.76
CA THR H 81 -59.91 -37.54 6.37
C THR H 81 -59.44 -38.66 7.29
N SER H 82 -58.65 -39.57 6.73
CA SER H 82 -58.07 -40.70 7.46
C SER H 82 -56.66 -40.93 6.91
N SER H 83 -55.65 -40.92 7.78
CA SER H 83 -54.29 -41.12 7.32
C SER H 83 -53.57 -42.33 7.87
N ILE H 84 -52.52 -42.75 7.17
CA ILE H 84 -51.67 -43.86 7.57
C ILE H 84 -50.24 -43.51 7.20
N TYR H 85 -49.31 -43.66 8.16
CA TYR H 85 -47.91 -43.35 7.89
C TYR H 85 -47.21 -44.61 7.39
N VAL H 86 -46.47 -44.49 6.29
CA VAL H 86 -45.75 -45.63 5.74
C VAL H 86 -44.24 -45.43 5.76
N PHE H 87 -43.52 -46.40 6.30
CA PHE H 87 -42.06 -46.39 6.37
C PHE H 87 -41.53 -47.33 5.29
N VAL H 88 -40.89 -46.79 4.26
CA VAL H 88 -40.36 -47.66 3.21
C VAL H 88 -38.92 -48.00 3.54
N ARG H 89 -38.75 -49.07 4.31
CA ARG H 89 -37.45 -49.55 4.76
C ARG H 89 -36.38 -49.76 3.71
N ASP H 90 -35.40 -48.87 3.68
CA ASP H 90 -34.29 -49.00 2.74
C ASP H 90 -33.03 -49.17 3.58
N PRO H 91 -32.37 -50.33 3.46
CA PRO H 91 -31.14 -50.63 4.20
C PRO H 91 -30.00 -49.63 3.99
N ALA H 92 -30.04 -48.91 2.86
CA ALA H 92 -29.01 -47.94 2.53
C ALA H 92 -29.43 -46.50 2.89
N LYS H 93 -30.70 -46.18 2.67
CA LYS H 93 -31.20 -44.84 2.97
C LYS H 93 -32.13 -44.82 4.20
N LEU H 94 -31.54 -44.71 5.39
CA LEU H 94 -32.29 -44.68 6.64
C LEU H 94 -32.93 -43.30 6.80
N PHE H 95 -32.11 -42.25 6.78
CA PHE H 95 -32.61 -40.89 6.94
C PHE H 95 -32.94 -40.25 5.59
N LEU H 96 -33.99 -39.43 5.56
CA LEU H 96 -34.37 -38.73 4.34
C LEU H 96 -33.69 -37.37 4.36
N VAL H 97 -32.84 -37.14 3.38
CA VAL H 97 -32.07 -35.91 3.32
C VAL H 97 -32.38 -35.05 2.07
N GLY H 98 -31.98 -33.77 2.10
CA GLY H 98 -32.21 -32.91 0.97
C GLY H 98 -32.59 -31.45 1.19
N LEU H 99 -32.84 -31.05 2.43
CA LEU H 99 -33.24 -29.66 2.71
C LEU H 99 -32.25 -28.89 3.58
N PRO H 100 -32.31 -27.54 3.53
CA PRO H 100 -31.39 -26.71 4.31
C PRO H 100 -31.85 -26.62 5.76
N LEU H 101 -30.95 -26.21 6.65
CA LEU H 101 -31.28 -26.10 8.06
C LEU H 101 -31.38 -24.65 8.52
N PHE H 102 -32.59 -24.10 8.55
CA PHE H 102 -32.73 -22.73 9.00
C PHE H 102 -33.40 -22.67 10.37
N GLY H 103 -33.33 -21.52 11.01
CA GLY H 103 -33.94 -21.37 12.31
C GLY H 103 -33.83 -19.96 12.85
N LYS H 104 -34.91 -19.49 13.47
CA LYS H 104 -34.94 -18.15 14.04
C LYS H 104 -34.35 -18.17 15.45
N GLU H 105 -33.73 -17.05 15.85
CA GLU H 105 -33.13 -16.97 17.20
C GLU H 105 -34.23 -17.02 18.27
N ASP H 106 -33.98 -17.79 19.32
CA ASP H 106 -34.92 -17.93 20.43
C ASP H 106 -36.15 -18.74 20.02
N SER H 107 -36.06 -19.40 18.87
CA SER H 107 -37.14 -20.22 18.35
C SER H 107 -36.59 -21.62 18.05
N ASP H 108 -37.32 -22.43 17.30
CA ASP H 108 -36.84 -23.78 17.00
C ASP H 108 -36.29 -23.93 15.58
N ALA H 109 -35.65 -25.06 15.33
CA ALA H 109 -35.06 -25.35 14.02
C ALA H 109 -35.21 -26.86 13.78
N LEU H 110 -36.00 -27.23 12.78
CA LEU H 110 -36.21 -28.66 12.52
C LEU H 110 -35.16 -29.22 11.58
N VAL H 111 -34.38 -30.16 12.08
CA VAL H 111 -33.36 -30.83 11.29
C VAL H 111 -34.10 -31.93 10.53
N ARG H 112 -34.62 -31.56 9.36
CA ARG H 112 -35.38 -32.48 8.54
C ARG H 112 -34.68 -33.75 8.09
N CYS H 113 -34.60 -34.73 8.97
CA CYS H 113 -33.97 -36.01 8.65
C CYS H 113 -34.83 -37.21 9.04
N PRO H 114 -36.12 -37.22 8.66
CA PRO H 114 -37.02 -38.33 9.00
C PRO H 114 -36.45 -39.70 8.63
N LEU H 115 -36.78 -40.73 9.42
CA LEU H 115 -36.28 -42.06 9.11
C LEU H 115 -37.28 -42.91 8.35
N THR H 116 -36.75 -43.93 7.67
CA THR H 116 -37.54 -44.85 6.87
C THR H 116 -37.70 -46.17 7.62
N ASP H 117 -37.07 -46.26 8.78
CA ASP H 117 -37.14 -47.44 9.62
C ASP H 117 -37.35 -46.94 11.05
N PRO H 118 -38.55 -47.14 11.61
CA PRO H 118 -38.85 -46.70 12.98
C PRO H 118 -38.34 -47.67 14.04
N GLN H 119 -37.93 -48.85 13.59
CA GLN H 119 -37.43 -49.89 14.46
C GLN H 119 -35.95 -49.71 14.78
N VAL H 120 -35.59 -48.52 15.29
CA VAL H 120 -34.20 -48.22 15.65
C VAL H 120 -34.15 -47.43 16.96
N SER H 121 -33.04 -47.56 17.69
CA SER H 121 -32.87 -46.88 18.97
C SER H 121 -31.87 -45.73 18.94
N GLN H 122 -31.84 -44.95 20.02
CA GLN H 122 -30.92 -43.83 20.16
C GLN H 122 -30.97 -42.80 19.04
N TYR H 123 -32.16 -42.50 18.53
CA TYR H 123 -32.30 -41.52 17.45
C TYR H 123 -32.03 -40.12 18.01
N SER H 124 -30.84 -39.60 17.72
CA SER H 124 -30.41 -38.31 18.24
C SER H 124 -29.60 -37.50 17.25
N LEU H 125 -29.12 -36.34 17.72
CA LEU H 125 -28.28 -35.45 16.93
C LEU H 125 -26.84 -35.60 17.41
N ILE H 126 -25.89 -35.43 16.49
CA ILE H 126 -24.47 -35.53 16.83
C ILE H 126 -23.77 -34.49 15.94
N GLU H 127 -22.61 -34.02 16.38
CA GLU H 127 -21.81 -33.04 15.64
C GLU H 127 -21.36 -33.71 14.34
N CYS H 128 -21.46 -33.02 13.21
CA CYS H 128 -21.09 -33.69 11.98
C CYS H 128 -19.66 -34.20 11.83
N ASP H 129 -18.73 -33.75 12.68
CA ASP H 129 -17.36 -34.25 12.62
C ASP H 129 -16.95 -34.98 13.90
N GLY H 130 -17.93 -35.47 14.64
CA GLY H 130 -17.66 -36.20 15.86
C GLY H 130 -17.26 -35.42 17.10
N LYS H 131 -17.31 -34.09 17.02
CA LYS H 131 -16.94 -33.25 18.16
C LYS H 131 -18.09 -33.15 19.15
N SER H 132 -17.89 -32.33 20.18
CA SER H 132 -18.91 -32.14 21.21
C SER H 132 -19.91 -31.05 20.82
N LEU H 133 -21.17 -31.26 21.19
CA LEU H 133 -22.23 -30.30 20.92
C LEU H 133 -22.22 -29.25 22.02
N PRO H 134 -22.76 -28.05 21.73
CA PRO H 134 -22.78 -26.99 22.74
C PRO H 134 -23.46 -27.47 24.01
N THR H 135 -22.98 -26.97 25.15
CA THR H 135 -23.51 -27.36 26.43
C THR H 135 -25.02 -27.14 26.56
N ASP H 136 -25.48 -25.96 26.17
CA ASP H 136 -26.90 -25.65 26.26
C ASP H 136 -27.71 -25.98 25.02
N LEU H 137 -27.23 -26.90 24.20
CA LEU H 137 -27.97 -27.27 23.00
C LEU H 137 -28.97 -28.38 23.35
N THR H 138 -30.25 -28.11 23.12
CA THR H 138 -31.29 -29.08 23.43
C THR H 138 -32.07 -29.50 22.19
N PHE H 139 -32.21 -30.81 21.97
CA PHE H 139 -32.95 -31.29 20.81
C PHE H 139 -34.05 -32.30 21.16
N VAL H 140 -35.07 -32.35 20.31
CA VAL H 140 -36.22 -33.24 20.50
C VAL H 140 -36.49 -34.08 19.25
N PRO H 141 -36.19 -35.39 19.30
CA PRO H 141 -36.40 -36.32 18.19
C PRO H 141 -37.86 -36.56 17.80
N ASN H 142 -38.08 -36.86 16.51
CA ASN H 142 -39.41 -37.12 15.98
C ASN H 142 -39.31 -37.93 14.70
N PRO H 143 -39.48 -39.25 14.79
CA PRO H 143 -39.40 -40.14 13.62
C PRO H 143 -40.20 -39.73 12.36
N LYS H 144 -41.24 -38.92 12.53
CA LYS H 144 -42.06 -38.51 11.38
C LYS H 144 -41.70 -37.17 10.74
N ALA H 145 -40.79 -36.43 11.36
CA ALA H 145 -40.38 -35.13 10.82
C ALA H 145 -38.86 -34.88 10.86
N GLY H 146 -38.25 -35.25 11.98
CA GLY H 146 -36.82 -35.06 12.16
C GLY H 146 -36.50 -34.71 13.59
N ILE H 147 -35.36 -34.07 13.81
CA ILE H 147 -34.94 -33.68 15.16
C ILE H 147 -35.01 -32.15 15.25
N THR H 148 -35.73 -31.64 16.25
CA THR H 148 -35.90 -30.21 16.43
C THR H 148 -34.93 -29.61 17.42
N ILE H 149 -34.24 -28.55 17.03
CA ILE H 149 -33.30 -27.89 17.92
C ILE H 149 -34.11 -26.89 18.72
N LYS H 150 -34.00 -26.97 20.04
CA LYS H 150 -34.74 -26.07 20.90
C LYS H 150 -33.93 -24.81 21.21
N ASN H 151 -34.64 -23.70 21.35
CA ASN H 151 -34.06 -22.39 21.67
C ASN H 151 -32.74 -22.06 20.99
N VAL H 152 -32.83 -21.72 19.72
CA VAL H 152 -31.67 -21.37 18.90
C VAL H 152 -30.99 -20.06 19.29
N LYS H 153 -29.66 -20.11 19.44
CA LYS H 153 -28.86 -18.95 19.81
C LYS H 153 -27.91 -18.55 18.68
N ARG H 154 -27.38 -17.34 18.75
CA ARG H 154 -26.46 -16.87 17.72
C ARG H 154 -25.18 -17.70 17.67
N ALA H 155 -24.81 -18.30 18.80
CA ALA H 155 -23.59 -19.10 18.87
C ALA H 155 -23.70 -20.40 18.10
N TYR H 156 -24.89 -20.71 17.59
CA TYR H 156 -25.10 -21.93 16.84
C TYR H 156 -25.00 -21.67 15.36
N HIS H 157 -25.02 -20.41 15.00
CA HIS H 157 -24.80 -20.07 13.60
C HIS H 157 -23.54 -20.83 13.15
N ARG H 158 -23.71 -21.51 12.01
CA ARG H 158 -22.80 -22.39 11.28
C ARG H 158 -22.41 -23.76 11.90
N LEU H 159 -23.28 -24.29 12.75
CA LEU H 159 -23.08 -25.58 13.37
C LEU H 159 -23.56 -26.67 12.41
N CYS H 160 -22.72 -27.68 12.14
CA CYS H 160 -23.15 -28.75 11.26
C CYS H 160 -23.45 -29.95 12.12
N VAL H 161 -24.60 -30.57 11.88
CA VAL H 161 -25.03 -31.72 12.63
C VAL H 161 -25.39 -32.88 11.71
N ARG H 162 -25.45 -34.06 12.31
CA ARG H 162 -25.80 -35.28 11.60
C ARG H 162 -26.80 -36.00 12.49
N CYS H 163 -27.78 -36.64 11.88
CA CYS H 163 -28.75 -37.38 12.67
C CYS H 163 -28.16 -38.76 12.78
N ALA H 164 -28.24 -39.35 13.98
CA ALA H 164 -27.69 -40.67 14.21
C ALA H 164 -28.77 -41.54 14.82
N ALA H 165 -28.64 -42.84 14.62
CA ALA H 165 -29.58 -43.81 15.15
C ALA H 165 -28.90 -45.16 15.12
N GLN H 166 -29.12 -45.96 16.16
CA GLN H 166 -28.51 -47.28 16.22
C GLN H 166 -29.43 -48.33 15.62
N ARG H 167 -28.95 -49.02 14.60
CA ARG H 167 -29.74 -50.04 13.92
C ARG H 167 -29.13 -51.43 14.10
N ASP H 168 -29.69 -52.19 15.04
CA ASP H 168 -29.21 -53.54 15.34
C ASP H 168 -27.80 -53.53 15.87
N GLY H 169 -27.51 -52.58 16.75
CA GLY H 169 -26.18 -52.49 17.34
C GLY H 169 -25.25 -51.52 16.65
N THR H 170 -25.31 -51.49 15.32
CA THR H 170 -24.44 -50.61 14.53
C THR H 170 -25.02 -49.20 14.43
N TRP H 171 -24.12 -48.21 14.38
CA TRP H 171 -24.52 -46.81 14.26
C TRP H 171 -24.55 -46.35 12.81
N LEU H 172 -25.56 -45.54 12.48
CA LEU H 172 -25.70 -45.01 11.13
C LEU H 172 -25.92 -43.50 11.20
N HIS H 173 -25.24 -42.76 10.32
CA HIS H 173 -25.33 -41.30 10.31
C HIS H 173 -25.97 -40.77 9.03
N SER H 174 -26.53 -39.57 9.11
CA SER H 174 -27.14 -38.95 7.94
C SER H 174 -26.12 -37.97 7.37
N ASP H 175 -26.49 -37.27 6.29
CA ASP H 175 -25.59 -36.30 5.69
C ASP H 175 -25.42 -35.09 6.58
N LYS H 176 -24.52 -34.18 6.21
CA LYS H 176 -24.27 -32.97 6.99
C LYS H 176 -25.37 -31.94 6.88
N PHE H 177 -25.79 -31.43 8.03
CA PHE H 177 -26.83 -30.41 8.10
C PHE H 177 -26.16 -29.20 8.73
N THR H 178 -25.94 -28.14 7.97
CA THR H 178 -25.31 -26.96 8.52
C THR H 178 -26.36 -25.92 8.83
N LEU H 179 -26.55 -25.67 10.12
CA LEU H 179 -27.54 -24.70 10.59
C LEU H 179 -27.23 -23.25 10.26
N LYS H 180 -28.24 -22.55 9.76
CA LYS H 180 -28.11 -21.13 9.42
C LYS H 180 -29.16 -20.45 10.29
N VAL H 181 -28.74 -19.51 11.14
CA VAL H 181 -29.69 -18.85 12.02
C VAL H 181 -30.07 -17.41 11.68
N ARG H 182 -31.36 -17.11 11.83
CA ARG H 182 -31.89 -15.79 11.58
C ARG H 182 -31.65 -14.97 12.84
N GLU H 183 -31.02 -13.81 12.65
CA GLU H 183 -30.71 -12.91 13.74
C GLU H 183 -31.92 -12.15 14.26
N ALA H 184 -32.34 -12.48 15.47
CA ALA H 184 -33.47 -11.80 16.09
C ALA H 184 -32.86 -10.48 16.56
N ILE H 185 -33.31 -9.36 15.99
CA ILE H 185 -32.79 -8.04 16.34
C ILE H 185 -33.35 -7.53 17.66
N LYS H 186 -32.44 -7.25 18.59
CA LYS H 186 -32.80 -6.75 19.90
C LYS H 186 -31.82 -5.65 20.33
N ALA H 187 -31.44 -4.80 19.39
CA ALA H 187 -30.50 -3.73 19.68
C ALA H 187 -30.61 -2.54 18.73
N ILE H 188 -30.13 -1.38 19.19
CA ILE H 188 -30.16 -0.14 18.41
C ILE H 188 -28.99 -0.11 17.41
N PRO H 189 -29.24 0.38 16.19
CA PRO H 189 -28.21 0.48 15.14
C PRO H 189 -27.04 1.36 15.57
N VAL H 190 -25.92 1.26 14.87
CA VAL H 190 -24.75 2.08 15.20
C VAL H 190 -24.39 2.97 14.02
N VAL H 191 -24.43 4.28 14.24
CA VAL H 191 -24.11 5.23 13.18
C VAL H 191 -22.84 6.01 13.52
N SER H 192 -22.09 6.37 12.49
CA SER H 192 -20.84 7.12 12.69
C SER H 192 -20.47 7.93 11.47
N VAL H 193 -19.99 9.15 11.70
CA VAL H 193 -19.57 10.02 10.61
C VAL H 193 -18.20 10.60 10.96
N PRO H 194 -17.28 10.59 9.98
CA PRO H 194 -15.90 11.08 10.12
C PRO H 194 -15.76 12.47 10.74
N GLU H 195 -16.24 13.49 10.05
CA GLU H 195 -16.15 14.86 10.54
C GLU H 195 -17.41 15.36 11.25
N THR H 196 -17.21 16.29 12.18
CA THR H 196 -18.32 16.85 12.94
C THR H 196 -18.82 18.13 12.26
N SER H 197 -17.90 18.85 11.62
CA SER H 197 -18.25 20.08 10.94
C SER H 197 -17.18 20.49 9.93
N HIS H 198 -17.62 20.91 8.74
CA HIS H 198 -16.71 21.34 7.68
C HIS H 198 -17.43 22.29 6.72
N LEU H 199 -16.68 23.19 6.09
CA LEU H 199 -17.26 24.14 5.16
C LEU H 199 -16.33 24.53 4.01
N LEU H 200 -16.93 24.87 2.87
CA LEU H 200 -16.19 25.28 1.67
C LEU H 200 -16.97 26.36 0.93
N LYS H 201 -16.37 26.91 -0.13
CA LYS H 201 -17.02 27.95 -0.93
C LYS H 201 -17.91 27.36 -2.02
N LYS H 202 -18.78 28.18 -2.61
CA LYS H 202 -19.70 27.72 -3.65
C LYS H 202 -18.98 27.18 -4.88
N GLY H 203 -19.58 26.17 -5.51
CA GLY H 203 -18.99 25.56 -6.69
C GLY H 203 -18.29 24.26 -6.36
N ASP H 204 -17.58 24.26 -5.24
CA ASP H 204 -16.85 23.07 -4.79
C ASP H 204 -17.81 21.99 -4.30
N THR H 205 -17.62 20.77 -4.78
CA THR H 205 -18.48 19.65 -4.38
C THR H 205 -17.97 19.01 -3.10
N PHE H 206 -18.90 18.53 -2.27
CA PHE H 206 -18.51 17.89 -1.02
C PHE H 206 -19.16 16.52 -0.89
N THR H 207 -18.51 15.63 -0.15
CA THR H 207 -19.04 14.29 0.04
C THR H 207 -18.89 13.85 1.49
N VAL H 208 -19.96 13.28 2.01
CA VAL H 208 -19.99 12.79 3.38
C VAL H 208 -20.44 11.33 3.37
N VAL H 209 -19.66 10.46 3.99
CA VAL H 209 -20.00 9.05 4.02
C VAL H 209 -20.44 8.63 5.43
N CYS H 210 -21.66 8.13 5.53
CA CYS H 210 -22.19 7.68 6.82
C CYS H 210 -22.07 6.17 6.93
N THR H 211 -21.60 5.70 8.09
CA THR H 211 -21.41 4.27 8.31
C THR H 211 -22.40 3.65 9.29
N ILE H 212 -23.28 2.81 8.77
CA ILE H 212 -24.31 2.14 9.56
C ILE H 212 -23.92 0.69 9.87
N LYS H 213 -23.95 0.32 11.15
CA LYS H 213 -23.60 -1.03 11.56
C LYS H 213 -24.77 -1.68 12.31
N ASP H 214 -24.99 -2.96 12.03
CA ASP H 214 -26.06 -3.71 12.68
C ASP H 214 -25.94 -5.20 12.34
N VAL H 215 -26.80 -6.01 12.94
CA VAL H 215 -26.77 -7.45 12.74
C VAL H 215 -27.51 -8.00 11.52
N SER H 216 -28.37 -7.19 10.90
CA SER H 216 -29.09 -7.69 9.72
C SER H 216 -29.11 -6.68 8.58
N THR H 217 -29.60 -7.10 7.42
CA THR H 217 -29.66 -6.21 6.25
C THR H 217 -30.95 -5.43 6.25
N SER H 218 -31.83 -5.74 7.21
CA SER H 218 -33.12 -5.09 7.31
C SER H 218 -33.11 -3.63 7.74
N VAL H 219 -31.98 -3.12 8.21
CA VAL H 219 -31.90 -1.73 8.64
C VAL H 219 -32.29 -0.72 7.56
N ASN H 220 -32.98 0.32 7.99
CA ASN H 220 -33.41 1.38 7.09
C ASN H 220 -32.58 2.61 7.43
N SER H 221 -31.72 3.01 6.50
CA SER H 221 -30.88 4.18 6.72
C SER H 221 -31.25 5.26 5.72
N MET H 222 -30.98 6.51 6.06
CA MET H 222 -31.28 7.63 5.18
C MET H 222 -30.54 8.91 5.57
N TRP H 223 -30.41 9.82 4.61
CA TRP H 223 -29.73 11.09 4.82
C TRP H 223 -30.76 12.21 4.89
N LEU H 224 -30.59 13.15 5.83
CA LEU H 224 -31.53 14.25 5.97
C LEU H 224 -30.91 15.64 5.85
N LYS H 225 -31.73 16.60 5.45
CA LYS H 225 -31.33 17.99 5.31
C LYS H 225 -32.28 18.81 6.18
N MET H 226 -31.92 18.99 7.44
CA MET H 226 -32.78 19.74 8.35
C MET H 226 -32.40 21.21 8.56
N ASN H 227 -33.16 22.07 7.91
CA ASN H 227 -32.99 23.51 8.00
C ASN H 227 -34.35 24.07 8.44
N PRO H 228 -35.38 23.93 7.59
CA PRO H 228 -36.68 24.45 8.02
C PRO H 228 -37.34 23.29 8.78
N GLN H 229 -37.07 22.09 8.28
CA GLN H 229 -37.59 20.84 8.85
C GLN H 229 -36.77 19.70 8.25
N PRO H 230 -36.67 18.57 8.97
CA PRO H 230 -35.92 17.42 8.45
C PRO H 230 -36.42 16.92 7.10
N GLN H 231 -35.75 17.36 6.02
CA GLN H 231 -36.10 16.95 4.66
C GLN H 231 -35.22 15.77 4.23
N HIS H 232 -35.77 14.91 3.38
CA HIS H 232 -35.01 13.75 2.90
C HIS H 232 -34.53 13.94 1.45
N ILE H 233 -33.30 13.54 1.19
CA ILE H 233 -32.70 13.67 -0.14
C ILE H 233 -32.50 12.28 -0.74
N ALA H 234 -32.89 12.13 -2.01
CA ALA H 234 -32.79 10.86 -2.72
C ALA H 234 -31.45 10.60 -3.40
N GLN H 235 -30.65 11.65 -3.60
CA GLN H 235 -29.35 11.52 -4.26
C GLN H 235 -28.27 10.99 -3.31
N VAL H 236 -28.36 9.70 -2.99
CA VAL H 236 -27.40 9.05 -2.09
C VAL H 236 -26.95 7.70 -2.64
N LYS H 237 -25.64 7.46 -2.64
CA LYS H 237 -25.07 6.21 -3.14
C LYS H 237 -25.11 5.14 -2.04
N HIS H 238 -25.56 3.94 -2.40
CA HIS H 238 -25.64 2.85 -1.45
C HIS H 238 -24.50 1.85 -1.63
N ASN H 239 -23.94 1.41 -0.51
CA ASN H 239 -22.84 0.45 -0.51
C ASN H 239 -22.98 -0.42 0.72
N SER H 240 -23.06 -1.73 0.52
CA SER H 240 -23.23 -2.65 1.65
C SER H 240 -22.26 -3.83 1.66
N TRP H 241 -21.89 -4.27 2.86
CA TRP H 241 -20.95 -5.37 3.02
C TRP H 241 -21.28 -6.23 4.24
N HIS H 242 -20.96 -7.51 4.16
CA HIS H 242 -21.19 -8.42 5.28
C HIS H 242 -19.79 -8.58 5.88
N ARG H 243 -19.55 -7.91 7.00
CA ARG H 243 -18.24 -7.96 7.64
C ARG H 243 -18.00 -9.24 8.43
N GLY H 244 -19.05 -9.75 9.07
CA GLY H 244 -18.91 -10.97 9.86
C GLY H 244 -20.23 -11.68 9.97
N ASP H 245 -20.33 -12.67 10.85
CA ASP H 245 -21.57 -13.40 11.00
C ASP H 245 -22.76 -12.50 11.33
N PHE H 246 -22.61 -11.62 12.31
CA PHE H 246 -23.73 -10.74 12.64
C PHE H 246 -23.26 -9.30 12.58
N ASN H 247 -22.46 -9.02 11.56
CA ASN H 247 -21.89 -7.70 11.37
C ASN H 247 -22.14 -7.19 9.95
N TYR H 248 -23.25 -6.48 9.77
CA TYR H 248 -23.62 -5.90 8.49
C TYR H 248 -23.14 -4.45 8.51
N GLU H 249 -22.75 -3.94 7.34
CA GLU H 249 -22.30 -2.56 7.26
C GLU H 249 -22.79 -1.93 5.98
N ARG H 250 -23.32 -0.71 6.09
CA ARG H 250 -23.82 0.01 4.92
C ARG H 250 -23.27 1.42 4.95
N GLN H 251 -22.66 1.84 3.84
CA GLN H 251 -22.11 3.18 3.76
C GLN H 251 -22.93 4.09 2.87
N GLU H 252 -23.60 5.03 3.52
CA GLU H 252 -24.46 6.00 2.84
C GLU H 252 -23.63 7.22 2.48
N THR H 253 -23.44 7.44 1.19
CA THR H 253 -22.65 8.55 0.69
C THR H 253 -23.47 9.69 0.10
N LEU H 254 -23.42 10.84 0.77
CA LEU H 254 -24.14 12.03 0.34
C LEU H 254 -23.24 12.89 -0.54
N THR H 255 -23.69 13.15 -1.76
CA THR H 255 -22.91 13.96 -2.69
C THR H 255 -23.75 15.06 -3.32
N ILE H 256 -23.24 16.28 -3.24
CA ILE H 256 -23.90 17.45 -3.80
C ILE H 256 -22.94 18.20 -4.71
N SER H 257 -23.29 18.27 -5.99
CA SER H 257 -22.46 18.96 -6.97
C SER H 257 -22.75 20.45 -7.01
N SER H 258 -21.68 21.25 -7.04
CA SER H 258 -21.80 22.70 -7.07
C SER H 258 -22.61 23.24 -5.90
N ALA H 259 -21.95 23.41 -4.76
CA ALA H 259 -22.59 23.91 -3.55
C ALA H 259 -23.09 25.34 -3.68
N ARG H 260 -24.14 25.67 -2.93
CA ARG H 260 -24.73 27.00 -2.97
C ARG H 260 -25.08 27.50 -1.57
N VAL H 261 -25.75 28.65 -1.51
CA VAL H 261 -26.16 29.24 -0.25
C VAL H 261 -27.34 28.43 0.27
N ASP H 262 -28.12 27.89 -0.66
CA ASP H 262 -29.30 27.10 -0.34
C ASP H 262 -28.90 25.80 0.34
N ASP H 263 -27.82 25.20 -0.16
CA ASP H 263 -27.31 23.94 0.39
C ASP H 263 -26.35 24.21 1.54
N SER H 264 -26.91 24.46 2.72
CA SER H 264 -26.11 24.74 3.91
C SER H 264 -26.92 24.50 5.18
N GLY H 265 -26.25 23.98 6.21
CA GLY H 265 -26.93 23.71 7.47
C GLY H 265 -26.47 22.43 8.14
N VAL H 266 -27.37 21.81 8.89
CA VAL H 266 -27.07 20.57 9.60
C VAL H 266 -27.66 19.36 8.88
N PHE H 267 -26.85 18.33 8.69
CA PHE H 267 -27.29 17.12 8.03
C PHE H 267 -27.28 15.95 9.00
N MET H 268 -28.39 15.22 9.05
CA MET H 268 -28.49 14.06 9.95
C MET H 268 -28.56 12.74 9.19
N CYS H 269 -27.89 11.74 9.74
CA CYS H 269 -27.90 10.41 9.16
C CYS H 269 -28.76 9.58 10.12
N TYR H 270 -29.97 9.25 9.68
CA TYR H 270 -30.89 8.47 10.51
C TYR H 270 -30.95 7.02 10.04
N ALA H 271 -31.04 6.10 11.00
CA ALA H 271 -31.12 4.68 10.71
C ALA H 271 -31.93 4.04 11.82
N ASN H 272 -32.94 3.27 11.47
CA ASN H 272 -33.76 2.64 12.49
C ASN H 272 -34.03 1.15 12.31
N ASN H 273 -34.00 0.43 13.43
CA ASN H 273 -34.25 -1.01 13.48
C ASN H 273 -35.72 -1.22 13.79
N THR H 274 -36.06 -2.45 14.16
CA THR H 274 -37.44 -2.77 14.55
C THR H 274 -37.40 -2.65 16.06
N PHE H 275 -36.23 -2.34 16.58
CA PHE H 275 -36.01 -2.20 18.02
C PHE H 275 -35.91 -0.72 18.36
N GLY H 276 -34.84 -0.06 17.90
CA GLY H 276 -34.66 1.35 18.20
C GLY H 276 -34.19 2.15 17.00
N SER H 277 -33.46 3.23 17.27
CA SER H 277 -32.92 4.08 16.22
C SER H 277 -31.71 4.85 16.72
N ALA H 278 -30.94 5.42 15.79
CA ALA H 278 -29.75 6.18 16.14
C ALA H 278 -29.57 7.28 15.11
N ASN H 279 -28.70 8.24 15.41
CA ASN H 279 -28.46 9.34 14.48
C ASN H 279 -27.24 10.17 14.85
N VAL H 280 -26.54 10.64 13.83
CA VAL H 280 -25.35 11.46 14.01
C VAL H 280 -25.48 12.64 13.07
N THR H 281 -25.19 13.83 13.57
CA THR H 281 -25.30 15.06 12.78
C THR H 281 -23.98 15.73 12.44
N THR H 282 -23.92 16.28 11.23
CA THR H 282 -22.73 16.97 10.76
C THR H 282 -23.14 18.37 10.30
N THR H 283 -22.23 19.34 10.43
CA THR H 283 -22.52 20.71 10.06
C THR H 283 -21.80 21.21 8.83
N LEU H 284 -22.53 21.92 7.98
CA LEU H 284 -22.01 22.50 6.75
C LEU H 284 -22.54 23.92 6.56
N LYS H 285 -21.70 24.80 6.06
CA LYS H 285 -22.10 26.17 5.83
C LYS H 285 -21.44 26.78 4.60
N VAL H 286 -22.19 26.83 3.51
CA VAL H 286 -21.70 27.38 2.25
C VAL H 286 -22.75 28.34 1.68
C1 NAG I . -0.33 10.84 -34.60
C2 NAG I . 0.22 11.28 -35.95
C3 NAG I . -0.65 12.41 -36.49
C4 NAG I . -2.15 12.07 -36.49
C5 NAG I . -2.60 11.34 -35.20
C6 NAG I . -3.94 10.63 -35.43
C7 NAG I . 1.90 12.62 -34.88
C8 NAG I . 2.65 12.12 -33.65
N2 NAG I . 1.59 11.73 -35.80
O3 NAG I . -0.24 12.69 -37.83
O4 NAG I . -2.89 13.32 -36.59
O5 NAG I . -1.65 10.33 -34.79
O6 NAG I . -3.71 9.23 -35.73
O7 NAG I . 1.59 13.80 -34.96
C1 NAG I . -3.81 13.53 -37.61
C2 NAG I . -3.26 13.17 -38.99
C3 NAG I . -4.33 13.47 -40.04
C4 NAG I . -5.67 12.82 -39.69
C5 NAG I . -6.07 13.12 -38.22
C6 NAG I . -7.29 12.35 -37.78
C7 NAG I . -2.13 15.12 -39.86
C8 NAG I . -1.46 15.26 -41.22
N2 NAG I . -2.05 13.94 -39.25
O3 NAG I . -3.90 13.01 -41.31
O4 NAG I . -6.68 13.32 -40.55
O5 NAG I . -4.99 12.75 -37.33
O6 NAG I . -7.65 12.69 -36.45
O7 NAG I . -2.72 16.09 -39.37
C1 FUL I . -4.29 8.81 -36.93
C2 FUL I . -4.26 7.28 -36.99
O2 FUL I . -5.04 6.75 -35.92
C3 FUL I . -4.81 6.76 -38.32
O3 FUL I . -4.62 5.35 -38.39
C4 FUL I . -4.09 7.44 -39.49
O4 FUL I . -2.73 7.02 -39.51
C5 FUL I . -4.17 8.96 -39.34
C6 FUL I . -3.38 9.68 -40.42
O5 FUL I . -3.63 9.36 -38.07
C1 NAG J . -2.71 -2.10 -33.63
C2 NAG J . -2.27 -1.17 -34.74
C3 NAG J . -2.04 -1.99 -36.01
C4 NAG J . -1.37 -3.39 -35.81
C5 NAG J . -1.58 -4.02 -34.40
C6 NAG J . -0.44 -4.95 -34.03
C7 NAG J . -3.18 0.72 -35.95
C8 NAG J . -3.72 0.33 -37.32
N2 NAG J . -3.30 -0.17 -34.97
O3 NAG J . -1.22 -1.24 -36.91
O4 NAG J . -1.97 -4.28 -36.78
O5 NAG J . -1.67 -3.02 -33.36
O6 NAG J . 0.61 -4.24 -33.40
O7 NAG J . -2.67 1.82 -35.78
C1 NAG J . -1.20 -4.98 -37.71
C2 NAG J . -0.27 -4.09 -38.52
C3 NAG J . 0.40 -4.95 -39.60
C4 NAG J . 1.04 -6.24 -39.00
C5 NAG J . 0.11 -6.94 -37.98
C6 NAG J . 0.80 -8.01 -37.16
C7 NAG J . -1.72 -3.20 -40.24
C8 NAG J . -1.14 -2.66 -41.53
N2 NAG J . -1.02 -3.00 -39.12
O3 NAG J . 1.40 -4.19 -40.26
O4 NAG J . 1.33 -7.17 -40.09
O5 NAG J . -0.44 -5.99 -37.04
O6 NAG J . 0.03 -8.36 -36.02
O7 NAG J . -2.79 -3.79 -40.25
C1 MAN J . 2.56 -7.08 -40.72
C2 MAN J . 2.45 -6.31 -42.04
C3 MAN J . 2.57 -7.23 -43.26
C4 MAN J . 1.79 -8.54 -43.06
C5 MAN J . 2.17 -9.23 -41.75
C6 MAN J . 2.88 -10.55 -41.98
O2 MAN J . 3.46 -5.31 -42.11
O3 MAN J . 3.94 -7.52 -43.52
O4 MAN J . 0.40 -8.28 -43.09
O5 MAN J . 3.06 -8.41 -40.95
O6 MAN J . 2.62 -11.47 -40.93
C1 NAG K . -0.77 -2.27 38.87
C2 NAG K . -0.52 -1.29 40.01
C3 NAG K . 0.94 -1.37 40.39
C4 NAG K . 1.34 -2.81 40.77
C5 NAG K . 0.77 -3.89 39.80
C6 NAG K . 0.68 -5.21 40.56
C7 NAG K . -1.65 0.80 40.42
C8 NAG K . -0.98 1.91 41.20
N2 NAG K . -0.88 0.06 39.62
O3 NAG K . 1.20 -0.51 41.49
O4 NAG K . 2.79 -2.90 40.79
O5 NAG K . -0.59 -3.60 39.37
O6 NAG K . 0.96 -6.34 39.70
O7 NAG K . -2.86 0.61 40.54
C1 NAG K . 3.45 -3.64 41.75
C2 NAG K . 2.72 -3.64 43.11
C3 NAG K . 3.42 -4.57 44.12
C4 NAG K . 3.72 -5.94 43.50
C5 NAG K . 4.44 -5.78 42.16
C6 NAG K . 4.72 -7.09 41.46
C7 NAG K . 3.77 -1.68 44.03
C8 NAG K . 4.01 -1.56 45.53
N2 NAG K . 2.65 -2.29 43.64
O3 NAG K . 2.61 -4.73 45.27
O4 NAG K . 4.52 -6.71 44.39
O5 NAG K . 3.63 -4.98 41.27
O6 NAG K . 5.87 -7.72 42.02
O7 NAG K . 4.59 -1.21 43.24
C1 FUL K . 0.41 -7.53 40.19
C2 FUL K . -1.03 -7.70 39.68
O2 FUL K . -1.02 -7.81 38.27
C3 FUL K . -1.69 -8.95 40.28
O3 FUL K . -3.06 -8.99 39.91
C4 FUL K . -1.57 -8.93 41.79
O4 FUL K . -2.30 -7.83 42.31
C5 FUL K . -0.10 -8.81 42.18
C6 FUL K . 0.11 -8.73 43.69
O5 FUL K . 0.46 -7.61 41.62
C1 NAG L . -10.26 -10.62 34.04
C2 NAG L . -9.98 -10.61 35.53
C3 NAG L . -11.24 -10.78 36.39
C4 NAG L . -12.63 -10.68 35.70
C5 NAG L . -12.60 -10.36 34.17
C6 NAG L . -13.70 -9.42 33.75
C7 NAG L . -9.47 -12.88 36.14
C8 NAG L . -9.85 -13.80 34.98
N2 NAG L . -9.03 -11.67 35.84
O3 NAG L . -11.20 -9.84 37.46
O4 NAG L . -13.37 -11.91 35.89
O5 NAG L . -11.36 -9.76 33.77
O6 NAG L . -13.95 -8.42 34.74
O7 NAG L . -9.57 -13.29 37.30
C1 NAG L . -14.29 -12.05 36.94
C2 NAG L . -13.59 -12.01 38.31
C3 NAG L . -14.62 -12.05 39.46
C4 NAG L . -15.85 -11.16 39.23
C5 NAG L . -16.36 -11.26 37.78
C6 NAG L . -17.46 -10.25 37.46
C7 NAG L . -13.15 -14.37 38.04
C8 NAG L . -13.76 -15.26 39.12
N2 NAG L . -12.72 -13.16 38.42
O3 NAG L . -13.97 -11.64 40.65
O4 NAG L . -16.91 -11.61 40.13
O5 NAG L . -15.28 -11.02 36.86
O6 NAG L . -16.89 -8.99 37.10
O7 NAG L . -13.09 -14.77 36.88
C1 MAN L . -17.57 -10.63 40.88
C2 MAN L . -17.02 -10.58 42.32
C3 MAN L . -17.39 -11.84 43.12
C4 MAN L . -18.88 -12.12 43.02
C5 MAN L . -19.29 -12.19 41.55
C6 MAN L . -20.77 -12.43 41.36
O2 MAN L . -17.53 -9.44 42.99
O3 MAN L . -17.03 -11.66 44.48
O4 MAN L . -19.19 -13.35 43.65
O5 MAN L . -18.98 -10.93 40.89
O6 MAN L . -21.10 -12.64 39.98
C1 NAG M . 32.55 -12.44 -5.58
C2 NAG M . 33.24 -13.52 -6.39
C3 NAG M . 33.68 -14.61 -5.44
C4 NAG M . 34.59 -14.06 -4.33
C5 NAG M . 34.07 -12.72 -3.73
C6 NAG M . 35.25 -11.97 -3.11
C7 NAG M . 32.79 -14.25 -8.63
C8 NAG M . 33.04 -15.69 -9.04
N2 NAG M . 32.34 -14.04 -7.40
O3 NAG M . 34.38 -15.62 -6.17
O4 NAG M . 34.67 -15.04 -3.27
O5 NAG M . 33.53 -11.82 -4.74
O6 NAG M . 34.81 -11.15 -2.00
O7 NAG M . 33.04 -13.32 -9.41
C1 NAG M . 35.90 -15.43 -2.75
C2 NAG M . 37.00 -15.41 -3.82
C3 NAG M . 38.38 -15.71 -3.19
C4 NAG M . 38.62 -14.89 -1.91
C5 NAG M . 37.41 -14.98 -0.98
C6 NAG M . 37.56 -14.12 0.27
C7 NAG M . 36.40 -17.66 -4.45
C8 NAG M . 37.54 -18.65 -4.26
N2 NAG M . 36.72 -16.42 -4.82
O3 NAG M . 39.39 -15.41 -4.13
O4 NAG M . 39.78 -15.38 -1.25
O5 NAG M . 36.23 -14.54 -1.66
O6 NAG M . 38.44 -14.73 1.21
O7 NAG M . 35.24 -18.02 -4.27
C1 FUL M . 35.81 -10.28 -1.55
C2 FUL M . 36.01 -9.16 -2.59
O2 FUL M . 34.83 -8.37 -2.66
C3 FUL M . 37.20 -8.25 -2.23
O3 FUL M . 37.45 -7.37 -3.32
C4 FUL M . 38.44 -9.10 -1.96
O4 FUL M . 38.82 -9.77 -3.15
C5 FUL M . 38.12 -10.11 -0.87
C6 FUL M . 39.31 -11.01 -0.54
O5 FUL M . 37.04 -10.95 -1.30
C1 NAG N . 32.66 0.58 -3.77
C2 NAG N . 33.72 -0.31 -4.40
C3 NAG N . 34.48 0.37 -5.56
C4 NAG N . 34.20 1.88 -5.78
C5 NAG N . 32.79 2.38 -5.33
C6 NAG N . 32.00 2.99 -6.45
C7 NAG N . 35.68 -0.05 -3.00
C8 NAG N . 35.42 1.04 -1.97
N2 NAG N . 34.64 -0.80 -3.37
O3 NAG N . 34.24 -0.31 -6.77
O4 NAG N . 35.21 2.67 -5.11
O5 NAG N . 31.98 1.29 -4.80
O6 NAG N . 30.62 3.11 -6.12
O7 NAG N . 36.81 -0.24 -3.42
C1 NAG N . 36.00 3.56 -5.85
C2 NAG N . 36.86 2.86 -6.89
C3 NAG N . 37.76 3.88 -7.60
C4 NAG N . 36.98 5.13 -8.09
C5 NAG N . 35.95 5.62 -7.04
C6 NAG N . 34.97 6.63 -7.62
C7 NAG N . 38.61 2.13 -5.38
C8 NAG N . 40.06 1.99 -5.83
N2 NAG N . 37.66 1.82 -6.26
O3 NAG N . 38.41 3.26 -8.70
O4 NAG N . 37.91 6.20 -8.36
O5 NAG N . 35.17 4.52 -6.50
O6 NAG N . 34.02 7.05 -6.64
O7 NAG N . 38.37 2.53 -4.24
C1 MAN N . 38.36 6.39 -9.67
C2 MAN N . 39.88 6.60 -9.68
C3 MAN N . 40.27 8.00 -10.16
C4 MAN N . 39.43 9.09 -9.49
C5 MAN N . 37.92 8.75 -9.51
C6 MAN N . 37.11 9.84 -10.19
O2 MAN N . 40.50 5.63 -10.54
O3 MAN N . 40.14 8.09 -11.57
O4 MAN N . 39.86 9.28 -8.15
O5 MAN N . 37.67 7.53 -10.23
O6 MAN N . 35.81 9.37 -10.53
C1 NAG O . -38.11 3.41 10.41
C2 NAG O . -39.26 2.55 10.88
C3 NAG O . -40.06 2.14 9.66
C4 NAG O . -40.46 3.36 8.79
C5 NAG O . -39.34 4.40 8.63
C6 NAG O . -39.89 5.75 8.19
C7 NAG O . -39.54 0.70 12.40
C8 NAG O . -39.98 -0.68 11.95
N2 NAG O . -38.75 1.39 11.58
O3 NAG O . -41.23 1.46 10.08
O4 NAG O . -40.84 2.88 7.48
O5 NAG O . -38.64 4.62 9.87
O6 NAG O . -38.81 6.60 7.74
O7 NAG O . -39.91 1.13 13.50
C1 NAG O . -42.12 3.12 7.00
C2 NAG O . -43.12 2.15 7.63
C3 NAG O . -44.52 2.46 7.09
C4 NAG O . -44.87 3.94 7.29
C5 NAG O . -43.76 4.84 6.73
C6 NAG O . -43.98 6.31 7.04
C7 NAG O . -43.15 0.16 6.24
C8 NAG O . -44.25 -0.88 6.40
N2 NAG O . -42.74 0.78 7.35
O3 NAG O . -45.48 1.65 7.75
O4 NAG O . -46.09 4.24 6.65
O5 NAG O . -42.47 4.48 7.30
O6 NAG O . -43.25 7.14 6.15
O7 NAG O . -42.68 0.40 5.13
C1 FUL O . -39.05 7.95 7.99
C2 FUL O . -38.81 8.28 9.47
O2 FUL O . -37.49 7.96 9.83
C3 FUL O . -39.08 9.77 9.73
O3 FUL O . -38.95 10.04 11.12
C4 FUL O . -40.48 10.12 9.26
O4 FUL O . -41.43 9.41 10.03
C5 FUL O . -40.64 9.77 7.79
C6 FUL O . -42.04 10.02 7.27
O5 FUL O . -40.37 8.36 7.58
C1 NAG P . -30.55 12.30 17.48
C2 NAG P . -31.81 11.76 18.18
C3 NAG P . -32.55 12.89 18.93
C4 NAG P . -31.57 13.74 19.77
C5 NAG P . -30.37 14.21 18.90
C6 NAG P . -29.00 13.79 19.42
C7 NAG P . -33.64 11.70 16.57
C8 NAG P . -33.44 11.81 15.07
N2 NAG P . -32.70 11.06 17.26
O3 NAG P . -33.54 12.32 19.79
O4 NAG P . -32.24 14.92 20.27
O5 NAG P . -30.50 13.73 17.55
O6 NAG P . -28.03 13.84 18.38
O7 NAG P . -34.64 12.19 17.08
C1 NAG P . -32.89 14.94 21.52
C2 NAG P . -34.35 14.52 21.39
C3 NAG P . -35.04 14.63 22.75
C4 NAG P . -34.24 13.94 23.88
C5 NAG P . -32.73 14.27 23.79
C6 NAG P . -31.89 13.40 24.71
C7 NAG P . -35.12 16.69 20.68
C8 NAG P . -36.46 17.20 21.18
N2 NAG P . -35.01 15.39 20.43
O3 NAG P . -36.33 14.03 22.68
O4 NAG P . -34.74 14.40 25.16
O5 NAG P . -32.22 14.09 22.45
O6 NAG P . -30.53 13.79 24.70
O7 NAG P . -34.19 17.48 20.51
C1 MAN P . -35.50 13.53 25.94
C2 MAN P . -37.01 13.82 25.74
C3 MAN P . -37.76 13.95 27.08
C4 MAN P . -37.09 14.96 28.03
C5 MAN P . -35.58 14.98 27.85
C6 MAN P . -34.82 15.22 29.15
O2 MAN P . -37.59 12.78 24.98
O3 MAN P . -37.84 12.68 27.72
O4 MAN P . -37.62 16.26 27.79
O5 MAN P . -35.11 13.72 27.31
O6 MAN P . -34.18 16.48 29.14
#